data_6XIW
#
_entry.id   6XIW
#
_cell.length_a   1.00
_cell.length_b   1.00
_cell.length_c   1.00
_cell.angle_alpha   90.00
_cell.angle_beta   90.00
_cell.angle_gamma   90.00
#
_symmetry.space_group_name_H-M   'P 1'
#
loop_
_entity.id
_entity.type
_entity.pdbx_description
1 polymer 'Sodium leak channel non-selective protein'
2 polymer 'Transmembrane protein FAM155A'
3 non-polymer 2-acetamido-2-deoxy-beta-D-glucopyranose
4 non-polymer '(1S)-2-{[(2-AMINOETHOXY)(HYDROXY)PHOSPHORYL]OXY}-1-[(PALMITOYLOXY)METHYL]ETHYL STEARATE'
5 non-polymer '(1R)-2-{[{[(2S)-2,3-DIHYDROXYPROPYL]OXY}(HYDROXY)PHOSPHORYL]OXY}-1-[(PALMITOYLOXY)METHYL]ETHYL (11E)-OCTADEC-11-ENOATE'
6 non-polymer 'CHOLESTEROL HEMISUCCINATE'
7 water water
#
loop_
_entity_poly.entity_id
_entity_poly.type
_entity_poly.pdbx_seq_one_letter_code
_entity_poly.pdbx_strand_id
1 'polypeptide(L)'
;MLKRKQSSRVEAQPVTDFGPDESLSDNADILWINKPWVHSLLRICAIISVISVCMNTPMTFEHYPPLQYVTFTLDTLLMF
LYTAEMIAKMHIRGIVKGDSSYVKDRWCVFDGFMVFCLWVSLVLQVFEIADIVDQMSPWGMLRIPRPLIMIRAFRIYFRF
ELPRTRITNILKRSGEQIWSVSIFLLFFLLLYGILGVQMFGTFTYHCVVNDTKPGNVTWNSLAIPDTHCSPELEEGYQCP
PGFKCMDLEDLGLSRQELGYSGFNEIGTSIFTVYEAASQEGWVFLM(TYS)RAIDSFPRWRSYFYFITLIFFLAWLVKNV
FIAVIIETFAEIRVQFQQMWGSRSSTTSTATTQMFHEDAAGGWQLVAVDVNKPQGRAPACLQKMMRSSVFHMFILSMVTV
DVIVAASNYYKGENFRRQYDEFYLAEVAFTVLFDLEALLKIWCLGFTGYISSSLHKFELLLVIGTTLHVYPDLYHSQFTY
FQVLRVVRLIKISPALEDFVYKIFGPGKKLGSLVVFTASLLIVMSAISLQMFCFVEELDRFTTFPRAFMSMFQILTQEGW
VDVMDQTLNAVGHMWAPVVAIYFILYHLFATLILLSLFVAVILDNLELDEDLKKLKQLKQSEANADTKEKLPLRLRIFEK
FPNRPQMVKISKLPSDFTVPKIRESFMKQFIDRQQQDTCCLLRSLPTTSSSSCDHSKRSAIEDNKYIDQKLRKSVFSIRA
RNLLEKETAVTKILRACTRQRMLSGSFEGQPAKERSILSVQHHIRQERRSLRHGSNSQRISRGKSLETLTQDHSNTVRYR
NAQREDSEIKMIQEKKEQAEMKRKVQEEELRENHPYFDKPLFIVGREHRFRNFCRVVVRARFNASKTDPVTGAVKNTKYH
QLYDLLGLVTYLDWVMIIVTICSCISMMFESPFRRVMHAPTLQIAEYVFVIFMSIELNLKIMADGLFFTPTAVIRDFGGV
MDIFIYLVSLIFLCWMPQNVPAESGAQLLMVLRCLRPLRIFKLVPQMRKVVRELFSGFKEIFLVSILLLTLMLVFASFGV
QLFAGKLAKCNDPNIIRREDCNGIFRINVSVSKNLNLKLRPGEKKPGFWVPRVWANPRNFNFDNVGNAMLALFEVLSLKG
WVEVRDVIIHRVGPIHGIYIHVFVFLGCMIGLTLFVGVVIANFNENKGTALLTVDQRRWEDLKSRLKIAQPLHLPPRPDN
DGFRAKMYDITQHPFFKRTIALLVLAQSVLLSVKWDVEDPVTVPLATMSVVFTFIFVLEVTMKIIAMSPAGFWQSRRNRY
DLLVTSLGVVWVVLHFALLNAYTYMMGACVIVFRFFSICGKHVTLKMLLLTVVVSMYKSFFIIVGMFLLLLCYAFAGVVL
FGTVKYGENINRHANFSSAGKAITVLFRIVTGEDWNKIMHDCMVQPPFCTPDEFTYWATDCGNYAGALMYFCSFYVIIAY
IMLNLLVAIIVENFSLFYSTEEDQLLSYNDLRHFQIIWNMVDDKREGVIPTFRVKFLLRLLRGRLEVDLDKDKLLFKHMC
YEMERLHNGGDVTFHDVLSMLSYRSVDIRKSLQLEELLAREQLEYTIEEEVAKQTIRMWLKKCLKRIRAKQQQSCSIIHS
LRESQQQELSRFLNPPSIETTQPSEDTNANSQDNSMQPETSSQQQLLSPTLSDRGGSRQDAADAGKPQRKFGQWRLPSAP
KPISHSVSSVNLRFGGRTTMKSVVCKMNPMTDAASCGSEVKKWWTRQLTVESDESGDDLLDIGGGSGGWSHPQFEKGGGS
GGGSGGSAWSHPQFEKGSGDYKDDDDKGNSDYKDDDDK
;
A
2 'polypeptide(L)'
;MTRGAWMCRQYDDGLKIWLAAPRENEKPFIDSERAQKWRLSLASLLFFTVLLSDHLWFCAEAKLTRARDKEHQQQQRQQQ
QQQQQQRQRQQQQQQRRQQEPSWPALLASMGESSPAAQAHRLLSASSSPTLPPSPGDGGGGGGKGNRGKDDRGKALFLGN
SAKPVWRLETCYPQGASSGQCFTVENADAVCARNWSRGAAGGDGQEVRSKHPTPLWNLSDFYLSFCNSYTLWELFSGLSS
PNTLNCSLDVVLKEGGEMTTCRQCVEAYQDYDHHAQEKYEEFESVLHKYLQSEEYSVKSCPEDCKIVYKAWLCSQYFEVT
QFNCRKTIPCKQYCLEVQTRCPFILPDNDEVIYGGLSSFICTGLYETFLTNDEPECCDVRREEKSNNPSKGTVEKSGSCH
RTSLTVSSATRLCNSRLKLCVLVLILLHTVLTASAAQNTAGLSFGGINTLEENSTNEEGGSGGSDYKDDDDKGNSDYKDD
DDK
;
B
#
# COMPACT_ATOMS: atom_id res chain seq x y z
N ILE A 33 -19.98 36.95 -30.54
CA ILE A 33 -19.24 35.70 -30.39
C ILE A 33 -19.92 34.59 -31.17
N ASN A 34 -20.65 34.97 -32.22
CA ASN A 34 -21.30 33.98 -33.07
C ASN A 34 -20.29 33.10 -33.81
N LYS A 35 -19.02 33.49 -33.84
CA LYS A 35 -18.03 32.70 -34.54
C LYS A 35 -17.75 31.41 -33.76
N PRO A 36 -17.55 30.28 -34.45
CA PRO A 36 -17.24 29.03 -33.74
C PRO A 36 -15.78 28.96 -33.32
N TRP A 37 -14.89 29.59 -34.11
CA TRP A 37 -13.46 29.54 -33.79
C TRP A 37 -13.15 30.21 -32.47
N VAL A 38 -13.97 31.15 -32.03
CA VAL A 38 -13.67 31.91 -30.82
C VAL A 38 -13.65 30.99 -29.61
N HIS A 39 -14.53 29.98 -29.57
CA HIS A 39 -14.57 29.08 -28.43
C HIS A 39 -13.34 28.19 -28.39
N SER A 40 -12.93 27.66 -29.54
CA SER A 40 -11.69 26.87 -29.59
C SER A 40 -10.50 27.71 -29.15
N LEU A 41 -10.40 28.94 -29.67
CA LEU A 41 -9.30 29.80 -29.29
C LEU A 41 -9.36 30.15 -27.80
N LEU A 42 -10.56 30.29 -27.24
CA LEU A 42 -10.66 30.59 -25.81
C LEU A 42 -10.22 29.40 -24.96
N ARG A 43 -10.53 28.19 -25.39
CA ARG A 43 -10.01 27.01 -24.69
C ARG A 43 -8.49 26.97 -24.75
N ILE A 44 -7.94 27.20 -25.95
CA ILE A 44 -6.48 27.22 -26.10
C ILE A 44 -5.87 28.31 -25.21
N CYS A 45 -6.53 29.47 -25.11
CA CYS A 45 -6.00 30.56 -24.32
C CYS A 45 -6.16 30.30 -22.83
N ALA A 46 -7.17 29.52 -22.42
CA ALA A 46 -7.24 29.09 -21.03
C ALA A 46 -6.08 28.17 -20.68
N ILE A 47 -5.78 27.22 -21.58
CA ILE A 47 -4.60 26.38 -21.39
C ILE A 47 -3.34 27.25 -21.32
N ILE A 48 -3.24 28.24 -22.20
CA ILE A 48 -2.07 29.12 -22.18
C ILE A 48 -2.02 29.94 -20.91
N SER A 49 -3.18 30.30 -20.35
CA SER A 49 -3.21 31.08 -19.12
C SER A 49 -2.72 30.25 -17.94
N VAL A 50 -3.18 29.00 -17.84
CA VAL A 50 -2.65 28.14 -16.77
C VAL A 50 -1.16 27.92 -16.97
N ILE A 51 -0.73 27.77 -18.22
CA ILE A 51 0.71 27.61 -18.49
C ILE A 51 1.48 28.84 -18.03
N SER A 52 0.93 30.03 -18.26
CA SER A 52 1.62 31.26 -17.90
C SER A 52 1.70 31.42 -16.39
N VAL A 53 0.59 31.20 -15.68
CA VAL A 53 0.61 31.35 -14.23
C VAL A 53 1.53 30.31 -13.61
N CYS A 54 1.60 29.11 -14.19
CA CYS A 54 2.54 28.10 -13.69
C CYS A 54 3.98 28.57 -13.79
N MET A 55 4.26 29.49 -14.71
CA MET A 55 5.64 29.99 -15.00
C MET A 55 5.94 31.29 -14.27
N ASN A 56 4.94 31.97 -13.70
CA ASN A 56 5.14 33.25 -13.02
C ASN A 56 5.67 32.95 -11.61
N THR A 57 6.97 32.65 -11.54
CA THR A 57 7.61 32.25 -10.31
C THR A 57 8.86 33.08 -10.08
N PRO A 58 9.20 33.40 -8.82
CA PRO A 58 10.41 34.20 -8.58
C PRO A 58 11.69 33.52 -9.05
N MET A 59 11.90 32.26 -8.68
CA MET A 59 13.13 31.58 -9.08
C MET A 59 13.18 31.38 -10.59
N THR A 60 12.02 31.14 -11.22
CA THR A 60 12.00 31.01 -12.67
C THR A 60 12.46 32.30 -13.34
N PHE A 61 12.06 33.45 -12.80
CA PHE A 61 12.52 34.72 -13.34
C PHE A 61 14.00 34.93 -13.05
N GLU A 62 14.46 34.53 -11.86
CA GLU A 62 15.87 34.67 -11.53
C GLU A 62 16.74 33.88 -12.50
N HIS A 63 16.32 32.67 -12.85
CA HIS A 63 17.10 31.84 -13.76
C HIS A 63 16.86 32.20 -15.23
N TYR A 64 15.76 32.88 -15.53
CA TYR A 64 15.47 33.30 -16.90
C TYR A 64 14.84 34.69 -16.84
N PRO A 65 15.65 35.74 -16.88
CA PRO A 65 15.12 37.11 -16.80
C PRO A 65 14.03 37.36 -17.83
N PRO A 66 14.26 37.04 -19.12
CA PRO A 66 13.26 37.44 -20.12
C PRO A 66 11.87 36.92 -19.85
N LEU A 67 11.74 35.71 -19.31
CA LEU A 67 10.42 35.16 -19.01
C LEU A 67 9.61 36.13 -18.15
N GLN A 68 10.26 36.75 -17.17
CA GLN A 68 9.61 37.70 -16.28
C GLN A 68 8.69 38.64 -17.04
N TYR A 69 9.04 38.94 -18.29
CA TYR A 69 8.27 39.87 -19.11
C TYR A 69 7.33 39.16 -20.07
N VAL A 70 7.73 38.04 -20.65
CA VAL A 70 6.86 37.34 -21.60
C VAL A 70 5.57 36.93 -20.90
N THR A 71 5.66 36.52 -19.64
CA THR A 71 4.44 36.25 -18.87
C THR A 71 3.54 37.47 -18.85
N PHE A 72 4.10 38.63 -18.48
CA PHE A 72 3.32 39.86 -18.52
C PHE A 72 2.80 40.15 -19.91
N THR A 73 3.49 39.66 -20.94
CA THR A 73 3.04 39.87 -22.31
C THR A 73 1.87 38.96 -22.69
N LEU A 74 1.70 37.84 -21.97
CA LEU A 74 0.60 36.92 -22.27
C LEU A 74 -0.69 37.35 -21.58
N ASP A 75 -0.64 37.52 -20.26
CA ASP A 75 -1.83 37.93 -19.52
C ASP A 75 -2.46 39.17 -20.13
N THR A 76 -1.66 40.22 -20.31
CA THR A 76 -2.19 41.47 -20.88
C THR A 76 -2.96 41.18 -22.17
N LEU A 77 -2.49 40.24 -22.97
CA LEU A 77 -3.23 39.81 -24.15
C LEU A 77 -4.50 39.07 -23.73
N LEU A 78 -4.33 37.95 -23.01
CA LEU A 78 -5.47 37.17 -22.56
C LEU A 78 -6.48 38.04 -21.83
N MET A 79 -6.01 38.77 -20.81
CA MET A 79 -6.90 39.61 -20.02
C MET A 79 -7.76 40.50 -20.90
N PHE A 80 -7.26 40.89 -22.07
CA PHE A 80 -8.08 41.65 -23.00
C PHE A 80 -9.12 40.75 -23.66
N LEU A 81 -8.66 39.73 -24.38
CA LEU A 81 -9.57 38.86 -25.11
C LEU A 81 -10.65 38.27 -24.21
N TYR A 82 -10.30 37.99 -22.95
CA TYR A 82 -11.32 37.50 -22.02
C TYR A 82 -12.28 38.61 -21.63
N THR A 83 -11.75 39.77 -21.24
CA THR A 83 -12.62 40.90 -20.92
C THR A 83 -13.53 41.22 -22.10
N ALA A 84 -12.94 41.48 -23.26
CA ALA A 84 -13.73 41.75 -24.46
C ALA A 84 -14.73 40.65 -24.75
N GLU A 85 -14.50 39.44 -24.25
CA GLU A 85 -15.43 38.34 -24.51
C GLU A 85 -16.63 38.37 -23.58
N MET A 86 -16.46 38.87 -22.35
CA MET A 86 -17.61 38.91 -21.45
C MET A 86 -18.51 40.11 -21.74
N ILE A 87 -17.92 41.28 -21.96
CA ILE A 87 -18.72 42.44 -22.33
C ILE A 87 -19.47 42.18 -23.63
N ALA A 88 -18.78 41.57 -24.60
CA ALA A 88 -19.44 41.21 -25.85
C ALA A 88 -20.64 40.30 -25.59
N LYS A 89 -20.59 39.50 -24.54
CA LYS A 89 -21.73 38.66 -24.19
C LYS A 89 -22.78 39.43 -23.39
N MET A 90 -22.35 40.42 -22.61
CA MET A 90 -23.28 41.25 -21.87
C MET A 90 -23.82 42.40 -22.70
N HIS A 91 -23.12 42.78 -23.77
CA HIS A 91 -23.56 43.89 -24.61
C HIS A 91 -22.99 43.75 -26.02
N TRP A 107 -23.06 30.07 -15.06
CA TRP A 107 -21.67 29.65 -15.13
C TRP A 107 -20.77 30.82 -15.56
N CYS A 108 -21.38 31.93 -15.97
CA CYS A 108 -20.61 33.10 -16.38
C CYS A 108 -20.04 33.85 -15.18
N VAL A 109 -20.59 33.65 -13.98
CA VAL A 109 -19.98 34.23 -12.80
C VAL A 109 -18.57 33.71 -12.62
N PHE A 110 -18.33 32.45 -12.97
CA PHE A 110 -16.97 31.91 -12.96
C PHE A 110 -16.07 32.72 -13.89
N ASP A 111 -16.54 32.98 -15.12
CA ASP A 111 -15.75 33.75 -16.06
C ASP A 111 -15.48 35.16 -15.54
N GLY A 112 -16.48 35.78 -14.91
CA GLY A 112 -16.26 37.11 -14.34
C GLY A 112 -15.20 37.09 -13.25
N PHE A 113 -15.32 36.15 -12.31
CA PHE A 113 -14.34 36.05 -11.25
C PHE A 113 -12.95 35.76 -11.79
N MET A 114 -12.85 34.97 -12.85
CA MET A 114 -11.54 34.62 -13.38
C MET A 114 -10.92 35.79 -14.15
N VAL A 115 -11.73 36.57 -14.86
CA VAL A 115 -11.17 37.75 -15.51
C VAL A 115 -10.77 38.78 -14.48
N PHE A 116 -11.52 38.88 -13.37
CA PHE A 116 -11.08 39.72 -12.27
C PHE A 116 -9.74 39.25 -11.71
N CYS A 117 -9.59 37.93 -11.54
CA CYS A 117 -8.33 37.39 -11.06
C CYS A 117 -7.19 37.72 -12.02
N LEU A 118 -7.46 37.64 -13.33
CA LEU A 118 -6.43 37.98 -14.31
C LEU A 118 -6.04 39.45 -14.22
N TRP A 119 -7.03 40.34 -14.09
CA TRP A 119 -6.73 41.76 -13.91
C TRP A 119 -5.86 41.98 -12.68
N VAL A 120 -6.25 41.36 -11.56
CA VAL A 120 -5.51 41.53 -10.32
C VAL A 120 -4.08 41.04 -10.48
N SER A 121 -3.91 39.86 -11.09
CA SER A 121 -2.57 39.31 -11.30
C SER A 121 -1.74 40.24 -12.17
N LEU A 122 -2.33 40.81 -13.21
CA LEU A 122 -1.56 41.66 -14.10
C LEU A 122 -1.15 42.95 -13.40
N VAL A 123 -2.02 43.52 -12.58
CA VAL A 123 -1.63 44.73 -11.86
C VAL A 123 -0.54 44.41 -10.83
N LEU A 124 -0.66 43.26 -10.18
CA LEU A 124 0.40 42.84 -9.25
C LEU A 124 1.72 42.70 -9.98
N GLN A 125 1.73 42.11 -11.17
CA GLN A 125 2.96 41.95 -11.92
C GLN A 125 3.50 43.30 -12.41
N VAL A 126 2.60 44.22 -12.76
CA VAL A 126 3.03 45.58 -13.12
C VAL A 126 3.79 46.20 -11.96
N PHE A 127 3.23 46.13 -10.76
CA PHE A 127 3.91 46.69 -9.61
C PHE A 127 5.16 45.91 -9.24
N GLU A 128 5.20 44.61 -9.54
CA GLU A 128 6.38 43.81 -9.24
C GLU A 128 7.55 44.18 -10.14
N ILE A 129 7.30 44.37 -11.43
CA ILE A 129 8.36 44.78 -12.35
C ILE A 129 8.92 46.14 -11.93
N ALA A 130 8.10 46.97 -11.29
CA ALA A 130 8.55 48.28 -10.84
C ALA A 130 9.42 48.21 -9.60
N ASP A 131 9.67 47.01 -9.05
CA ASP A 131 10.50 46.79 -7.87
C ASP A 131 9.89 47.38 -6.62
N ILE A 132 8.65 47.86 -6.66
CA ILE A 132 8.03 48.39 -5.46
C ILE A 132 7.47 47.27 -4.59
N VAL A 133 7.12 46.14 -5.20
CA VAL A 133 6.64 44.96 -4.47
C VAL A 133 7.68 43.85 -4.68
N ASP A 134 8.22 43.34 -3.58
CA ASP A 134 9.26 42.31 -3.66
C ASP A 134 8.71 41.06 -4.33
N GLN A 135 9.50 40.51 -5.26
CA GLN A 135 9.11 39.28 -5.93
C GLN A 135 9.03 38.10 -4.97
N MET A 136 9.73 38.17 -3.84
CA MET A 136 9.68 37.14 -2.81
C MET A 136 8.62 37.42 -1.75
N SER A 137 7.62 38.23 -2.08
CA SER A 137 6.59 38.61 -1.13
C SER A 137 5.39 37.66 -1.23
N PRO A 138 4.59 37.55 -0.17
CA PRO A 138 3.39 36.71 -0.24
C PRO A 138 2.35 37.22 -1.23
N TRP A 139 2.52 38.43 -1.76
CA TRP A 139 1.54 38.96 -2.71
C TRP A 139 1.32 38.03 -3.88
N GLY A 140 2.31 37.20 -4.21
CA GLY A 140 2.14 36.25 -5.29
C GLY A 140 0.91 35.37 -5.14
N MET A 141 0.51 35.10 -3.89
CA MET A 141 -0.67 34.27 -3.65
C MET A 141 -1.91 34.84 -4.31
N LEU A 142 -1.88 36.11 -4.74
CA LEU A 142 -2.99 36.69 -5.48
C LEU A 142 -3.33 35.89 -6.72
N ARG A 143 -2.42 35.04 -7.20
CA ARG A 143 -2.64 34.23 -8.40
C ARG A 143 -3.06 32.81 -8.08
N ILE A 144 -3.45 32.52 -6.85
CA ILE A 144 -3.84 31.16 -6.48
C ILE A 144 -5.05 30.69 -7.30
N PRO A 145 -6.05 31.52 -7.59
CA PRO A 145 -7.20 31.02 -8.36
C PRO A 145 -6.96 30.91 -9.86
N ARG A 146 -5.95 31.59 -10.40
CA ARG A 146 -5.75 31.60 -11.85
C ARG A 146 -5.69 30.21 -12.46
N PRO A 147 -4.98 29.23 -11.88
CA PRO A 147 -4.96 27.89 -12.48
C PRO A 147 -6.34 27.32 -12.74
N LEU A 148 -7.34 27.67 -11.93
CA LEU A 148 -8.67 27.13 -12.12
C LEU A 148 -9.26 27.48 -13.48
N ILE A 149 -8.67 28.44 -14.20
CA ILE A 149 -9.12 28.73 -15.56
C ILE A 149 -9.09 27.47 -16.41
N MET A 150 -8.23 26.51 -16.05
CA MET A 150 -8.15 25.27 -16.80
C MET A 150 -9.49 24.56 -16.89
N ILE A 151 -10.43 24.86 -16.00
CA ILE A 151 -11.75 24.23 -16.06
C ILE A 151 -12.45 24.58 -17.36
N ARG A 152 -12.21 25.78 -17.90
CA ARG A 152 -12.86 26.17 -19.14
C ARG A 152 -12.35 25.35 -20.32
N ALA A 153 -11.12 24.85 -20.25
CA ALA A 153 -10.56 24.08 -21.35
C ALA A 153 -11.35 22.79 -21.57
N PHE A 154 -11.85 22.18 -20.50
CA PHE A 154 -12.58 20.92 -20.56
C PHE A 154 -14.01 21.09 -20.05
N ARG A 155 -14.64 22.19 -20.42
CA ARG A 155 -16.01 22.50 -19.99
C ARG A 155 -17.05 22.05 -21.01
N ILE A 156 -16.83 22.34 -22.29
CA ILE A 156 -17.80 21.95 -23.31
C ILE A 156 -17.96 20.44 -23.38
N TYR A 157 -17.00 19.69 -22.86
CA TYR A 157 -17.06 18.23 -22.89
C TYR A 157 -17.86 17.65 -21.73
N PHE A 158 -18.57 18.49 -20.98
CA PHE A 158 -19.48 18.04 -19.94
C PHE A 158 -20.88 17.79 -20.47
N ARG A 159 -21.03 17.56 -21.77
CA ARG A 159 -22.32 17.34 -22.41
C ARG A 159 -22.54 15.84 -22.52
N PHE A 160 -23.30 15.28 -21.58
CA PHE A 160 -23.59 13.86 -21.58
C PHE A 160 -24.85 13.56 -22.39
N GLU A 161 -25.09 12.29 -22.64
CA GLU A 161 -26.19 11.83 -23.48
C GLU A 161 -27.52 11.78 -22.74
N LEU A 162 -27.58 12.24 -21.50
CA LEU A 162 -28.77 12.16 -20.67
C LEU A 162 -29.03 13.50 -20.00
N PRO A 163 -30.25 13.70 -19.50
CA PRO A 163 -30.52 14.93 -18.74
C PRO A 163 -29.61 15.03 -17.53
N ARG A 164 -29.23 16.26 -17.18
CA ARG A 164 -28.33 16.45 -16.05
C ARG A 164 -28.98 16.10 -14.72
N THR A 165 -30.30 15.84 -14.69
CA THR A 165 -30.93 15.37 -13.46
C THR A 165 -30.36 14.01 -13.04
N ARG A 166 -30.13 13.13 -14.02
CA ARG A 166 -29.52 11.84 -13.72
C ARG A 166 -28.15 12.02 -13.10
N ILE A 167 -27.35 12.94 -13.64
CA ILE A 167 -26.02 13.19 -13.10
C ILE A 167 -26.13 13.74 -11.68
N THR A 168 -27.05 14.69 -11.46
CA THR A 168 -27.22 15.24 -10.12
C THR A 168 -27.59 14.16 -9.12
N ASN A 169 -28.49 13.24 -9.52
CA ASN A 169 -28.91 12.19 -8.60
C ASN A 169 -27.78 11.19 -8.34
N ILE A 170 -27.03 10.84 -9.39
CA ILE A 170 -25.89 9.94 -9.22
C ILE A 170 -24.90 10.54 -8.25
N LEU A 171 -24.58 11.83 -8.42
CA LEU A 171 -23.62 12.47 -7.53
C LEU A 171 -24.17 12.65 -6.13
N LYS A 172 -25.48 12.90 -5.99
CA LYS A 172 -26.11 12.92 -4.69
C LYS A 172 -25.86 11.60 -3.95
N ARG A 173 -26.23 10.49 -4.60
CA ARG A 173 -26.04 9.18 -3.99
C ARG A 173 -24.58 8.96 -3.62
N SER A 174 -23.68 9.16 -4.59
CA SER A 174 -22.27 8.85 -4.36
C SER A 174 -21.69 9.74 -3.27
N GLY A 175 -22.09 11.00 -3.21
CA GLY A 175 -21.55 11.89 -2.20
C GLY A 175 -22.09 11.60 -0.82
N GLU A 176 -23.36 11.19 -0.72
CA GLU A 176 -23.89 10.78 0.58
C GLU A 176 -23.14 9.54 1.08
N GLN A 177 -22.89 8.57 0.20
CA GLN A 177 -22.13 7.40 0.64
C GLN A 177 -20.68 7.75 0.97
N ILE A 178 -20.08 8.70 0.24
CA ILE A 178 -18.72 9.12 0.54
C ILE A 178 -18.68 9.81 1.90
N TRP A 179 -19.69 10.62 2.21
CA TRP A 179 -19.76 11.25 3.52
C TRP A 179 -19.93 10.21 4.63
N SER A 180 -20.75 9.19 4.38
CA SER A 180 -20.91 8.13 5.36
C SER A 180 -19.58 7.43 5.63
N VAL A 181 -18.88 7.02 4.57
CA VAL A 181 -17.62 6.31 4.77
C VAL A 181 -16.57 7.24 5.36
N SER A 182 -16.65 8.55 5.10
CA SER A 182 -15.73 9.48 5.72
C SER A 182 -15.98 9.59 7.22
N ILE A 183 -17.24 9.62 7.63
CA ILE A 183 -17.55 9.61 9.06
C ILE A 183 -17.05 8.32 9.69
N PHE A 184 -17.17 7.20 8.97
CA PHE A 184 -16.64 5.94 9.46
C PHE A 184 -15.13 6.01 9.67
N LEU A 185 -14.42 6.54 8.69
CA LEU A 185 -12.97 6.68 8.81
C LEU A 185 -12.61 7.60 9.97
N LEU A 186 -13.38 8.68 10.16
CA LEU A 186 -13.11 9.58 11.28
C LEU A 186 -13.31 8.87 12.61
N PHE A 187 -14.36 8.06 12.71
CA PHE A 187 -14.58 7.28 13.92
C PHE A 187 -13.38 6.38 14.21
N PHE A 188 -12.92 5.64 13.20
CA PHE A 188 -11.79 4.74 13.40
C PHE A 188 -10.54 5.52 13.78
N LEU A 189 -10.31 6.67 13.13
CA LEU A 189 -9.12 7.47 13.43
C LEU A 189 -9.16 7.97 14.86
N LEU A 190 -10.30 8.48 15.32
CA LEU A 190 -10.40 8.95 16.69
C LEU A 190 -10.20 7.80 17.68
N LEU A 191 -10.79 6.64 17.38
CA LEU A 191 -10.61 5.48 18.26
C LEU A 191 -9.14 5.14 18.41
N TYR A 192 -8.44 4.96 17.29
CA TYR A 192 -7.03 4.59 17.38
C TYR A 192 -6.19 5.72 17.95
N GLY A 193 -6.61 6.97 17.78
CA GLY A 193 -5.88 8.07 18.38
C GLY A 193 -5.94 8.04 19.89
N ILE A 194 -7.14 7.85 20.45
CA ILE A 194 -7.24 7.74 21.90
C ILE A 194 -6.51 6.50 22.40
N LEU A 195 -6.60 5.40 21.64
CA LEU A 195 -5.88 4.19 22.03
C LEU A 195 -4.39 4.44 22.09
N GLY A 196 -3.84 5.16 21.11
CA GLY A 196 -2.41 5.45 21.12
C GLY A 196 -2.02 6.41 22.21
N VAL A 197 -2.84 7.42 22.46
CA VAL A 197 -2.53 8.36 23.54
C VAL A 197 -2.51 7.65 24.88
N GLN A 198 -3.38 6.65 25.06
CA GLN A 198 -3.45 5.98 26.35
C GLN A 198 -2.43 4.86 26.48
N MET A 199 -2.02 4.24 25.37
CA MET A 199 -1.06 3.14 25.43
C MET A 199 0.39 3.60 25.23
N PHE A 200 0.60 4.72 24.56
CA PHE A 200 1.92 5.27 24.33
C PHE A 200 1.98 6.69 24.87
N GLY A 201 3.19 7.23 24.94
CA GLY A 201 3.43 8.58 25.40
C GLY A 201 4.26 9.37 24.40
N THR A 202 5.07 10.27 24.93
CA THR A 202 5.96 11.10 24.12
C THR A 202 7.29 10.38 23.96
N PHE A 203 7.60 9.97 22.73
CA PHE A 203 8.86 9.30 22.43
C PHE A 203 9.97 10.33 22.43
N THR A 204 10.37 10.75 23.63
CA THR A 204 11.47 11.69 23.81
C THR A 204 12.60 11.10 24.63
N TYR A 205 12.51 9.84 25.04
CA TYR A 205 13.56 9.19 25.81
C TYR A 205 14.55 8.56 24.85
N HIS A 206 15.74 9.16 24.73
CA HIS A 206 16.81 8.64 23.90
C HIS A 206 18.03 8.36 24.78
N CYS A 207 18.89 7.47 24.31
CA CYS A 207 20.17 7.25 24.97
C CYS A 207 21.20 8.23 24.44
N VAL A 208 21.83 8.95 25.35
CA VAL A 208 22.94 9.84 25.03
C VAL A 208 24.16 9.34 25.80
N VAL A 209 25.32 9.93 25.47
CA VAL A 209 26.54 9.57 26.19
C VAL A 209 26.34 9.83 27.68
N ASN A 210 27.08 9.08 28.50
CA ASN A 210 26.93 9.13 29.95
C ASN A 210 26.84 10.56 30.47
N ASP A 211 27.93 11.32 30.35
CA ASP A 211 28.00 12.67 30.90
C ASP A 211 27.46 13.65 29.87
N THR A 212 26.18 14.02 30.04
CA THR A 212 25.55 15.02 29.19
C THR A 212 24.59 15.82 30.05
N LYS A 213 24.68 17.15 29.96
CA LYS A 213 23.86 18.04 30.76
C LYS A 213 22.89 18.82 29.87
N PRO A 214 21.77 19.28 30.43
CA PRO A 214 20.75 19.93 29.60
C PRO A 214 21.29 21.15 28.86
N GLY A 215 20.68 21.44 27.72
CA GLY A 215 21.02 22.61 26.95
C GLY A 215 22.01 22.34 25.83
N ASN A 216 23.00 21.49 26.09
CA ASN A 216 24.09 21.26 25.16
C ASN A 216 23.93 19.96 24.38
N VAL A 217 22.72 19.40 24.32
CA VAL A 217 22.49 18.21 23.50
C VAL A 217 22.79 18.54 22.05
N THR A 218 23.58 17.70 21.40
CA THR A 218 24.07 17.96 20.06
C THR A 218 24.04 16.67 19.25
N TRP A 219 24.46 16.75 17.99
CA TRP A 219 24.54 15.56 17.15
C TRP A 219 25.48 14.53 17.75
N ASN A 220 26.58 14.97 18.35
CA ASN A 220 27.58 14.08 18.92
C ASN A 220 27.18 13.52 20.28
N SER A 221 25.91 13.69 20.67
CA SER A 221 25.42 13.15 21.92
C SER A 221 24.62 11.86 21.74
N LEU A 222 23.99 11.69 20.58
CA LEU A 222 23.14 10.54 20.31
C LEU A 222 23.96 9.37 19.79
N ALA A 223 23.36 8.18 19.82
CA ALA A 223 23.97 6.99 19.28
C ALA A 223 23.85 6.97 17.75
N ILE A 224 24.59 6.07 17.13
CA ILE A 224 24.66 5.96 15.69
C ILE A 224 24.23 4.55 15.28
N PRO A 225 22.98 4.37 14.82
CA PRO A 225 21.92 5.38 14.66
C PRO A 225 21.26 5.73 15.99
N ASP A 226 20.50 6.82 16.00
CA ASP A 226 19.80 7.23 17.21
C ASP A 226 18.79 6.16 17.62
N THR A 227 18.74 5.89 18.93
CA THR A 227 17.90 4.83 19.47
C THR A 227 17.08 5.38 20.63
N HIS A 228 15.78 5.08 20.62
CA HIS A 228 14.93 5.35 21.76
C HIS A 228 15.16 4.30 22.84
N CYS A 229 14.67 4.58 24.05
CA CYS A 229 14.87 3.69 25.17
C CYS A 229 13.74 3.85 26.16
N SER A 230 13.84 3.14 27.28
CA SER A 230 12.85 3.13 28.34
C SER A 230 13.51 3.48 29.67
N PRO A 231 12.90 4.34 30.48
CA PRO A 231 13.45 4.62 31.81
C PRO A 231 13.30 3.46 32.79
N GLU A 232 12.51 2.44 32.45
CA GLU A 232 12.28 1.32 33.35
C GLU A 232 13.48 0.38 33.29
N LEU A 233 13.36 -0.79 33.94
CA LEU A 233 14.42 -1.77 33.98
C LEU A 233 14.10 -3.07 33.24
N GLU A 234 12.83 -3.34 32.97
CA GLU A 234 12.44 -4.55 32.25
C GLU A 234 11.44 -4.28 31.14
N GLU A 235 11.16 -3.01 30.85
CA GLU A 235 10.27 -2.62 29.76
C GLU A 235 11.07 -1.85 28.72
N GLY A 236 10.72 -2.05 27.46
CA GLY A 236 11.39 -1.33 26.40
C GLY A 236 12.84 -1.78 26.22
N TYR A 237 13.63 -0.88 25.64
CA TYR A 237 15.03 -1.15 25.33
C TYR A 237 15.94 -0.50 26.35
N GLN A 238 16.97 -1.22 26.78
CA GLN A 238 17.97 -0.73 27.71
C GLN A 238 19.31 -0.69 26.98
N CYS A 239 19.86 0.52 26.79
CA CYS A 239 21.13 0.68 26.11
C CYS A 239 22.31 0.44 27.05
N PRO A 240 23.42 -0.04 26.50
CA PRO A 240 24.48 -0.64 27.32
C PRO A 240 25.24 0.41 28.12
N PRO A 241 26.26 0.00 28.87
CA PRO A 241 27.08 0.98 29.61
C PRO A 241 27.65 2.06 28.70
N GLY A 242 28.11 3.16 29.30
CA GLY A 242 28.56 4.30 28.53
C GLY A 242 27.45 5.19 28.02
N PHE A 243 26.19 4.76 28.11
CA PHE A 243 25.06 5.52 27.63
C PHE A 243 23.99 5.57 28.71
N LYS A 244 23.17 6.60 28.66
CA LYS A 244 22.11 6.80 29.63
C LYS A 244 20.84 7.26 28.93
N CYS A 245 19.70 6.79 29.41
CA CYS A 245 18.41 7.12 28.83
C CYS A 245 17.91 8.42 29.48
N MET A 246 17.72 9.46 28.66
CA MET A 246 17.29 10.75 29.13
C MET A 246 16.23 11.30 28.17
N ASP A 247 15.38 12.18 28.68
CA ASP A 247 14.34 12.80 27.89
C ASP A 247 14.92 14.00 27.15
N LEU A 248 14.92 13.93 25.81
CA LEU A 248 15.48 15.02 25.02
C LEU A 248 14.66 16.30 25.18
N GLU A 249 13.34 16.17 25.33
CA GLU A 249 12.50 17.36 25.50
C GLU A 249 12.83 18.08 26.80
N ASP A 250 13.34 17.35 27.80
CA ASP A 250 13.71 17.99 29.06
C ASP A 250 14.99 18.81 28.91
N LEU A 251 15.84 18.44 27.95
CA LEU A 251 17.12 19.12 27.74
C LEU A 251 16.99 20.33 26.83
N GLY A 252 15.93 21.12 27.01
CA GLY A 252 15.75 22.34 26.24
C GLY A 252 15.81 22.10 24.74
N LEU A 253 14.98 21.19 24.25
CA LEU A 253 14.90 20.87 22.82
C LEU A 253 13.49 21.18 22.33
N SER A 254 13.41 21.96 21.25
CA SER A 254 12.11 22.29 20.68
C SER A 254 11.51 21.08 19.99
N ARG A 255 10.18 21.10 19.82
CA ARG A 255 9.51 19.98 19.20
C ARG A 255 9.73 19.95 17.70
N GLN A 256 9.96 21.12 17.08
CA GLN A 256 10.36 21.13 15.68
C GLN A 256 11.63 20.31 15.47
N GLU A 257 12.54 20.34 16.45
CA GLU A 257 13.76 19.56 16.34
C GLU A 257 13.48 18.08 16.53
N LEU A 258 12.53 17.74 17.41
CA LEU A 258 12.21 16.34 17.66
C LEU A 258 11.35 15.76 16.54
N GLY A 259 10.31 16.48 16.14
CA GLY A 259 9.45 16.04 15.06
C GLY A 259 8.01 16.42 15.35
N TYR A 260 7.11 15.79 14.60
CA TYR A 260 5.67 16.02 14.75
C TYR A 260 4.93 14.77 15.16
N SER A 261 5.19 13.64 14.50
CA SER A 261 4.45 12.42 14.79
C SER A 261 4.69 11.97 16.22
N GLY A 262 3.60 11.58 16.89
CA GLY A 262 3.69 11.11 18.25
C GLY A 262 2.30 10.86 18.82
N PHE A 263 2.28 10.55 20.11
CA PHE A 263 1.03 10.29 20.83
C PHE A 263 0.94 11.19 22.06
N ASN A 264 1.40 12.43 21.92
CA ASN A 264 1.37 13.36 23.06
C ASN A 264 -0.07 13.67 23.45
N GLU A 265 -0.84 14.19 22.50
CA GLU A 265 -2.24 14.55 22.72
C GLU A 265 -3.09 13.92 21.63
N ILE A 266 -4.39 14.21 21.67
CA ILE A 266 -5.32 13.57 20.74
C ILE A 266 -5.05 14.00 19.31
N GLY A 267 -4.70 15.28 19.10
CA GLY A 267 -4.49 15.75 17.74
C GLY A 267 -3.26 15.15 17.11
N THR A 268 -2.13 15.18 17.82
CA THR A 268 -0.91 14.57 17.31
C THR A 268 -1.10 13.08 17.09
N SER A 269 -1.83 12.42 17.99
CA SER A 269 -2.05 10.98 17.84
C SER A 269 -2.90 10.69 16.62
N ILE A 270 -3.94 11.49 16.38
CA ILE A 270 -4.78 11.27 15.21
C ILE A 270 -3.99 11.53 13.93
N PHE A 271 -3.14 12.56 13.95
CA PHE A 271 -2.28 12.82 12.80
C PHE A 271 -1.38 11.63 12.51
N THR A 272 -0.72 11.11 13.54
CA THR A 272 0.16 9.97 13.36
C THR A 272 -0.60 8.74 12.89
N VAL A 273 -1.81 8.55 13.40
CA VAL A 273 -2.60 7.38 13.03
C VAL A 273 -3.02 7.47 11.56
N TYR A 274 -3.41 8.67 11.11
CA TYR A 274 -3.75 8.82 9.70
C TYR A 274 -2.52 8.63 8.81
N GLU A 275 -1.36 9.12 9.25
CA GLU A 275 -0.14 8.87 8.48
C GLU A 275 0.16 7.39 8.38
N ALA A 276 -0.02 6.65 9.48
CA ALA A 276 0.27 5.22 9.46
C ALA A 276 -0.76 4.45 8.64
N ALA A 277 -2.00 4.94 8.58
CA ALA A 277 -3.02 4.26 7.80
C ALA A 277 -2.65 4.17 6.33
N SER A 278 -1.79 5.07 5.85
CA SER A 278 -1.32 5.01 4.47
C SER A 278 -0.18 4.02 4.27
N GLN A 279 0.25 3.33 5.34
CA GLN A 279 1.33 2.36 5.25
C GLN A 279 2.65 3.03 4.85
N GLU A 280 2.89 4.23 5.38
CA GLU A 280 4.08 5.00 5.07
C GLU A 280 4.80 5.32 6.38
N GLY A 281 5.94 4.68 6.61
CA GLY A 281 6.72 4.95 7.80
C GLY A 281 6.06 4.51 9.08
N TRP A 282 5.24 3.47 9.04
CA TRP A 282 4.60 2.96 10.25
C TRP A 282 5.44 1.92 10.97
N VAL A 283 6.28 1.18 10.25
CA VAL A 283 7.11 0.16 10.89
C VAL A 283 8.15 0.81 11.78
N PHE A 284 8.70 1.95 11.37
CA PHE A 284 9.70 2.64 12.18
C PHE A 284 9.05 3.26 13.42
N LEU A 285 7.85 3.81 13.26
CA LEU A 285 7.08 4.24 14.42
C LEU A 285 6.88 3.09 15.39
N MET A 286 6.54 1.92 14.86
CA MET A 286 6.38 0.71 15.67
C MET A 286 7.67 0.34 16.40
N ARG A 288 10.14 2.41 17.25
CA ARG A 288 10.30 3.41 18.29
C ARG A 288 9.44 3.08 19.49
N ALA A 289 8.21 2.64 19.20
CA ALA A 289 7.28 2.28 20.27
C ALA A 289 7.76 1.06 21.04
N ILE A 290 8.20 0.02 20.32
CA ILE A 290 8.69 -1.19 20.97
C ILE A 290 9.90 -0.86 21.85
N ASP A 291 10.74 0.07 21.40
CA ASP A 291 11.88 0.49 22.20
C ASP A 291 11.43 1.27 23.44
N SER A 292 10.44 2.14 23.28
CA SER A 292 10.04 3.01 24.38
C SER A 292 9.14 2.29 25.38
N PHE A 293 8.29 1.38 24.90
CA PHE A 293 7.27 0.77 25.72
C PHE A 293 7.22 -0.75 25.52
N PRO A 294 6.45 -1.49 26.32
CA PRO A 294 6.34 -2.94 26.12
C PRO A 294 6.03 -3.34 24.68
N ARG A 295 6.39 -4.56 24.31
CA ARG A 295 6.29 -4.99 22.91
C ARG A 295 4.86 -5.35 22.54
N TRP A 296 4.15 -6.07 23.41
CA TRP A 296 2.80 -6.52 23.08
C TRP A 296 1.90 -5.35 22.72
N ARG A 297 2.05 -4.23 23.43
CA ARG A 297 1.25 -3.05 23.12
C ARG A 297 1.44 -2.64 21.67
N SER A 298 2.70 -2.42 21.27
CA SER A 298 2.96 -1.97 19.91
C SER A 298 2.50 -3.00 18.89
N TYR A 299 2.78 -4.28 19.13
CA TYR A 299 2.36 -5.31 18.20
C TYR A 299 0.85 -5.28 18.00
N PHE A 300 0.08 -5.47 19.07
CA PHE A 300 -1.37 -5.44 18.97
C PHE A 300 -1.83 -4.17 18.24
N TYR A 301 -1.43 -3.01 18.77
CA TYR A 301 -1.89 -1.74 18.24
C TYR A 301 -1.65 -1.64 16.73
N PHE A 302 -0.38 -1.75 16.31
CA PHE A 302 -0.04 -1.44 14.93
C PHE A 302 -0.52 -2.52 13.97
N ILE A 303 -0.48 -3.79 14.38
CA ILE A 303 -0.96 -4.84 13.49
C ILE A 303 -2.46 -4.70 13.28
N THR A 304 -3.22 -4.41 14.35
CA THR A 304 -4.65 -4.22 14.20
C THR A 304 -4.96 -2.96 13.39
N LEU A 305 -4.14 -1.92 13.54
CA LEU A 305 -4.33 -0.70 12.75
C LEU A 305 -4.12 -0.98 11.27
N ILE A 306 -3.09 -1.78 10.94
CA ILE A 306 -2.84 -2.10 9.54
C ILE A 306 -3.95 -2.99 8.99
N PHE A 307 -4.45 -3.92 9.81
CA PHE A 307 -5.48 -4.83 9.32
C PHE A 307 -6.81 -4.11 9.10
N PHE A 308 -7.21 -3.25 10.03
CA PHE A 308 -8.52 -2.62 9.97
C PHE A 308 -8.51 -1.34 9.12
N LEU A 309 -7.64 -0.39 9.46
CA LEU A 309 -7.66 0.91 8.80
C LEU A 309 -7.01 0.85 7.42
N ALA A 310 -5.76 0.38 7.35
CA ALA A 310 -5.02 0.43 6.10
C ALA A 310 -5.61 -0.47 5.03
N TRP A 311 -6.42 -1.46 5.40
CA TRP A 311 -6.97 -2.39 4.42
C TRP A 311 -8.47 -2.23 4.27
N LEU A 312 -9.23 -2.77 5.22
CA LEU A 312 -10.69 -2.83 5.08
C LEU A 312 -11.29 -1.44 4.90
N VAL A 313 -11.06 -0.55 5.86
CA VAL A 313 -11.66 0.78 5.82
C VAL A 313 -11.24 1.52 4.56
N LYS A 314 -10.03 1.26 4.06
CA LYS A 314 -9.60 1.89 2.82
C LYS A 314 -10.20 1.22 1.59
N ASN A 315 -10.60 -0.05 1.69
CA ASN A 315 -11.29 -0.71 0.60
C ASN A 315 -12.77 -0.34 0.55
N VAL A 316 -13.32 0.19 1.64
CA VAL A 316 -14.71 0.64 1.60
C VAL A 316 -14.86 1.77 0.58
N PHE A 317 -13.84 2.60 0.41
CA PHE A 317 -13.91 3.67 -0.59
C PHE A 317 -13.90 3.10 -2.01
N ILE A 318 -13.06 2.09 -2.26
CA ILE A 318 -13.07 1.43 -3.56
C ILE A 318 -14.45 0.84 -3.83
N ALA A 319 -15.06 0.25 -2.80
CA ALA A 319 -16.41 -0.31 -2.96
C ALA A 319 -17.41 0.79 -3.28
N VAL A 320 -17.28 1.96 -2.63
CA VAL A 320 -18.19 3.07 -2.89
C VAL A 320 -18.08 3.52 -4.34
N ILE A 321 -16.84 3.60 -4.85
CA ILE A 321 -16.67 4.06 -6.23
C ILE A 321 -17.17 3.00 -7.22
N ILE A 322 -16.99 1.73 -6.88
CA ILE A 322 -17.49 0.66 -7.75
C ILE A 322 -19.01 0.73 -7.81
N GLU A 323 -19.67 0.93 -6.68
CA GLU A 323 -21.12 1.07 -6.69
C GLU A 323 -21.55 2.35 -7.40
N THR A 324 -20.72 3.40 -7.36
CA THR A 324 -21.01 4.60 -8.13
C THR A 324 -21.05 4.28 -9.62
N PHE A 325 -20.06 3.54 -10.11
CA PHE A 325 -20.06 3.15 -11.53
C PHE A 325 -21.25 2.25 -11.84
N ALA A 326 -21.60 1.35 -10.92
CA ALA A 326 -22.77 0.50 -11.13
C ALA A 326 -24.04 1.34 -11.25
N GLU A 327 -24.19 2.34 -10.40
CA GLU A 327 -25.37 3.22 -10.48
C GLU A 327 -25.36 4.01 -11.79
N ILE A 328 -24.17 4.41 -12.24
CA ILE A 328 -24.07 5.08 -13.54
C ILE A 328 -24.64 4.19 -14.63
N ARG A 329 -24.18 2.93 -14.63
CA ARG A 329 -24.63 1.93 -15.63
C ARG A 329 -26.15 1.75 -15.53
N VAL A 330 -26.68 1.69 -14.31
CA VAL A 330 -28.12 1.51 -14.10
C VAL A 330 -28.89 2.69 -14.68
N GLN A 331 -28.56 3.90 -14.24
CA GLN A 331 -29.32 5.08 -14.70
C GLN A 331 -29.17 5.28 -16.19
N PHE A 332 -28.06 4.82 -16.79
CA PHE A 332 -27.90 4.94 -18.23
C PHE A 332 -28.59 3.81 -18.97
N GLN A 333 -29.00 2.75 -18.28
CA GLN A 333 -29.79 1.68 -18.87
C GLN A 333 -31.29 1.92 -18.78
N GLN A 334 -31.73 2.83 -17.91
CA GLN A 334 -33.16 3.11 -17.73
C GLN A 334 -33.65 4.09 -18.78
N MET A 335 -33.43 3.72 -20.05
CA MET A 335 -33.88 4.53 -21.18
C MET A 335 -34.16 3.65 -22.39
N ALA A 375 1.63 -7.46 -58.33
CA ALA A 375 1.21 -8.82 -58.00
C ALA A 375 2.35 -9.60 -57.38
N CYS A 376 3.53 -9.49 -57.99
CA CYS A 376 4.69 -10.23 -57.49
C CYS A 376 5.07 -9.75 -56.09
N LEU A 377 4.89 -8.47 -55.80
CA LEU A 377 5.19 -7.91 -54.49
C LEU A 377 3.95 -7.71 -53.63
N GLN A 378 2.76 -7.67 -54.24
CA GLN A 378 1.54 -7.46 -53.46
C GLN A 378 1.11 -8.74 -52.74
N LYS A 379 1.06 -9.85 -53.46
CA LYS A 379 0.63 -11.10 -52.84
C LYS A 379 1.63 -11.55 -51.77
N MET A 380 2.92 -11.33 -52.00
CA MET A 380 3.92 -11.72 -51.02
C MET A 380 3.78 -10.93 -49.72
N MET A 381 3.35 -9.66 -49.82
CA MET A 381 3.26 -8.82 -48.63
C MET A 381 2.26 -9.37 -47.64
N ARG A 382 1.13 -9.89 -48.12
CA ARG A 382 0.10 -10.43 -47.25
C ARG A 382 0.43 -11.84 -46.75
N SER A 383 1.57 -12.40 -47.13
CA SER A 383 1.91 -13.76 -46.74
C SER A 383 2.20 -13.85 -45.25
N SER A 384 1.85 -15.00 -44.67
CA SER A 384 2.09 -15.22 -43.25
C SER A 384 3.59 -15.23 -42.94
N VAL A 385 4.40 -15.78 -43.84
CA VAL A 385 5.83 -15.85 -43.60
C VAL A 385 6.41 -14.45 -43.51
N PHE A 386 5.88 -13.49 -44.27
CA PHE A 386 6.41 -12.14 -44.22
C PHE A 386 6.07 -11.47 -42.89
N HIS A 387 4.84 -11.67 -42.40
CA HIS A 387 4.48 -11.13 -41.09
C HIS A 387 5.36 -11.74 -39.99
N MET A 388 5.54 -13.06 -40.03
CA MET A 388 6.40 -13.71 -39.06
C MET A 388 7.82 -13.17 -39.15
N PHE A 389 8.31 -12.93 -40.36
CA PHE A 389 9.65 -12.41 -40.54
C PHE A 389 9.78 -11.01 -39.96
N ILE A 390 8.78 -10.16 -40.18
CA ILE A 390 8.84 -8.80 -39.65
C ILE A 390 8.82 -8.82 -38.13
N LEU A 391 7.98 -9.67 -37.53
CA LEU A 391 7.95 -9.74 -36.08
C LEU A 391 9.25 -10.31 -35.53
N SER A 392 9.85 -11.28 -36.22
CA SER A 392 11.14 -11.81 -35.80
C SER A 392 12.23 -10.74 -35.88
N MET A 393 12.19 -9.92 -36.92
CA MET A 393 13.17 -8.84 -37.03
C MET A 393 12.96 -7.80 -35.94
N VAL A 394 11.71 -7.52 -35.58
CA VAL A 394 11.45 -6.60 -34.48
C VAL A 394 12.01 -7.15 -33.18
N THR A 395 11.82 -8.45 -32.94
CA THR A 395 12.37 -9.08 -31.74
C THR A 395 13.89 -8.96 -31.73
N VAL A 396 14.53 -9.31 -32.85
CA VAL A 396 15.99 -9.22 -32.92
C VAL A 396 16.44 -7.78 -32.69
N ASP A 397 15.70 -6.82 -33.21
CA ASP A 397 16.07 -5.41 -33.07
C ASP A 397 16.03 -5.00 -31.60
N VAL A 398 14.91 -5.29 -30.91
CA VAL A 398 14.81 -4.89 -29.52
C VAL A 398 15.88 -5.59 -28.68
N ILE A 399 16.14 -6.87 -28.96
CA ILE A 399 17.13 -7.59 -28.17
C ILE A 399 18.52 -7.04 -28.40
N VAL A 400 18.88 -6.76 -29.66
CA VAL A 400 20.19 -6.21 -29.96
C VAL A 400 20.35 -4.84 -29.34
N ALA A 401 19.27 -4.04 -29.33
CA ALA A 401 19.35 -2.71 -28.75
C ALA A 401 19.52 -2.78 -27.24
N ALA A 402 18.84 -3.72 -26.59
CA ALA A 402 18.95 -3.87 -25.14
C ALA A 402 20.18 -4.65 -24.71
N SER A 403 20.92 -5.25 -25.64
CA SER A 403 22.11 -6.03 -25.32
C SER A 403 23.38 -5.19 -25.25
N ASN A 404 23.27 -3.87 -25.30
CA ASN A 404 24.45 -3.01 -25.27
C ASN A 404 24.70 -2.55 -23.84
N TYR A 405 25.21 -3.47 -23.03
CA TYR A 405 25.49 -3.18 -21.64
C TYR A 405 26.77 -2.36 -21.50
N TYR A 406 27.03 -1.92 -20.27
CA TYR A 406 28.17 -1.07 -19.99
C TYR A 406 29.42 -1.93 -19.80
N LYS A 407 30.44 -1.69 -20.62
CA LYS A 407 31.72 -2.38 -20.50
C LYS A 407 32.73 -1.56 -19.72
N GLY A 408 32.86 -0.28 -20.01
CA GLY A 408 33.79 0.58 -19.32
C GLY A 408 33.99 1.91 -20.03
N GLU A 409 34.57 2.88 -19.33
CA GLU A 409 34.82 4.18 -19.95
C GLU A 409 35.73 4.08 -21.16
N ASN A 410 36.40 2.95 -21.35
CA ASN A 410 37.32 2.75 -22.47
C ASN A 410 36.65 2.15 -23.69
N PHE A 411 35.37 1.83 -23.63
CA PHE A 411 34.67 1.15 -24.73
C PHE A 411 33.32 1.81 -24.98
N ARG A 412 33.24 2.63 -26.03
CA ARG A 412 31.97 3.08 -26.60
C ARG A 412 32.22 4.15 -27.66
N ARG A 413 31.31 4.26 -28.63
CA ARG A 413 31.45 5.22 -29.71
C ARG A 413 30.05 5.66 -30.14
N GLN A 414 29.99 6.80 -30.82
CA GLN A 414 28.73 7.25 -31.41
C GLN A 414 28.44 6.58 -32.75
N TYR A 415 29.38 5.84 -33.30
CA TYR A 415 29.18 5.04 -34.50
C TYR A 415 29.50 3.58 -34.23
N ASP A 416 29.10 3.08 -33.06
CA ASP A 416 29.40 1.72 -32.64
C ASP A 416 28.75 0.70 -33.57
N GLU A 417 28.96 -0.59 -33.28
CA GLU A 417 28.31 -1.63 -34.07
C GLU A 417 26.81 -1.69 -33.77
N PHE A 418 26.42 -1.41 -32.53
CA PHE A 418 24.99 -1.35 -32.22
C PHE A 418 24.30 -0.25 -33.00
N TYR A 419 24.99 0.88 -33.20
CA TYR A 419 24.42 1.94 -34.02
C TYR A 419 24.18 1.46 -35.44
N LEU A 420 25.13 0.72 -36.01
CA LEU A 420 24.97 0.22 -37.37
C LEU A 420 23.84 -0.80 -37.45
N ALA A 421 23.72 -1.67 -36.44
CA ALA A 421 22.62 -2.63 -36.43
C ALA A 421 21.28 -1.92 -36.36
N GLU A 422 21.19 -0.88 -35.51
CA GLU A 422 19.95 -0.12 -35.41
C GLU A 422 19.64 0.59 -36.71
N VAL A 423 20.66 1.12 -37.38
CA VAL A 423 20.44 1.79 -38.67
C VAL A 423 19.94 0.77 -39.69
N ALA A 424 20.50 -0.43 -39.71
CA ALA A 424 20.06 -1.46 -40.63
C ALA A 424 18.59 -1.83 -40.38
N PHE A 425 18.24 -2.03 -39.10
CA PHE A 425 16.86 -2.36 -38.78
C PHE A 425 15.90 -1.22 -39.13
N THR A 426 16.34 0.02 -38.92
CA THR A 426 15.53 1.17 -39.29
C THR A 426 15.28 1.20 -40.79
N VAL A 427 16.34 0.97 -41.58
CA VAL A 427 16.17 0.93 -43.03
C VAL A 427 15.22 -0.19 -43.42
N LEU A 428 15.36 -1.36 -42.78
CA LEU A 428 14.49 -2.48 -43.10
C LEU A 428 13.03 -2.14 -42.86
N PHE A 429 12.72 -1.59 -41.67
CA PHE A 429 11.32 -1.30 -41.35
C PHE A 429 10.79 -0.12 -42.15
N ASP A 430 11.65 0.84 -42.51
CA ASP A 430 11.21 1.92 -43.39
C ASP A 430 10.85 1.38 -44.76
N LEU A 431 11.66 0.46 -45.30
CA LEU A 431 11.33 -0.17 -46.57
C LEU A 431 10.04 -0.97 -46.44
N GLU A 432 9.85 -1.60 -45.28
CA GLU A 432 8.65 -2.42 -44.96
C GLU A 432 7.41 -1.52 -45.04
N ALA A 433 7.47 -0.33 -44.44
CA ALA A 433 6.35 0.61 -44.43
C ALA A 433 6.11 1.21 -45.81
N LEU A 434 7.18 1.58 -46.51
CA LEU A 434 7.02 2.17 -47.84
C LEU A 434 6.47 1.16 -48.84
N LEU A 435 6.82 -0.12 -48.68
CA LEU A 435 6.28 -1.15 -49.56
C LEU A 435 4.80 -1.39 -49.24
N LYS A 436 4.44 -1.40 -47.96
CA LYS A 436 3.03 -1.49 -47.59
C LYS A 436 2.25 -0.34 -48.21
N ILE A 437 2.82 0.87 -48.19
CA ILE A 437 2.13 2.04 -48.74
C ILE A 437 2.00 1.90 -50.25
N TRP A 438 3.06 1.46 -50.92
CA TRP A 438 2.99 1.27 -52.37
C TRP A 438 1.97 0.20 -52.74
N CYS A 439 1.82 -0.82 -51.90
CA CYS A 439 0.87 -1.90 -52.20
C CYS A 439 -0.56 -1.46 -51.95
N LEU A 440 -0.87 -1.07 -50.72
CA LEU A 440 -2.23 -0.71 -50.33
C LEU A 440 -2.54 0.76 -50.55
N GLY A 441 -1.59 1.54 -51.06
CA GLY A 441 -1.80 2.96 -51.22
C GLY A 441 -1.86 3.67 -49.88
N PHE A 442 -1.30 4.87 -49.82
CA PHE A 442 -1.24 5.60 -48.54
C PHE A 442 -2.64 5.75 -47.95
N THR A 443 -3.65 5.94 -48.79
CA THR A 443 -5.01 6.12 -48.29
C THR A 443 -5.47 4.88 -47.52
N GLY A 444 -5.29 3.70 -48.11
CA GLY A 444 -5.67 2.48 -47.43
C GLY A 444 -4.69 2.06 -46.36
N TYR A 445 -3.42 2.47 -46.49
CA TYR A 445 -2.42 2.13 -45.48
C TYR A 445 -2.65 2.91 -44.20
N ILE A 446 -2.84 4.23 -44.30
CA ILE A 446 -2.98 5.06 -43.12
C ILE A 446 -4.33 4.87 -42.43
N SER A 447 -5.30 4.25 -43.11
CA SER A 447 -6.61 4.07 -42.50
C SER A 447 -6.54 3.19 -41.26
N SER A 448 -5.56 2.28 -41.20
CA SER A 448 -5.44 1.38 -40.07
C SER A 448 -4.73 2.07 -38.90
N SER A 449 -5.24 1.82 -37.70
CA SER A 449 -4.60 2.37 -36.50
C SER A 449 -3.25 1.71 -36.26
N LEU A 450 -3.17 0.39 -36.43
CA LEU A 450 -1.89 -0.28 -36.29
C LEU A 450 -0.87 0.28 -37.27
N HIS A 451 -1.29 0.55 -38.50
CA HIS A 451 -0.36 1.12 -39.48
C HIS A 451 -0.07 2.59 -39.18
N LYS A 452 -1.03 3.31 -38.59
CA LYS A 452 -0.73 4.64 -38.07
C LYS A 452 0.43 4.58 -37.10
N PHE A 453 0.35 3.67 -36.12
CA PHE A 453 1.40 3.52 -35.14
C PHE A 453 2.71 3.07 -35.79
N GLU A 454 2.62 2.18 -36.77
CA GLU A 454 3.83 1.71 -37.44
C GLU A 454 4.54 2.84 -38.17
N LEU A 455 3.78 3.69 -38.88
CA LEU A 455 4.42 4.80 -39.58
C LEU A 455 4.92 5.86 -38.61
N LEU A 456 4.24 6.04 -37.48
CA LEU A 456 4.78 6.95 -36.46
C LEU A 456 6.12 6.43 -35.94
N LEU A 457 6.21 5.12 -35.69
CA LEU A 457 7.48 4.54 -35.27
C LEU A 457 8.54 4.70 -36.35
N VAL A 458 8.15 4.54 -37.61
CA VAL A 458 9.10 4.70 -38.71
C VAL A 458 9.66 6.13 -38.70
N ILE A 459 8.77 7.12 -38.61
CA ILE A 459 9.22 8.52 -38.59
C ILE A 459 10.12 8.77 -37.39
N GLY A 460 9.76 8.24 -36.23
CA GLY A 460 10.53 8.50 -35.04
C GLY A 460 11.88 7.82 -35.02
N THR A 461 11.99 6.65 -35.65
CA THR A 461 13.24 5.91 -35.66
C THR A 461 14.17 6.41 -36.76
N THR A 462 13.63 6.78 -37.92
CA THR A 462 14.47 7.35 -38.97
C THR A 462 15.12 8.63 -38.51
N LEU A 463 14.48 9.38 -37.60
CA LEU A 463 15.11 10.55 -37.00
C LEU A 463 16.06 10.15 -35.88
N HIS A 464 15.79 9.03 -35.21
CA HIS A 464 16.63 8.61 -34.10
C HIS A 464 18.01 8.14 -34.56
N VAL A 465 18.11 7.67 -35.80
CA VAL A 465 19.37 7.16 -36.33
C VAL A 465 20.30 8.31 -36.68
N TYR A 466 19.82 9.54 -36.54
CA TYR A 466 20.68 10.69 -36.78
C TYR A 466 21.70 10.83 -35.65
N PRO A 467 22.97 11.06 -35.96
CA PRO A 467 23.99 11.08 -34.90
C PRO A 467 23.65 12.01 -33.74
N ASP A 468 23.08 13.18 -34.01
CA ASP A 468 22.76 14.12 -32.93
C ASP A 468 21.56 13.65 -32.12
N LEU A 469 20.73 12.78 -32.67
CA LEU A 469 19.54 12.28 -31.98
C LEU A 469 19.69 10.85 -31.50
N TYR A 470 20.82 10.20 -31.76
CA TYR A 470 21.01 8.83 -31.32
C TYR A 470 21.12 8.77 -29.80
N HIS A 471 20.40 7.81 -29.20
CA HIS A 471 20.43 7.60 -27.72
C HIS A 471 19.89 8.82 -26.97
N SER A 472 18.95 9.56 -27.57
CA SER A 472 18.35 10.72 -26.92
C SER A 472 16.93 10.38 -26.51
N GLN A 473 16.06 11.39 -26.37
CA GLN A 473 14.67 11.10 -26.05
C GLN A 473 13.91 10.48 -27.21
N PHE A 474 14.49 10.46 -28.42
CA PHE A 474 13.87 9.77 -29.54
C PHE A 474 13.93 8.27 -29.39
N THR A 475 14.89 7.76 -28.60
CA THR A 475 15.01 6.31 -28.42
C THR A 475 13.69 5.68 -28.03
N TYR A 476 12.83 6.43 -27.34
CA TYR A 476 11.50 5.92 -27.00
C TYR A 476 10.86 5.23 -28.19
N PHE A 477 10.76 5.94 -29.32
CA PHE A 477 10.16 5.36 -30.52
C PHE A 477 10.73 3.98 -30.79
N GLN A 478 12.05 3.86 -30.81
CA GLN A 478 12.68 2.58 -31.09
C GLN A 478 12.19 1.51 -30.12
N VAL A 479 12.25 1.80 -28.81
CA VAL A 479 11.87 0.81 -27.83
C VAL A 479 10.37 0.55 -27.83
N LEU A 480 9.59 1.32 -28.60
CA LEU A 480 8.18 1.03 -28.75
C LEU A 480 7.91 0.00 -29.84
N ARG A 481 8.91 -0.32 -30.66
CA ARG A 481 8.73 -1.34 -31.69
C ARG A 481 8.22 -2.64 -31.10
N VAL A 482 8.61 -2.96 -29.86
CA VAL A 482 8.20 -4.21 -29.25
C VAL A 482 6.69 -4.31 -29.13
N VAL A 483 5.98 -3.19 -29.12
CA VAL A 483 4.52 -3.23 -29.07
C VAL A 483 3.97 -4.02 -30.24
N ARG A 484 4.66 -4.00 -31.39
CA ARG A 484 4.23 -4.76 -32.54
C ARG A 484 4.08 -6.24 -32.19
N LEU A 485 5.00 -6.76 -31.36
CA LEU A 485 4.96 -8.17 -31.00
C LEU A 485 3.65 -8.56 -30.31
N ILE A 486 2.88 -7.58 -29.82
CA ILE A 486 1.60 -7.89 -29.20
C ILE A 486 0.65 -8.52 -30.20
N LYS A 487 0.93 -8.40 -31.50
CA LYS A 487 0.07 -8.96 -32.53
C LYS A 487 0.33 -10.45 -32.76
N ILE A 488 1.34 -11.04 -32.10
CA ILE A 488 1.64 -12.45 -32.33
C ILE A 488 0.64 -13.35 -31.61
N SER A 489 0.09 -12.90 -30.49
CA SER A 489 -0.84 -13.70 -29.71
C SER A 489 -2.23 -13.08 -29.78
N PRO A 490 -3.19 -13.68 -30.48
CA PRO A 490 -4.52 -13.07 -30.53
C PRO A 490 -5.23 -13.07 -29.19
N ALA A 491 -4.94 -14.02 -28.31
CA ALA A 491 -5.55 -14.03 -26.99
C ALA A 491 -5.14 -12.79 -26.20
N LEU A 492 -3.85 -12.47 -26.20
CA LEU A 492 -3.37 -11.29 -25.48
C LEU A 492 -3.91 -10.01 -26.12
N GLU A 493 -4.03 -9.99 -27.44
CA GLU A 493 -4.58 -8.82 -28.12
C GLU A 493 -6.03 -8.60 -27.71
N ASP A 494 -6.84 -9.65 -27.73
CA ASP A 494 -8.24 -9.52 -27.33
C ASP A 494 -8.35 -9.16 -25.86
N PHE A 495 -7.46 -9.69 -25.02
CA PHE A 495 -7.50 -9.34 -23.60
C PHE A 495 -7.15 -7.87 -23.39
N VAL A 496 -6.18 -7.35 -24.15
CA VAL A 496 -5.88 -5.93 -24.08
C VAL A 496 -7.09 -5.11 -24.48
N TYR A 497 -7.69 -5.46 -25.62
CA TYR A 497 -8.87 -4.74 -26.09
C TYR A 497 -9.98 -4.76 -25.04
N LYS A 498 -10.10 -5.88 -24.32
CA LYS A 498 -11.17 -6.01 -23.33
C LYS A 498 -10.87 -5.19 -22.08
N ILE A 499 -9.72 -5.44 -21.45
CA ILE A 499 -9.42 -4.79 -20.18
C ILE A 499 -9.32 -3.28 -20.37
N PHE A 500 -8.76 -2.83 -21.49
CA PHE A 500 -8.72 -1.40 -21.75
C PHE A 500 -10.04 -0.87 -22.29
N GLY A 501 -10.97 -1.75 -22.66
CA GLY A 501 -12.31 -1.37 -23.01
C GLY A 501 -12.37 -0.20 -23.97
N PRO A 502 -13.50 0.51 -24.01
CA PRO A 502 -13.59 1.68 -24.88
C PRO A 502 -12.61 2.75 -24.44
N GLY A 503 -11.83 3.23 -25.40
CA GLY A 503 -10.77 4.19 -25.11
C GLY A 503 -11.26 5.41 -24.35
N LYS A 504 -12.54 5.75 -24.52
CA LYS A 504 -13.03 7.01 -23.97
C LYS A 504 -12.95 7.03 -22.44
N LYS A 505 -13.36 5.94 -21.80
CA LYS A 505 -13.41 5.93 -20.33
C LYS A 505 -12.05 6.21 -19.72
N LEU A 506 -11.09 5.31 -19.95
CA LEU A 506 -9.78 5.48 -19.32
C LEU A 506 -9.03 6.66 -19.91
N GLY A 507 -9.31 7.03 -21.17
CA GLY A 507 -8.71 8.23 -21.71
C GLY A 507 -9.13 9.48 -20.96
N SER A 508 -10.44 9.61 -20.72
CA SER A 508 -10.93 10.73 -19.93
C SER A 508 -10.39 10.69 -18.52
N LEU A 509 -10.26 9.48 -17.95
CA LEU A 509 -9.70 9.38 -16.60
C LEU A 509 -8.26 9.87 -16.58
N VAL A 510 -7.47 9.49 -17.58
CA VAL A 510 -6.07 9.92 -17.65
C VAL A 510 -5.99 11.43 -17.85
N VAL A 511 -6.85 11.98 -18.72
CA VAL A 511 -6.83 13.41 -18.96
C VAL A 511 -7.22 14.17 -17.69
N PHE A 512 -8.22 13.68 -16.96
CA PHE A 512 -8.63 14.33 -15.72
C PHE A 512 -7.51 14.23 -14.68
N THR A 513 -6.85 13.08 -14.59
CA THR A 513 -5.73 12.94 -13.67
C THR A 513 -4.64 13.95 -13.98
N ALA A 514 -4.27 14.07 -15.26
CA ALA A 514 -3.21 15.01 -15.63
C ALA A 514 -3.64 16.44 -15.35
N SER A 515 -4.87 16.80 -15.69
CA SER A 515 -5.33 18.17 -15.47
C SER A 515 -5.38 18.51 -13.98
N LEU A 516 -5.87 17.58 -13.16
CA LEU A 516 -5.94 17.83 -11.73
C LEU A 516 -4.54 17.93 -11.14
N LEU A 517 -3.62 17.07 -11.58
CA LEU A 517 -2.23 17.18 -11.12
C LEU A 517 -1.65 18.55 -11.47
N ILE A 518 -1.86 18.99 -12.72
CA ILE A 518 -1.34 20.27 -13.14
C ILE A 518 -1.92 21.41 -12.30
N VAL A 519 -3.23 21.37 -12.06
CA VAL A 519 -3.88 22.46 -11.34
C VAL A 519 -3.43 22.49 -9.89
N MET A 520 -3.37 21.33 -9.24
CA MET A 520 -2.93 21.29 -7.85
C MET A 520 -1.46 21.70 -7.74
N SER A 521 -0.64 21.31 -8.71
CA SER A 521 0.76 21.73 -8.69
C SER A 521 0.88 23.24 -8.84
N ALA A 522 0.08 23.83 -9.73
CA ALA A 522 0.11 25.27 -9.90
C ALA A 522 -0.35 26.00 -8.64
N ILE A 523 -1.39 25.47 -7.98
CA ILE A 523 -1.89 26.10 -6.76
C ILE A 523 -0.83 26.03 -5.67
N SER A 524 -0.24 24.85 -5.46
CA SER A 524 0.80 24.72 -4.44
C SER A 524 2.00 25.59 -4.78
N LEU A 525 2.32 25.73 -6.06
CA LEU A 525 3.41 26.60 -6.48
C LEU A 525 3.12 28.04 -6.06
N GLN A 526 2.04 28.62 -6.57
CA GLN A 526 1.70 29.98 -6.21
C GLN A 526 1.45 30.15 -4.72
N MET A 527 1.27 29.06 -3.98
CA MET A 527 1.11 29.17 -2.53
C MET A 527 2.46 29.21 -1.82
N PHE A 528 3.45 28.45 -2.29
CA PHE A 528 4.74 28.34 -1.62
C PHE A 528 5.91 28.80 -2.48
N CYS A 529 5.65 29.43 -3.64
CA CYS A 529 6.75 29.85 -4.50
C CYS A 529 7.66 30.87 -3.81
N PHE A 530 7.17 31.54 -2.76
CA PHE A 530 7.92 32.61 -2.12
C PHE A 530 8.56 32.19 -0.79
N VAL A 531 8.04 31.14 -0.14
CA VAL A 531 8.56 30.73 1.15
C VAL A 531 10.04 30.39 1.03
N GLU A 532 10.85 30.92 1.94
CA GLU A 532 12.29 30.73 1.88
C GLU A 532 12.69 29.41 2.52
N GLU A 533 13.81 28.86 2.05
CA GLU A 533 14.37 27.60 2.53
C GLU A 533 13.47 26.40 2.23
N LEU A 534 12.61 26.51 1.22
CA LEU A 534 11.76 25.40 0.80
C LEU A 534 11.93 25.23 -0.71
N ASP A 535 12.77 24.28 -1.10
CA ASP A 535 13.11 24.04 -2.50
C ASP A 535 12.20 23.02 -3.16
N ARG A 536 11.04 22.75 -2.57
CA ARG A 536 10.10 21.77 -3.13
C ARG A 536 9.03 22.40 -4.01
N PHE A 537 8.85 23.72 -3.94
CA PHE A 537 7.86 24.43 -4.74
C PHE A 537 8.43 25.70 -5.35
N THR A 538 9.75 25.70 -5.63
CA THR A 538 10.39 26.89 -6.15
C THR A 538 10.16 27.06 -7.65
N THR A 539 9.81 25.99 -8.36
CA THR A 539 9.48 26.06 -9.77
C THR A 539 8.35 25.07 -10.04
N PHE A 540 7.74 25.18 -11.22
CA PHE A 540 6.61 24.33 -11.53
C PHE A 540 7.02 22.87 -11.65
N PRO A 541 8.18 22.56 -12.23
CA PRO A 541 8.61 21.15 -12.24
C PRO A 541 8.73 20.55 -10.84
N ARG A 542 9.30 21.29 -9.89
CA ARG A 542 9.45 20.76 -8.54
C ARG A 542 8.11 20.64 -7.84
N ALA A 543 7.19 21.58 -8.07
CA ALA A 543 5.86 21.47 -7.49
C ALA A 543 5.12 20.27 -8.05
N PHE A 544 5.24 20.03 -9.37
CA PHE A 544 4.62 18.86 -9.97
C PHE A 544 5.22 17.58 -9.41
N MET A 545 6.54 17.55 -9.24
CA MET A 545 7.18 16.38 -8.64
C MET A 545 6.67 16.16 -7.22
N SER A 546 6.48 17.23 -6.46
CA SER A 546 5.98 17.10 -5.10
C SER A 546 4.56 16.54 -5.09
N MET A 547 3.69 17.08 -5.94
CA MET A 547 2.31 16.59 -6.01
C MET A 547 2.27 15.13 -6.45
N PHE A 548 3.10 14.76 -7.43
CA PHE A 548 3.16 13.37 -7.87
C PHE A 548 3.64 12.47 -6.74
N GLN A 549 4.62 12.93 -5.97
CA GLN A 549 5.09 12.15 -4.83
C GLN A 549 3.99 11.95 -3.81
N ILE A 550 3.23 13.00 -3.51
CA ILE A 550 2.11 12.87 -2.59
C ILE A 550 1.10 11.87 -3.15
N LEU A 551 0.90 11.88 -4.47
CA LEU A 551 -0.05 10.96 -5.08
C LEU A 551 0.41 9.52 -4.93
N THR A 552 1.71 9.26 -5.10
CA THR A 552 2.23 7.90 -4.98
C THR A 552 2.42 7.46 -3.53
N GLN A 553 2.20 8.34 -2.55
CA GLN A 553 2.24 8.05 -1.13
C GLN A 553 3.65 7.72 -0.63
N GLU A 554 4.67 7.73 -1.48
CA GLU A 554 6.03 7.40 -1.07
C GLU A 554 6.71 8.67 -0.57
N GLY A 555 6.73 8.85 0.74
CA GLY A 555 7.40 10.00 1.32
C GLY A 555 6.58 11.27 1.36
N TRP A 556 5.26 11.18 1.20
CA TRP A 556 4.43 12.38 1.26
C TRP A 556 4.50 13.04 2.62
N VAL A 557 4.65 12.25 3.69
CA VAL A 557 4.80 12.81 5.03
C VAL A 557 6.03 13.72 5.07
N ASP A 558 7.09 13.36 4.35
CA ASP A 558 8.28 14.19 4.32
C ASP A 558 8.01 15.51 3.61
N VAL A 559 7.31 15.47 2.48
CA VAL A 559 6.93 16.70 1.79
C VAL A 559 6.15 17.60 2.74
N MET A 560 5.16 17.03 3.43
CA MET A 560 4.33 17.82 4.33
C MET A 560 5.15 18.40 5.47
N ASP A 561 6.04 17.61 6.06
CA ASP A 561 6.84 18.09 7.17
C ASP A 561 7.77 19.22 6.73
N GLN A 562 8.41 19.06 5.56
CA GLN A 562 9.28 20.12 5.05
C GLN A 562 8.48 21.39 4.82
N THR A 563 7.32 21.28 4.16
CA THR A 563 6.53 22.48 3.88
C THR A 563 6.05 23.13 5.17
N LEU A 564 5.72 22.33 6.17
CA LEU A 564 5.26 22.90 7.45
C LEU A 564 6.39 23.62 8.16
N ASN A 565 7.56 22.99 8.25
CA ASN A 565 8.71 23.65 8.84
C ASN A 565 9.05 24.94 8.10
N ALA A 566 8.86 24.97 6.78
CA ALA A 566 9.17 26.16 6.00
C ALA A 566 8.31 27.34 6.43
N VAL A 567 6.99 27.14 6.46
CA VAL A 567 6.08 28.20 6.85
C VAL A 567 6.00 28.28 8.37
N GLY A 568 5.72 29.48 8.88
CA GLY A 568 5.66 29.66 10.31
C GLY A 568 4.61 28.77 10.95
N HIS A 569 4.75 28.60 12.27
CA HIS A 569 3.79 27.78 13.02
C HIS A 569 2.38 28.35 12.97
N MET A 570 2.22 29.61 12.56
CA MET A 570 0.89 30.21 12.51
C MET A 570 0.07 29.62 11.37
N TRP A 571 0.68 29.46 10.19
CA TRP A 571 0.01 28.89 9.04
C TRP A 571 0.19 27.37 8.93
N ALA A 572 0.99 26.77 9.80
CA ALA A 572 1.20 25.33 9.72
C ALA A 572 -0.09 24.52 9.78
N PRO A 573 -1.07 24.86 10.64
CA PRO A 573 -2.30 24.05 10.66
C PRO A 573 -3.07 24.06 9.35
N VAL A 574 -3.24 25.24 8.73
CA VAL A 574 -3.99 25.31 7.49
C VAL A 574 -3.23 24.58 6.37
N VAL A 575 -1.90 24.70 6.35
CA VAL A 575 -1.11 24.00 5.35
C VAL A 575 -1.24 22.49 5.53
N ALA A 576 -1.22 22.02 6.77
CA ALA A 576 -1.38 20.60 7.03
C ALA A 576 -2.76 20.12 6.62
N ILE A 577 -3.79 20.92 6.88
CA ILE A 577 -5.15 20.54 6.48
C ILE A 577 -5.24 20.46 4.96
N TYR A 578 -4.61 21.41 4.26
CA TYR A 578 -4.61 21.39 2.81
C TYR A 578 -3.93 20.13 2.29
N PHE A 579 -2.75 19.81 2.82
CA PHE A 579 -2.03 18.62 2.37
C PHE A 579 -2.83 17.36 2.66
N ILE A 580 -3.46 17.29 3.84
CA ILE A 580 -4.22 16.10 4.20
C ILE A 580 -5.44 15.94 3.30
N LEU A 581 -6.11 17.04 2.99
CA LEU A 581 -7.26 16.97 2.10
C LEU A 581 -6.83 16.52 0.71
N TYR A 582 -5.72 17.06 0.20
CA TYR A 582 -5.25 16.63 -1.12
C TYR A 582 -4.89 15.16 -1.12
N HIS A 583 -4.17 14.70 -0.09
CA HIS A 583 -3.80 13.29 -0.01
C HIS A 583 -5.05 12.40 0.05
N LEU A 584 -6.03 12.79 0.86
CA LEU A 584 -7.27 12.02 0.95
C LEU A 584 -7.94 11.91 -0.41
N PHE A 585 -8.17 13.05 -1.07
CA PHE A 585 -8.85 13.02 -2.35
C PHE A 585 -8.05 12.24 -3.40
N ALA A 586 -6.72 12.29 -3.32
CA ALA A 586 -5.90 11.66 -4.34
C ALA A 586 -5.77 10.16 -4.14
N THR A 587 -5.83 9.68 -2.90
CA THR A 587 -5.65 8.27 -2.61
C THR A 587 -6.95 7.50 -2.47
N LEU A 588 -8.03 8.14 -2.03
CA LEU A 588 -9.29 7.46 -1.77
C LEU A 588 -10.33 7.69 -2.84
N ILE A 589 -10.04 8.51 -3.86
CA ILE A 589 -10.98 8.80 -4.94
C ILE A 589 -10.37 8.49 -6.31
N LEU A 590 -9.19 9.04 -6.58
CA LEU A 590 -8.58 8.88 -7.90
C LEU A 590 -8.05 7.46 -8.10
N LEU A 591 -7.18 7.00 -7.19
CA LEU A 591 -6.67 5.64 -7.28
C LEU A 591 -7.80 4.63 -7.22
N SER A 592 -8.91 4.98 -6.57
CA SER A 592 -10.09 4.12 -6.58
C SER A 592 -10.84 4.23 -7.90
N LEU A 593 -10.86 5.41 -8.49
CA LEU A 593 -11.51 5.58 -9.80
C LEU A 593 -10.81 4.73 -10.85
N PHE A 594 -9.49 4.60 -10.77
CA PHE A 594 -8.78 3.77 -11.73
C PHE A 594 -9.24 2.32 -11.64
N VAL A 595 -9.29 1.81 -10.41
CA VAL A 595 -9.71 0.40 -10.16
C VAL A 595 -11.15 0.23 -10.65
N ALA A 596 -12.00 1.23 -10.40
CA ALA A 596 -13.40 1.15 -10.80
C ALA A 596 -13.54 1.12 -12.32
N VAL A 597 -12.78 1.95 -13.02
CA VAL A 597 -12.85 1.97 -14.48
C VAL A 597 -12.37 0.64 -15.05
N ILE A 598 -11.24 0.14 -14.54
CA ILE A 598 -10.71 -1.12 -15.05
C ILE A 598 -11.70 -2.25 -14.83
N LEU A 599 -12.30 -2.31 -13.62
CA LEU A 599 -13.31 -3.32 -13.35
C LEU A 599 -14.48 -3.18 -14.31
N ASP A 600 -15.07 -1.99 -14.39
CA ASP A 600 -16.23 -1.77 -15.25
C ASP A 600 -15.93 -2.23 -16.67
N ASN A 601 -14.71 -1.99 -17.16
CA ASN A 601 -14.34 -2.47 -18.48
C ASN A 601 -14.24 -3.98 -18.51
N LEU A 602 -13.81 -4.59 -17.41
CA LEU A 602 -13.73 -6.05 -17.36
C LEU A 602 -15.10 -6.71 -17.32
N GLU A 603 -16.15 -5.97 -17.00
CA GLU A 603 -17.50 -6.53 -16.97
C GLU A 603 -18.19 -6.34 -18.32
N LEU A 604 -19.08 -7.27 -18.64
CA LEU A 604 -19.95 -7.10 -19.79
C LEU A 604 -20.96 -5.99 -19.51
N ASP A 605 -21.48 -5.41 -20.58
CA ASP A 605 -22.51 -4.39 -20.44
C ASP A 605 -23.88 -5.06 -20.34
N GLU A 606 -24.83 -4.31 -19.78
CA GLU A 606 -26.15 -4.88 -19.48
C GLU A 606 -26.81 -5.47 -20.71
N ASP A 607 -26.58 -4.87 -21.88
CA ASP A 607 -27.19 -5.37 -23.11
C ASP A 607 -26.77 -6.80 -23.38
N LEU A 608 -25.46 -7.04 -23.46
CA LEU A 608 -24.96 -8.38 -23.75
C LEU A 608 -25.27 -9.34 -22.62
N LYS A 609 -25.23 -8.88 -21.37
CA LYS A 609 -25.60 -9.74 -20.26
C LYS A 609 -27.03 -10.26 -20.43
N LYS A 610 -27.97 -9.34 -20.67
CA LYS A 610 -29.37 -9.73 -20.83
C LYS A 610 -29.54 -10.67 -22.02
N LEU A 611 -28.91 -10.35 -23.15
CA LEU A 611 -29.09 -11.17 -24.34
C LEU A 611 -28.47 -12.55 -24.16
N LYS A 612 -27.34 -12.64 -23.45
CA LYS A 612 -26.73 -13.94 -23.21
C LYS A 612 -27.56 -14.78 -22.26
N GLN A 613 -28.09 -14.16 -21.20
CA GLN A 613 -28.98 -14.89 -20.31
C GLN A 613 -30.25 -15.33 -21.04
N LEU A 614 -30.69 -14.56 -22.04
CA LEU A 614 -31.80 -14.98 -22.87
C LEU A 614 -31.42 -16.16 -23.75
N LYS A 615 -30.19 -16.15 -24.28
CA LYS A 615 -29.73 -17.24 -25.13
C LYS A 615 -29.83 -18.58 -24.40
N GLN A 616 -29.11 -18.71 -23.28
CA GLN A 616 -29.09 -19.95 -22.51
C GLN A 616 -30.34 -20.06 -21.63
N SER A 617 -31.49 -19.97 -22.28
CA SER A 617 -32.77 -20.07 -21.59
C SER A 617 -32.83 -19.14 -20.38
N ARG A 845 -9.45 -60.04 1.60
CA ARG A 845 -8.30 -59.25 1.16
C ARG A 845 -7.94 -58.18 2.17
N PHE A 846 -6.72 -57.64 2.06
CA PHE A 846 -6.27 -56.61 2.99
C PHE A 846 -6.75 -55.22 2.60
N ARG A 847 -7.13 -55.06 1.34
CA ARG A 847 -7.56 -53.76 0.76
C ARG A 847 -8.80 -53.28 1.50
N ASN A 848 -9.59 -54.20 2.08
CA ASN A 848 -10.82 -53.84 2.76
C ASN A 848 -10.52 -53.08 4.05
N PHE A 849 -9.54 -53.54 4.82
CA PHE A 849 -9.17 -52.84 6.05
C PHE A 849 -8.71 -51.42 5.76
N CYS A 850 -7.86 -51.26 4.74
CA CYS A 850 -7.40 -49.93 4.39
C CYS A 850 -8.56 -49.05 3.92
N ARG A 851 -9.46 -49.60 3.12
CA ARG A 851 -10.64 -48.86 2.70
C ARG A 851 -11.43 -48.37 3.90
N VAL A 852 -11.69 -49.25 4.86
CA VAL A 852 -12.49 -48.88 6.03
C VAL A 852 -11.77 -47.81 6.85
N VAL A 853 -10.45 -47.97 7.02
CA VAL A 853 -9.72 -47.04 7.88
C VAL A 853 -9.56 -45.69 7.21
N VAL A 854 -9.58 -45.64 5.88
CA VAL A 854 -9.42 -44.36 5.19
C VAL A 854 -10.76 -43.65 5.07
N ARG A 855 -11.81 -44.35 4.67
CA ARG A 855 -13.10 -43.73 4.42
C ARG A 855 -13.92 -43.52 5.69
N ALA A 856 -13.42 -43.95 6.85
CA ALA A 856 -14.16 -43.80 8.09
C ALA A 856 -14.03 -42.38 8.61
N ARG A 857 -15.17 -41.77 8.92
CA ARG A 857 -15.21 -40.40 9.43
C ARG A 857 -16.31 -40.32 10.49
N PHE A 858 -16.65 -39.10 10.89
CA PHE A 858 -17.69 -38.87 11.88
C PHE A 858 -19.00 -38.47 11.20
N HIS A 876 -26.41 -30.10 14.79
CA HIS A 876 -25.82 -28.77 14.89
C HIS A 876 -24.74 -28.58 13.83
N GLN A 877 -23.74 -27.76 14.15
CA GLN A 877 -22.57 -27.59 13.31
C GLN A 877 -21.31 -28.22 13.89
N LEU A 878 -21.25 -28.39 15.21
CA LEU A 878 -20.14 -29.13 15.81
C LEU A 878 -20.04 -30.52 15.20
N TYR A 879 -21.18 -31.19 15.03
CA TYR A 879 -21.17 -32.48 14.34
C TYR A 879 -20.79 -32.31 12.87
N ASP A 880 -21.05 -31.14 12.29
CA ASP A 880 -20.62 -30.88 10.93
C ASP A 880 -19.12 -30.64 10.87
N LEU A 881 -18.58 -29.92 11.85
CA LEU A 881 -17.13 -29.70 11.87
C LEU A 881 -16.38 -31.00 12.12
N LEU A 882 -16.88 -31.84 13.04
CA LEU A 882 -16.23 -33.12 13.29
C LEU A 882 -16.27 -34.02 12.06
N GLY A 883 -17.26 -33.84 11.19
CA GLY A 883 -17.37 -34.62 9.98
C GLY A 883 -16.87 -33.88 8.77
N LEU A 884 -16.08 -32.82 9.00
CA LEU A 884 -15.55 -32.05 7.88
C LEU A 884 -14.62 -32.89 7.02
N VAL A 885 -13.79 -33.72 7.66
CA VAL A 885 -12.85 -34.58 6.97
C VAL A 885 -12.86 -35.94 7.66
N THR A 886 -12.04 -36.86 7.15
CA THR A 886 -11.94 -38.18 7.72
C THR A 886 -11.09 -38.16 8.99
N TYR A 887 -11.21 -39.21 9.79
CA TYR A 887 -10.39 -39.33 10.99
C TYR A 887 -8.91 -39.27 10.64
N LEU A 888 -8.51 -39.95 9.57
CA LEU A 888 -7.11 -39.92 9.15
C LEU A 888 -6.69 -38.52 8.73
N ASP A 889 -7.57 -37.80 8.03
CA ASP A 889 -7.25 -36.43 7.64
C ASP A 889 -7.15 -35.52 8.86
N TRP A 890 -7.98 -35.76 9.88
CA TRP A 890 -7.86 -34.99 11.12
C TRP A 890 -6.53 -35.27 11.81
N VAL A 891 -6.15 -36.54 11.89
CA VAL A 891 -4.85 -36.88 12.48
C VAL A 891 -3.73 -36.20 11.70
N MET A 892 -3.83 -36.18 10.37
CA MET A 892 -2.81 -35.52 9.56
C MET A 892 -2.78 -34.02 9.80
N ILE A 893 -3.95 -33.39 9.96
CA ILE A 893 -3.98 -31.95 10.22
C ILE A 893 -3.31 -31.65 11.55
N ILE A 894 -3.63 -32.43 12.58
CA ILE A 894 -3.03 -32.19 13.89
C ILE A 894 -1.52 -32.43 13.84
N VAL A 895 -1.10 -33.48 13.12
CA VAL A 895 0.33 -33.77 13.01
C VAL A 895 1.05 -32.65 12.29
N THR A 896 0.44 -32.11 11.23
CA THR A 896 1.06 -31.02 10.50
C THR A 896 1.18 -29.77 11.36
N ILE A 897 0.12 -29.46 12.12
CA ILE A 897 0.17 -28.28 12.99
C ILE A 897 1.24 -28.47 14.06
N CYS A 898 1.37 -29.68 14.60
CA CYS A 898 2.40 -29.95 15.59
C CYS A 898 3.79 -29.80 14.99
N SER A 899 3.99 -30.32 13.77
CA SER A 899 5.30 -30.20 13.13
C SER A 899 5.62 -28.74 12.83
N CYS A 900 4.61 -27.95 12.47
CA CYS A 900 4.85 -26.53 12.21
C CYS A 900 5.20 -25.79 13.50
N ILE A 901 4.48 -26.07 14.59
CA ILE A 901 4.80 -25.44 15.86
C ILE A 901 6.19 -25.83 16.32
N SER A 902 6.62 -27.06 16.00
CA SER A 902 7.97 -27.47 16.36
C SER A 902 9.01 -26.76 15.50
N MET A 903 8.74 -26.62 14.19
CA MET A 903 9.66 -25.94 13.31
C MET A 903 9.78 -24.46 13.65
N MET A 904 8.74 -23.89 14.27
CA MET A 904 8.82 -22.50 14.70
C MET A 904 9.97 -22.26 15.66
N PHE A 905 10.46 -23.30 16.33
CA PHE A 905 11.53 -23.15 17.31
C PHE A 905 12.92 -23.34 16.72
N GLU A 906 13.02 -23.65 15.43
CA GLU A 906 14.31 -23.87 14.80
C GLU A 906 14.98 -22.54 14.48
N SER A 907 16.30 -22.51 14.61
CA SER A 907 17.08 -21.30 14.41
C SER A 907 18.41 -21.65 13.77
N PRO A 908 19.19 -20.66 13.31
CA PRO A 908 20.53 -20.96 12.79
C PRO A 908 21.45 -21.54 13.85
N PHE A 909 21.11 -21.40 15.13
CA PHE A 909 21.93 -21.92 16.21
C PHE A 909 21.25 -22.99 17.04
N ARG A 910 19.97 -23.26 16.80
CA ARG A 910 19.26 -24.40 17.39
C ARG A 910 18.70 -25.22 16.24
N ARG A 911 19.55 -26.07 15.66
CA ARG A 911 19.18 -26.82 14.48
C ARG A 911 18.42 -28.08 14.85
N VAL A 912 17.55 -28.52 13.93
CA VAL A 912 16.82 -29.75 14.14
C VAL A 912 17.74 -30.97 14.04
N MET A 913 18.90 -30.83 13.41
CA MET A 913 19.84 -31.93 13.30
C MET A 913 20.65 -32.14 14.57
N HIS A 914 20.81 -31.09 15.39
CA HIS A 914 21.61 -31.18 16.62
C HIS A 914 20.78 -31.09 17.89
N ALA A 915 19.50 -30.74 17.79
CA ALA A 915 18.63 -30.65 18.95
C ALA A 915 17.64 -31.81 18.94
N PRO A 916 17.83 -32.85 19.75
CA PRO A 916 16.89 -33.98 19.71
C PRO A 916 15.46 -33.59 20.01
N THR A 917 15.24 -32.62 20.90
CA THR A 917 13.87 -32.22 21.25
C THR A 917 13.09 -31.77 20.03
N LEU A 918 13.78 -31.25 19.01
CA LEU A 918 13.14 -30.78 17.79
C LEU A 918 12.95 -31.88 16.76
N GLN A 919 13.63 -33.02 16.91
CA GLN A 919 13.46 -34.11 15.96
C GLN A 919 12.19 -34.92 16.20
N ILE A 920 11.67 -34.91 17.43
CA ILE A 920 10.51 -35.71 17.79
C ILE A 920 9.43 -35.49 16.73
N ALA A 921 8.88 -34.28 16.69
CA ALA A 921 7.86 -33.95 15.70
C ALA A 921 8.28 -34.45 14.32
N GLU A 922 9.50 -34.11 13.90
CA GLU A 922 10.00 -34.56 12.61
C GLU A 922 9.68 -36.03 12.42
N TYR A 923 10.28 -36.88 13.26
CA TYR A 923 10.03 -38.32 13.16
C TYR A 923 8.53 -38.59 13.01
N VAL A 924 7.74 -38.07 13.93
CA VAL A 924 6.29 -38.27 13.87
C VAL A 924 5.79 -37.97 12.46
N PHE A 925 5.94 -36.71 12.04
CA PHE A 925 5.37 -36.30 10.77
C PHE A 925 5.73 -37.27 9.65
N VAL A 926 6.93 -37.84 9.69
CA VAL A 926 7.33 -38.78 8.65
C VAL A 926 6.53 -40.06 8.85
N ILE A 927 6.78 -40.74 9.98
CA ILE A 927 6.19 -42.06 10.19
C ILE A 927 4.70 -42.01 9.92
N PHE A 928 3.97 -41.23 10.72
CA PHE A 928 2.54 -41.07 10.54
C PHE A 928 2.20 -40.90 9.07
N MET A 929 2.79 -39.88 8.42
CA MET A 929 2.46 -39.60 7.03
C MET A 929 2.64 -40.85 6.18
N SER A 930 3.79 -41.52 6.31
CA SER A 930 4.00 -42.77 5.59
C SER A 930 2.77 -43.66 5.71
N ILE A 931 2.41 -44.00 6.95
CA ILE A 931 1.22 -44.84 7.19
C ILE A 931 0.06 -44.31 6.36
N GLU A 932 -0.29 -43.03 6.57
CA GLU A 932 -1.39 -42.43 5.85
C GLU A 932 -1.29 -42.75 4.37
N LEU A 933 -0.17 -42.38 3.74
CA LEU A 933 0.01 -42.64 2.32
C LEU A 933 -0.32 -44.09 2.01
N ASN A 934 0.34 -45.02 2.68
CA ASN A 934 0.07 -46.43 2.43
C ASN A 934 -1.41 -46.74 2.63
N LEU A 935 -1.96 -46.33 3.78
CA LEU A 935 -3.37 -46.61 4.06
C LEU A 935 -4.26 -46.11 2.93
N LYS A 936 -3.84 -45.06 2.24
CA LYS A 936 -4.60 -44.56 1.10
C LYS A 936 -4.23 -45.27 -0.19
N ILE A 937 -2.94 -45.51 -0.42
CA ILE A 937 -2.51 -46.15 -1.66
C ILE A 937 -3.22 -47.48 -1.82
N MET A 938 -3.09 -48.27 -0.77
CA MET A 938 -3.58 -49.65 -0.70
C MET A 938 -5.09 -49.61 -0.74
N ALA A 939 -5.69 -48.45 -0.54
CA ALA A 939 -7.13 -48.25 -0.54
C ALA A 939 -7.64 -47.68 -1.86
N ASP A 940 -6.83 -46.89 -2.55
CA ASP A 940 -7.28 -46.21 -3.77
C ASP A 940 -6.27 -46.27 -4.90
N GLY A 941 -5.23 -47.09 -4.80
CA GLY A 941 -4.20 -47.04 -5.81
C GLY A 941 -3.57 -45.65 -5.83
N LEU A 942 -2.79 -45.41 -6.90
CA LEU A 942 -2.05 -44.15 -7.13
C LEU A 942 -2.47 -43.48 -8.45
N PHE A 943 -2.73 -44.25 -9.51
CA PHE A 943 -3.05 -43.70 -10.82
C PHE A 943 -4.15 -44.53 -11.47
N PHE A 944 -4.87 -43.87 -12.39
CA PHE A 944 -5.87 -44.53 -13.23
C PHE A 944 -7.05 -45.06 -12.41
N THR A 945 -7.42 -44.32 -11.38
CA THR A 945 -8.59 -44.66 -10.56
C THR A 945 -9.38 -43.38 -10.34
N PRO A 946 -10.66 -43.50 -9.96
CA PRO A 946 -11.48 -42.29 -9.78
C PRO A 946 -11.00 -41.41 -8.63
N THR A 947 -10.71 -42.01 -7.48
CA THR A 947 -10.29 -41.25 -6.31
C THR A 947 -8.87 -41.66 -5.88
N ALA A 948 -7.91 -41.51 -6.79
CA ALA A 948 -6.55 -41.93 -6.51
C ALA A 948 -5.89 -40.98 -5.51
N VAL A 949 -4.68 -41.35 -5.08
CA VAL A 949 -3.94 -40.54 -4.13
C VAL A 949 -3.18 -39.43 -4.85
N ILE A 950 -2.55 -39.75 -5.98
CA ILE A 950 -1.82 -38.76 -6.77
C ILE A 950 -2.65 -38.47 -8.00
N ARG A 951 -3.83 -37.90 -7.79
CA ARG A 951 -4.77 -37.55 -8.85
C ARG A 951 -4.70 -36.09 -9.25
N ASP A 952 -4.48 -35.20 -8.30
CA ASP A 952 -4.46 -33.77 -8.53
C ASP A 952 -3.04 -33.26 -8.39
N PHE A 953 -2.90 -31.93 -8.45
CA PHE A 953 -1.65 -31.31 -8.03
C PHE A 953 -1.49 -31.37 -6.51
N GLY A 954 -2.59 -31.45 -5.78
CA GLY A 954 -2.50 -31.57 -4.33
C GLY A 954 -1.82 -32.85 -3.90
N GLY A 955 -2.16 -33.97 -4.54
CA GLY A 955 -1.49 -35.22 -4.21
C GLY A 955 -0.02 -35.22 -4.59
N VAL A 956 0.30 -34.62 -5.74
CA VAL A 956 1.70 -34.50 -6.13
C VAL A 956 2.47 -33.69 -5.10
N MET A 957 1.89 -32.57 -4.66
CA MET A 957 2.53 -31.76 -3.62
C MET A 957 2.67 -32.54 -2.33
N ASP A 958 1.65 -33.33 -1.97
CA ASP A 958 1.72 -34.11 -0.74
C ASP A 958 2.88 -35.10 -0.79
N ILE A 959 2.99 -35.85 -1.89
CA ILE A 959 4.06 -36.85 -1.98
C ILE A 959 5.41 -36.17 -2.11
N PHE A 960 5.47 -34.99 -2.73
CA PHE A 960 6.72 -34.24 -2.78
C PHE A 960 7.17 -33.85 -1.37
N ILE A 961 6.26 -33.28 -0.58
CA ILE A 961 6.57 -32.94 0.80
C ILE A 961 7.00 -34.18 1.57
N TYR A 962 6.31 -35.30 1.37
CA TYR A 962 6.65 -36.52 2.09
C TYR A 962 8.05 -36.99 1.76
N LEU A 963 8.38 -37.02 0.46
CA LEU A 963 9.71 -37.48 0.06
C LEU A 963 10.80 -36.55 0.58
N VAL A 964 10.56 -35.23 0.52
CA VAL A 964 11.53 -34.28 1.06
C VAL A 964 11.76 -34.56 2.54
N SER A 965 10.68 -34.70 3.30
CA SER A 965 10.80 -34.91 4.74
C SER A 965 11.52 -36.22 5.05
N LEU A 966 11.18 -37.29 4.33
CA LEU A 966 11.80 -38.58 4.59
C LEU A 966 13.28 -38.55 4.25
N ILE A 967 13.64 -37.92 3.14
CA ILE A 967 15.05 -37.84 2.76
C ILE A 967 15.83 -37.04 3.78
N PHE A 968 15.25 -35.92 4.24
CA PHE A 968 15.94 -35.11 5.24
C PHE A 968 16.09 -35.86 6.56
N LEU A 969 15.07 -36.62 6.95
CA LEU A 969 15.14 -37.36 8.20
C LEU A 969 16.19 -38.46 8.12
N CYS A 970 16.24 -39.19 7.01
CA CYS A 970 17.22 -40.25 6.88
C CYS A 970 18.63 -39.71 6.72
N TRP A 971 18.77 -38.52 6.12
CA TRP A 971 20.09 -37.92 5.93
C TRP A 971 20.54 -37.19 7.19
N MET A 972 19.79 -36.19 7.61
CA MET A 972 20.12 -35.38 8.78
C MET A 972 21.56 -34.88 8.70
N PRO A 973 21.89 -34.06 7.70
CA PRO A 973 23.28 -33.60 7.56
C PRO A 973 23.67 -32.69 8.71
N GLN A 974 24.80 -33.01 9.34
CA GLN A 974 25.32 -32.19 10.44
C GLN A 974 26.07 -30.97 9.94
N ASN A 975 26.41 -30.92 8.66
CA ASN A 975 27.08 -29.76 8.06
C ASN A 975 26.33 -29.37 6.80
N VAL A 976 25.76 -28.18 6.79
CA VAL A 976 24.96 -27.70 5.66
C VAL A 976 25.64 -26.47 5.07
N PRO A 977 26.52 -26.63 4.08
CA PRO A 977 27.16 -25.47 3.48
C PRO A 977 26.14 -24.56 2.80
N ALA A 978 26.42 -23.27 2.85
CA ALA A 978 25.53 -22.30 2.22
C ALA A 978 25.54 -22.47 0.70
N GLU A 979 24.36 -22.33 0.10
CA GLU A 979 24.21 -22.47 -1.35
C GLU A 979 24.55 -23.89 -1.81
N SER A 980 24.16 -24.87 -1.01
CA SER A 980 24.44 -26.27 -1.28
C SER A 980 23.13 -27.03 -1.48
N GLY A 981 23.26 -28.33 -1.77
CA GLY A 981 22.07 -29.16 -1.93
C GLY A 981 21.37 -29.45 -0.62
N ALA A 982 22.14 -29.56 0.46
CA ALA A 982 21.52 -29.74 1.77
C ALA A 982 20.70 -28.53 2.17
N GLN A 983 21.20 -27.33 1.87
CA GLN A 983 20.42 -26.13 2.17
C GLN A 983 19.17 -26.05 1.31
N LEU A 984 19.26 -26.50 0.05
CA LEU A 984 18.06 -26.54 -0.78
C LEU A 984 17.05 -27.53 -0.23
N LEU A 985 17.53 -28.67 0.27
CA LEU A 985 16.62 -29.62 0.90
C LEU A 985 15.95 -29.00 2.12
N MET A 986 16.73 -28.31 2.96
CA MET A 986 16.16 -27.66 4.13
C MET A 986 15.11 -26.63 3.73
N VAL A 987 15.39 -25.85 2.68
CA VAL A 987 14.44 -24.82 2.25
C VAL A 987 13.16 -25.46 1.71
N LEU A 988 13.30 -26.53 0.92
CA LEU A 988 12.12 -27.23 0.43
C LEU A 988 11.31 -27.82 1.58
N ARG A 989 11.99 -28.24 2.65
CA ARG A 989 11.30 -28.77 3.82
C ARG A 989 10.41 -27.73 4.50
N CYS A 990 10.53 -26.46 4.13
CA CYS A 990 9.71 -25.41 4.70
C CYS A 990 8.33 -25.31 4.07
N LEU A 991 8.04 -26.11 3.04
CA LEU A 991 6.75 -26.11 2.39
C LEU A 991 5.74 -27.03 3.08
N ARG A 992 6.04 -27.45 4.31
CA ARG A 992 5.17 -28.36 5.05
C ARG A 992 3.82 -27.72 5.36
N PRO A 993 3.77 -26.45 5.75
CA PRO A 993 2.46 -25.85 6.07
C PRO A 993 1.48 -25.88 4.91
N LEU A 994 1.94 -26.13 3.69
CA LEU A 994 1.03 -26.18 2.55
C LEU A 994 0.16 -27.43 2.54
N ARG A 995 0.39 -28.39 3.44
CA ARG A 995 -0.50 -29.54 3.53
C ARG A 995 -1.87 -29.14 4.02
N ILE A 996 -1.96 -28.03 4.77
CA ILE A 996 -3.26 -27.55 5.23
C ILE A 996 -4.12 -27.09 4.08
N PHE A 997 -3.52 -26.71 2.94
CA PHE A 997 -4.31 -26.31 1.78
C PHE A 997 -5.04 -27.49 1.17
N LYS A 998 -4.47 -28.66 1.30
CA LYS A 998 -5.01 -29.90 0.73
C LYS A 998 -5.84 -30.70 1.75
N LEU A 999 -5.58 -30.58 3.03
CA LEU A 999 -6.30 -31.33 4.05
C LEU A 999 -7.58 -30.65 4.50
N VAL A 1000 -7.73 -29.35 4.26
CA VAL A 1000 -8.89 -28.58 4.68
C VAL A 1000 -9.70 -28.24 3.42
N PRO A 1001 -10.99 -28.62 3.35
CA PRO A 1001 -11.75 -28.34 2.12
C PRO A 1001 -11.85 -26.86 1.79
N GLN A 1002 -12.03 -26.00 2.80
CA GLN A 1002 -12.20 -24.58 2.53
C GLN A 1002 -10.94 -23.96 1.92
N MET A 1003 -9.76 -24.43 2.33
CA MET A 1003 -8.53 -23.91 1.73
C MET A 1003 -8.37 -24.40 0.31
N ARG A 1004 -8.78 -25.64 0.02
CA ARG A 1004 -8.82 -26.11 -1.36
C ARG A 1004 -9.74 -25.22 -2.19
N LYS A 1005 -10.89 -24.86 -1.64
CA LYS A 1005 -11.80 -23.96 -2.34
C LYS A 1005 -11.14 -22.61 -2.61
N VAL A 1006 -10.44 -22.07 -1.62
CA VAL A 1006 -9.72 -20.81 -1.80
C VAL A 1006 -8.74 -20.92 -2.97
N VAL A 1007 -7.91 -21.96 -2.94
CA VAL A 1007 -6.89 -22.12 -3.98
C VAL A 1007 -7.54 -22.27 -5.35
N ARG A 1008 -8.60 -23.06 -5.45
CA ARG A 1008 -9.26 -23.27 -6.73
C ARG A 1008 -9.84 -21.98 -7.26
N GLU A 1009 -10.59 -21.26 -6.41
CA GLU A 1009 -11.21 -20.01 -6.85
C GLU A 1009 -10.18 -18.96 -7.21
N LEU A 1010 -9.01 -19.00 -6.57
CA LEU A 1010 -7.96 -18.04 -6.91
C LEU A 1010 -7.31 -18.40 -8.25
N PHE A 1011 -6.99 -19.67 -8.45
CA PHE A 1011 -6.29 -20.09 -9.66
C PHE A 1011 -7.20 -20.21 -10.87
N SER A 1012 -8.52 -20.08 -10.68
CA SER A 1012 -9.41 -20.06 -11.85
C SER A 1012 -9.18 -18.85 -12.74
N GLY A 1013 -8.46 -17.82 -12.27
CA GLY A 1013 -8.20 -16.65 -13.09
C GLY A 1013 -6.73 -16.51 -13.45
N PHE A 1014 -6.02 -17.64 -13.41
CA PHE A 1014 -4.58 -17.61 -13.66
C PHE A 1014 -4.28 -17.15 -15.08
N LYS A 1015 -5.17 -17.39 -16.03
CA LYS A 1015 -4.91 -16.96 -17.41
C LYS A 1015 -4.86 -15.43 -17.49
N GLU A 1016 -5.84 -14.76 -16.91
CA GLU A 1016 -5.84 -13.30 -16.93
C GLU A 1016 -4.69 -12.76 -16.09
N ILE A 1017 -4.38 -13.40 -14.96
CA ILE A 1017 -3.22 -12.98 -14.19
C ILE A 1017 -1.96 -13.07 -15.03
N PHE A 1018 -1.83 -14.15 -15.80
CA PHE A 1018 -0.64 -14.35 -16.63
C PHE A 1018 -0.55 -13.30 -17.74
N LEU A 1019 -1.68 -12.97 -18.36
CA LEU A 1019 -1.65 -11.97 -19.42
C LEU A 1019 -1.32 -10.58 -18.86
N VAL A 1020 -1.84 -10.26 -17.67
CA VAL A 1020 -1.48 -8.99 -17.05
C VAL A 1020 0.00 -8.97 -16.69
N SER A 1021 0.53 -10.11 -16.23
CA SER A 1021 1.97 -10.20 -15.96
C SER A 1021 2.77 -9.99 -17.24
N ILE A 1022 2.28 -10.53 -18.35
CA ILE A 1022 2.99 -10.35 -19.62
C ILE A 1022 2.97 -8.89 -20.05
N LEU A 1023 1.85 -8.21 -19.85
CA LEU A 1023 1.79 -6.78 -20.17
C LEU A 1023 2.78 -5.99 -19.31
N LEU A 1024 2.81 -6.28 -18.02
CA LEU A 1024 3.74 -5.57 -17.13
C LEU A 1024 5.19 -5.88 -17.52
N LEU A 1025 5.47 -7.12 -17.92
CA LEU A 1025 6.81 -7.48 -18.34
C LEU A 1025 7.20 -6.75 -19.62
N THR A 1026 6.24 -6.57 -20.53
CA THR A 1026 6.52 -5.82 -21.75
C THR A 1026 6.84 -4.36 -21.44
N LEU A 1027 6.03 -3.75 -20.56
CA LEU A 1027 6.30 -2.38 -20.14
C LEU A 1027 7.69 -2.27 -19.52
N MET A 1028 8.02 -3.17 -18.58
CA MET A 1028 9.31 -3.11 -17.93
C MET A 1028 10.44 -3.38 -18.90
N LEU A 1029 10.24 -4.24 -19.89
CA LEU A 1029 11.28 -4.48 -20.88
C LEU A 1029 11.53 -3.25 -21.73
N VAL A 1030 10.46 -2.59 -22.17
CA VAL A 1030 10.60 -1.33 -22.91
C VAL A 1030 11.45 -0.35 -22.11
N PHE A 1031 11.01 -0.08 -20.87
CA PHE A 1031 11.69 0.97 -20.11
C PHE A 1031 13.09 0.55 -19.67
N ALA A 1032 13.32 -0.75 -19.48
CA ALA A 1032 14.66 -1.21 -19.14
C ALA A 1032 15.61 -1.07 -20.32
N SER A 1033 15.14 -1.41 -21.53
CA SER A 1033 15.94 -1.17 -22.72
C SER A 1033 16.29 0.31 -22.84
N PHE A 1034 15.30 1.17 -22.66
CA PHE A 1034 15.56 2.62 -22.73
C PHE A 1034 16.61 3.03 -21.70
N GLY A 1035 16.43 2.62 -20.45
CA GLY A 1035 17.37 3.01 -19.41
C GLY A 1035 18.77 2.51 -19.68
N VAL A 1036 18.90 1.25 -20.10
CA VAL A 1036 20.22 0.69 -20.39
C VAL A 1036 20.88 1.47 -21.52
N GLN A 1037 20.16 1.89 -22.55
CA GLN A 1037 20.86 2.63 -23.62
C GLN A 1037 21.15 4.06 -23.17
N LEU A 1038 20.38 4.59 -22.26
CA LEU A 1038 20.61 5.98 -21.90
C LEU A 1038 21.22 6.19 -20.51
N PHE A 1039 21.20 5.20 -19.62
CA PHE A 1039 21.73 5.35 -18.27
C PHE A 1039 22.90 4.44 -17.98
N ALA A 1040 23.40 3.71 -18.98
CA ALA A 1040 24.46 2.75 -18.74
C ALA A 1040 25.74 3.46 -18.30
N GLY A 1041 26.20 3.16 -17.09
CA GLY A 1041 27.44 3.70 -16.59
C GLY A 1041 27.43 5.17 -16.27
N LYS A 1042 26.26 5.83 -16.35
CA LYS A 1042 26.16 7.25 -16.08
C LYS A 1042 25.61 7.56 -14.70
N LEU A 1043 25.34 6.54 -13.89
CA LEU A 1043 24.89 6.75 -12.52
C LEU A 1043 26.03 6.70 -11.51
N ALA A 1044 27.21 6.24 -11.91
CA ALA A 1044 28.34 6.20 -11.00
C ALA A 1044 28.80 7.62 -10.67
N LYS A 1045 29.32 7.78 -9.46
CA LYS A 1045 29.72 9.09 -8.96
C LYS A 1045 30.71 8.88 -7.82
N CYS A 1046 31.38 9.97 -7.44
CA CYS A 1046 32.27 9.94 -6.30
C CYS A 1046 31.47 10.13 -5.02
N ASN A 1047 31.68 9.24 -4.05
CA ASN A 1047 30.97 9.34 -2.78
C ASN A 1047 31.34 10.60 -2.00
N ASP A 1048 32.35 11.34 -2.44
CA ASP A 1048 32.69 12.63 -1.84
C ASP A 1048 31.94 13.73 -2.58
N PRO A 1049 30.95 14.37 -1.99
CA PRO A 1049 30.20 15.41 -2.73
C PRO A 1049 31.06 16.56 -3.24
N ASN A 1050 32.29 16.71 -2.74
CA ASN A 1050 33.12 17.82 -3.17
C ASN A 1050 33.85 17.53 -4.47
N ILE A 1051 34.09 16.26 -4.78
CA ILE A 1051 34.77 15.87 -6.01
C ILE A 1051 33.74 15.76 -7.12
N ILE A 1052 34.11 16.20 -8.31
CA ILE A 1052 33.21 16.23 -9.46
C ILE A 1052 33.69 15.29 -10.57
N ARG A 1053 34.99 15.20 -10.79
CA ARG A 1053 35.55 14.41 -11.88
C ARG A 1053 36.12 13.10 -11.34
N ARG A 1054 36.05 12.06 -12.18
CA ARG A 1054 36.56 10.76 -11.79
C ARG A 1054 38.06 10.77 -11.57
N GLU A 1055 38.76 11.77 -12.12
CA GLU A 1055 40.21 11.81 -11.98
C GLU A 1055 40.61 12.14 -10.54
N ASP A 1056 39.87 13.01 -9.88
CA ASP A 1056 40.17 13.43 -8.52
C ASP A 1056 39.47 12.58 -7.47
N CYS A 1057 38.80 11.50 -7.86
CA CYS A 1057 38.13 10.63 -6.90
C CYS A 1057 39.11 9.58 -6.40
N ASN A 1058 40.06 10.06 -5.58
CA ASN A 1058 41.08 9.20 -5.00
C ASN A 1058 41.47 9.78 -3.65
N GLY A 1059 42.14 8.96 -2.84
CA GLY A 1059 42.54 9.38 -1.52
C GLY A 1059 41.49 9.03 -0.47
N ILE A 1060 41.30 9.92 0.51
CA ILE A 1060 40.33 9.70 1.57
C ILE A 1060 39.61 11.02 1.86
N PHE A 1061 38.49 10.91 2.56
CA PHE A 1061 37.72 12.08 2.95
C PHE A 1061 36.85 11.71 4.16
N ARG A 1062 36.46 12.74 4.90
CA ARG A 1062 35.65 12.56 6.10
C ARG A 1062 34.17 12.52 5.69
N ILE A 1063 33.59 11.33 5.75
CA ILE A 1063 32.18 11.14 5.45
C ILE A 1063 31.38 11.26 6.74
N ASN A 1064 30.17 11.80 6.60
CA ASN A 1064 29.25 11.93 7.73
C ASN A 1064 28.36 10.70 7.83
N VAL A 1065 28.23 10.17 9.02
CA VAL A 1065 27.38 9.01 9.28
C VAL A 1065 25.98 9.50 9.59
N SER A 1066 24.99 8.69 9.23
CA SER A 1066 23.59 9.02 9.47
C SER A 1066 23.26 8.73 10.92
N VAL A 1067 23.05 9.79 11.71
CA VAL A 1067 22.66 9.61 13.10
C VAL A 1067 21.16 9.40 13.21
N SER A 1068 20.38 10.35 12.70
CA SER A 1068 18.93 10.28 12.77
C SER A 1068 18.34 11.00 11.58
N LYS A 1069 17.28 10.43 11.01
CA LYS A 1069 16.52 11.08 9.95
C LYS A 1069 15.15 11.53 10.43
N ASN A 1070 14.84 11.35 11.72
CA ASN A 1070 13.61 11.84 12.32
C ASN A 1070 13.81 13.13 13.11
N LEU A 1071 15.01 13.36 13.64
CA LEU A 1071 15.32 14.57 14.38
C LEU A 1071 15.92 15.62 13.46
N ASN A 1072 15.47 16.86 13.62
CA ASN A 1072 15.96 17.98 12.84
C ASN A 1072 16.92 18.86 13.64
N LEU A 1073 17.68 18.26 14.55
CA LEU A 1073 18.62 19.00 15.39
C LEU A 1073 19.64 19.74 14.53
N LYS A 1074 19.58 21.07 14.53
CA LYS A 1074 20.51 21.86 13.74
C LYS A 1074 21.90 21.84 14.38
N LEU A 1075 22.92 22.05 13.54
CA LEU A 1075 24.30 22.03 13.98
C LEU A 1075 24.76 23.43 14.36
N ARG A 1076 25.62 23.51 15.38
CA ARG A 1076 26.12 24.78 15.85
C ARG A 1076 27.29 25.26 15.00
N PRO A 1077 27.66 26.54 15.11
CA PRO A 1077 28.81 27.03 14.33
C PRO A 1077 30.12 26.42 14.77
N GLY A 1078 30.25 26.04 16.03
CA GLY A 1078 31.48 25.44 16.53
C GLY A 1078 31.32 23.98 16.89
N GLU A 1079 30.71 23.20 15.99
CA GLU A 1079 30.47 21.79 16.23
C GLU A 1079 30.61 21.05 14.91
N LYS A 1080 31.22 19.86 14.96
CA LYS A 1080 31.42 19.03 13.78
C LYS A 1080 30.45 17.86 13.80
N LYS A 1081 29.87 17.56 12.64
CA LYS A 1081 28.97 16.44 12.54
C LYS A 1081 29.72 15.13 12.77
N PRO A 1082 29.06 14.11 13.33
CA PRO A 1082 29.75 12.84 13.55
C PRO A 1082 30.04 12.14 12.23
N GLY A 1083 31.26 11.63 12.11
CA GLY A 1083 31.68 10.98 10.89
C GLY A 1083 33.09 10.45 11.06
N PHE A 1084 33.61 9.88 9.97
CA PHE A 1084 34.95 9.32 10.00
C PHE A 1084 35.50 9.26 8.59
N TRP A 1085 36.78 8.90 8.49
CA TRP A 1085 37.52 9.00 7.24
C TRP A 1085 37.42 7.70 6.45
N VAL A 1086 37.12 7.83 5.17
CA VAL A 1086 36.85 6.67 4.31
C VAL A 1086 37.48 6.93 2.94
N PRO A 1087 37.66 5.87 2.15
CA PRO A 1087 38.25 6.04 0.82
C PRO A 1087 37.29 6.71 -0.14
N ARG A 1088 37.85 7.43 -1.10
CA ARG A 1088 37.08 8.04 -2.18
C ARG A 1088 36.93 7.02 -3.31
N VAL A 1089 35.68 6.72 -3.67
CA VAL A 1089 35.39 5.66 -4.64
C VAL A 1089 34.35 6.17 -5.62
N TRP A 1090 34.48 5.73 -6.87
CA TRP A 1090 33.57 6.07 -7.95
C TRP A 1090 32.66 4.87 -8.19
N ALA A 1091 31.47 4.89 -7.58
CA ALA A 1091 30.60 3.72 -7.55
C ALA A 1091 29.16 4.13 -7.81
N ASN A 1092 28.36 3.13 -8.17
CA ASN A 1092 26.92 3.29 -8.37
C ASN A 1092 26.18 3.16 -7.05
N PRO A 1093 24.88 3.42 -7.05
CA PRO A 1093 24.08 3.07 -5.87
C PRO A 1093 24.02 1.56 -5.68
N ARG A 1094 24.07 1.14 -4.42
CA ARG A 1094 24.07 -0.28 -4.12
C ARG A 1094 22.74 -0.95 -4.45
N ASN A 1095 21.65 -0.19 -4.53
CA ASN A 1095 20.32 -0.76 -4.67
C ASN A 1095 19.80 -0.78 -6.10
N PHE A 1096 20.42 -0.04 -7.02
CA PHE A 1096 19.91 -0.02 -8.39
C PHE A 1096 20.97 0.56 -9.31
N ASN A 1097 20.89 0.18 -10.57
CA ASN A 1097 21.72 0.73 -11.64
C ASN A 1097 21.17 0.22 -12.96
N PHE A 1098 21.63 0.81 -14.05
CA PHE A 1098 21.15 0.49 -15.39
C PHE A 1098 22.31 0.09 -16.29
N ASP A 1099 23.20 -0.76 -15.79
CA ASP A 1099 24.36 -1.17 -16.57
C ASP A 1099 24.03 -2.32 -17.50
N ASN A 1100 23.18 -3.25 -17.04
CA ASN A 1100 22.73 -4.37 -17.85
C ASN A 1100 21.21 -4.32 -17.98
N VAL A 1101 20.68 -5.23 -18.79
CA VAL A 1101 19.23 -5.32 -18.94
C VAL A 1101 18.61 -5.92 -17.69
N GLY A 1102 19.30 -6.85 -17.05
CA GLY A 1102 18.78 -7.43 -15.82
C GLY A 1102 18.78 -6.45 -14.67
N ASN A 1103 19.86 -5.67 -14.53
CA ASN A 1103 19.89 -4.64 -13.51
C ASN A 1103 18.75 -3.65 -13.69
N ALA A 1104 18.53 -3.20 -14.93
CA ALA A 1104 17.47 -2.24 -15.18
C ALA A 1104 16.10 -2.85 -14.95
N MET A 1105 15.90 -4.11 -15.35
CA MET A 1105 14.61 -4.74 -15.14
C MET A 1105 14.32 -4.88 -13.65
N LEU A 1106 15.33 -5.25 -12.85
CA LEU A 1106 15.11 -5.39 -11.42
C LEU A 1106 14.88 -4.02 -10.77
N ALA A 1107 15.61 -2.99 -11.21
CA ALA A 1107 15.38 -1.66 -10.69
C ALA A 1107 13.95 -1.20 -10.96
N LEU A 1108 13.44 -1.44 -12.17
CA LEU A 1108 12.08 -1.03 -12.49
C LEU A 1108 11.06 -1.90 -11.77
N PHE A 1109 11.36 -3.18 -11.54
CA PHE A 1109 10.46 -4.01 -10.75
C PHE A 1109 10.36 -3.49 -9.32
N GLU A 1110 11.47 -3.04 -8.76
CA GLU A 1110 11.43 -2.42 -7.43
C GLU A 1110 10.65 -1.11 -7.47
N VAL A 1111 10.87 -0.29 -8.50
CA VAL A 1111 10.13 0.96 -8.63
C VAL A 1111 8.64 0.71 -8.73
N LEU A 1112 8.25 -0.41 -9.34
CA LEU A 1112 6.84 -0.71 -9.53
C LEU A 1112 6.10 -0.78 -8.19
N SER A 1113 6.80 -1.11 -7.11
CA SER A 1113 6.19 -1.18 -5.79
C SER A 1113 6.00 0.19 -5.15
N LEU A 1114 6.53 1.25 -5.76
CA LEU A 1114 6.44 2.60 -5.21
C LEU A 1114 7.10 2.71 -3.84
N LYS A 1115 8.16 1.93 -3.63
CA LYS A 1115 8.91 1.96 -2.38
C LYS A 1115 10.36 2.26 -2.70
N GLY A 1116 10.84 3.41 -2.22
CA GLY A 1116 12.17 3.86 -2.53
C GLY A 1116 12.35 4.39 -3.94
N TRP A 1117 11.26 4.62 -4.66
CA TRP A 1117 11.37 5.12 -6.04
C TRP A 1117 11.74 6.59 -6.09
N VAL A 1118 11.51 7.35 -5.02
CA VAL A 1118 11.95 8.74 -5.01
C VAL A 1118 13.47 8.81 -5.03
N GLU A 1119 14.15 7.83 -4.41
CA GLU A 1119 15.60 7.77 -4.50
C GLU A 1119 16.06 7.62 -5.94
N VAL A 1120 15.44 6.70 -6.68
CA VAL A 1120 15.79 6.50 -8.08
C VAL A 1120 15.50 7.77 -8.88
N ARG A 1121 14.35 8.39 -8.63
CA ARG A 1121 14.01 9.63 -9.31
C ARG A 1121 15.09 10.69 -9.10
N ASP A 1122 15.47 10.92 -7.84
CA ASP A 1122 16.45 11.95 -7.54
C ASP A 1122 17.81 11.61 -8.13
N VAL A 1123 18.21 10.34 -8.06
CA VAL A 1123 19.51 9.95 -8.59
C VAL A 1123 19.56 10.14 -10.10
N ILE A 1124 18.46 9.82 -10.79
CA ILE A 1124 18.45 10.00 -12.24
C ILE A 1124 18.41 11.48 -12.60
N ILE A 1125 17.70 12.28 -11.81
CA ILE A 1125 17.60 13.71 -12.12
C ILE A 1125 18.92 14.41 -11.83
N HIS A 1126 19.70 13.90 -10.89
CA HIS A 1126 20.94 14.57 -10.49
C HIS A 1126 22.14 14.09 -11.30
N ARG A 1127 22.30 12.78 -11.46
CA ARG A 1127 23.50 12.23 -12.08
C ARG A 1127 23.40 12.13 -13.59
N VAL A 1128 22.19 12.03 -14.14
CA VAL A 1128 22.02 11.94 -15.59
C VAL A 1128 21.56 13.30 -16.12
N GLY A 1129 20.42 13.78 -15.64
CA GLY A 1129 19.90 15.05 -16.05
C GLY A 1129 18.43 15.22 -15.72
N PRO A 1130 17.97 16.47 -15.62
CA PRO A 1130 16.57 16.69 -15.23
C PRO A 1130 15.58 16.28 -16.31
N ILE A 1131 15.96 16.33 -17.58
CA ILE A 1131 15.06 15.89 -18.65
C ILE A 1131 14.60 14.47 -18.39
N HIS A 1132 15.54 13.59 -18.03
CA HIS A 1132 15.21 12.19 -17.83
C HIS A 1132 14.26 11.98 -16.65
N GLY A 1133 13.96 13.03 -15.88
CA GLY A 1133 12.88 12.95 -14.92
C GLY A 1133 11.57 12.54 -15.54
N ILE A 1134 11.42 12.74 -16.85
CA ILE A 1134 10.24 12.23 -17.55
C ILE A 1134 10.22 10.71 -17.53
N TYR A 1135 11.36 10.10 -17.85
CA TYR A 1135 11.45 8.63 -17.93
C TYR A 1135 10.86 7.98 -16.69
N ILE A 1136 11.24 8.45 -15.51
CA ILE A 1136 10.80 7.81 -14.28
C ILE A 1136 9.35 8.16 -13.93
N HIS A 1137 8.83 9.27 -14.44
CA HIS A 1137 7.47 9.68 -14.10
C HIS A 1137 6.42 9.02 -14.99
N VAL A 1138 6.76 8.71 -16.24
CA VAL A 1138 5.82 8.03 -17.11
C VAL A 1138 5.66 6.57 -16.67
N PHE A 1139 6.78 5.88 -16.45
CA PHE A 1139 6.73 4.50 -15.98
C PHE A 1139 5.87 4.39 -14.73
N VAL A 1140 6.20 5.17 -13.70
CA VAL A 1140 5.46 5.12 -12.44
C VAL A 1140 3.98 5.35 -12.67
N PHE A 1141 3.62 6.04 -13.75
CA PHE A 1141 2.20 6.25 -14.04
C PHE A 1141 1.61 5.06 -14.78
N LEU A 1142 2.33 4.52 -15.77
CA LEU A 1142 1.81 3.41 -16.56
C LEU A 1142 1.97 2.07 -15.85
N GLY A 1143 2.92 1.95 -14.93
CA GLY A 1143 3.16 0.69 -14.27
C GLY A 1143 2.45 0.55 -12.95
N CYS A 1144 2.19 1.66 -12.26
CA CYS A 1144 1.58 1.63 -10.94
C CYS A 1144 0.13 2.06 -10.97
N MET A 1145 -0.16 3.25 -11.50
CA MET A 1145 -1.53 3.76 -11.51
C MET A 1145 -2.43 2.98 -12.46
N ILE A 1146 -1.85 2.31 -13.46
CA ILE A 1146 -2.60 1.54 -14.44
C ILE A 1146 -2.17 0.08 -14.46
N GLY A 1147 -0.86 -0.17 -14.47
CA GLY A 1147 -0.37 -1.53 -14.59
C GLY A 1147 -0.82 -2.42 -13.43
N LEU A 1148 -0.57 -1.95 -12.20
CA LEU A 1148 -0.91 -2.77 -11.04
C LEU A 1148 -2.39 -2.78 -10.72
N THR A 1149 -3.11 -1.77 -11.23
CA THR A 1149 -4.59 -1.70 -11.06
C THR A 1149 -5.18 -2.91 -11.79
N LEU A 1150 -4.59 -3.28 -12.93
CA LEU A 1150 -5.07 -4.40 -13.72
C LEU A 1150 -5.17 -5.66 -12.87
N PHE A 1151 -4.19 -5.89 -12.00
CA PHE A 1151 -4.24 -7.06 -11.12
C PHE A 1151 -5.46 -7.01 -10.22
N VAL A 1152 -5.73 -5.84 -9.62
CA VAL A 1152 -6.90 -5.69 -8.77
C VAL A 1152 -8.16 -5.99 -9.55
N GLY A 1153 -8.29 -5.40 -10.74
CA GLY A 1153 -9.49 -5.63 -11.54
C GLY A 1153 -9.67 -7.09 -11.88
N VAL A 1154 -8.60 -7.75 -12.32
CA VAL A 1154 -8.69 -9.14 -12.72
C VAL A 1154 -9.08 -10.01 -11.52
N VAL A 1155 -8.47 -9.75 -10.36
CA VAL A 1155 -8.76 -10.56 -9.18
C VAL A 1155 -10.22 -10.40 -8.79
N ILE A 1156 -10.71 -9.16 -8.76
CA ILE A 1156 -12.09 -8.93 -8.32
C ILE A 1156 -13.07 -9.52 -9.33
N ALA A 1157 -12.76 -9.42 -10.62
CA ALA A 1157 -13.65 -9.98 -11.64
C ALA A 1157 -13.70 -11.49 -11.52
N ASN A 1158 -12.55 -12.15 -11.32
CA ASN A 1158 -12.55 -13.59 -11.15
C ASN A 1158 -13.29 -13.99 -9.89
N PHE A 1159 -13.16 -13.21 -8.82
CA PHE A 1159 -13.91 -13.47 -7.60
C PHE A 1159 -15.41 -13.44 -7.86
N ASN A 1160 -15.88 -12.36 -8.51
CA ASN A 1160 -17.31 -12.25 -8.80
C ASN A 1160 -17.78 -13.37 -9.71
N GLU A 1161 -16.95 -13.76 -10.68
CA GLU A 1161 -17.32 -14.84 -11.59
C GLU A 1161 -17.46 -16.16 -10.83
N ASN A 1162 -16.49 -16.45 -9.95
CA ASN A 1162 -16.57 -17.67 -9.16
C ASN A 1162 -17.82 -17.67 -8.30
N LYS A 1163 -18.13 -16.53 -7.67
CA LYS A 1163 -19.31 -16.48 -6.81
C LYS A 1163 -20.61 -16.55 -7.60
N GLY A 1164 -20.60 -16.17 -8.87
CA GLY A 1164 -21.77 -16.33 -9.72
C GLY A 1164 -22.64 -15.09 -9.84
N THR A 1165 -22.05 -13.89 -9.80
CA THR A 1165 -22.80 -12.66 -9.96
C THR A 1165 -22.23 -11.79 -11.07
N ALA A 1166 -21.40 -12.36 -11.94
CA ALA A 1166 -20.77 -11.58 -13.01
C ALA A 1166 -21.70 -11.41 -14.21
N LEU A 1167 -22.54 -12.40 -14.50
CA LEU A 1167 -23.45 -12.34 -15.63
C LEU A 1167 -24.79 -11.74 -15.27
N LEU A 1168 -25.01 -11.38 -14.01
CA LEU A 1168 -26.26 -10.76 -13.57
C LEU A 1168 -26.18 -9.26 -13.74
N THR A 1169 -27.28 -8.67 -14.22
CA THR A 1169 -27.34 -7.23 -14.35
C THR A 1169 -27.32 -6.57 -12.97
N VAL A 1170 -27.10 -5.25 -12.97
CA VAL A 1170 -27.02 -4.54 -11.70
C VAL A 1170 -28.33 -4.66 -10.93
N ASP A 1171 -29.46 -4.61 -11.64
CA ASP A 1171 -30.75 -4.76 -10.97
C ASP A 1171 -30.88 -6.11 -10.30
N GLN A 1172 -30.38 -7.17 -10.95
CA GLN A 1172 -30.46 -8.50 -10.36
C GLN A 1172 -29.54 -8.62 -9.15
N ARG A 1173 -28.35 -8.01 -9.21
CA ARG A 1173 -27.48 -7.98 -8.04
C ARG A 1173 -28.15 -7.26 -6.88
N ARG A 1174 -28.79 -6.13 -7.17
CA ARG A 1174 -29.47 -5.38 -6.10
C ARG A 1174 -30.65 -6.18 -5.55
N TRP A 1175 -31.33 -6.93 -6.40
CA TRP A 1175 -32.42 -7.78 -5.91
C TRP A 1175 -31.89 -8.88 -5.00
N GLU A 1176 -30.76 -9.49 -5.37
CA GLU A 1176 -30.16 -10.50 -4.50
C GLU A 1176 -29.74 -9.91 -3.17
N ASP A 1177 -29.13 -8.72 -3.20
CA ASP A 1177 -28.74 -8.06 -1.96
C ASP A 1177 -29.95 -7.76 -1.09
N LEU A 1178 -31.03 -7.28 -1.70
CA LEU A 1178 -32.25 -7.01 -0.95
C LEU A 1178 -32.81 -8.30 -0.35
N LYS A 1179 -32.80 -9.39 -1.12
CA LYS A 1179 -33.28 -10.66 -0.58
C LYS A 1179 -32.48 -11.06 0.64
N SER A 1180 -31.15 -10.93 0.57
CA SER A 1180 -30.32 -11.26 1.73
C SER A 1180 -30.65 -10.36 2.92
N ARG A 1181 -30.79 -9.05 2.67
CA ARG A 1181 -31.05 -8.12 3.75
C ARG A 1181 -32.41 -8.38 4.41
N LEU A 1182 -33.40 -8.79 3.61
CA LEU A 1182 -34.71 -9.10 4.17
C LEU A 1182 -34.73 -10.45 4.86
N LYS A 1183 -33.86 -11.38 4.45
CA LYS A 1183 -33.75 -12.64 5.16
C LYS A 1183 -33.10 -12.45 6.52
N ILE A 1184 -32.04 -11.65 6.60
CA ILE A 1184 -31.38 -11.40 7.87
C ILE A 1184 -32.21 -10.51 8.78
N ALA A 1185 -33.22 -9.83 8.26
CA ALA A 1185 -34.04 -8.93 9.07
C ALA A 1185 -35.03 -9.73 9.91
N GLN A 1186 -35.35 -9.20 11.08
CA GLN A 1186 -36.27 -9.82 12.02
C GLN A 1186 -37.22 -8.75 12.55
N PRO A 1187 -38.33 -9.15 13.16
CA PRO A 1187 -39.28 -8.16 13.68
C PRO A 1187 -38.65 -7.31 14.78
N LEU A 1188 -39.07 -6.05 14.82
CA LEU A 1188 -38.64 -5.13 15.87
C LEU A 1188 -39.32 -5.53 17.17
N HIS A 1189 -38.56 -6.16 18.06
CA HIS A 1189 -39.11 -6.80 19.25
C HIS A 1189 -39.33 -5.84 20.42
N LEU A 1190 -39.24 -4.53 20.18
CA LEU A 1190 -39.46 -3.58 21.26
C LEU A 1190 -40.90 -3.69 21.76
N PRO A 1191 -41.14 -3.70 23.07
CA PRO A 1191 -42.50 -3.87 23.58
C PRO A 1191 -43.34 -2.63 23.34
N PRO A 1192 -44.65 -2.70 23.59
CA PRO A 1192 -45.50 -1.54 23.37
C PRO A 1192 -45.43 -0.55 24.51
N ARG A 1193 -46.05 0.61 24.30
CA ARG A 1193 -46.04 1.67 25.29
C ARG A 1193 -47.12 1.41 26.35
N PRO A 1194 -46.75 1.21 27.61
CA PRO A 1194 -47.78 0.94 28.64
C PRO A 1194 -48.77 2.08 28.74
N ASP A 1195 -49.83 1.83 29.52
CA ASP A 1195 -50.89 2.80 29.73
C ASP A 1195 -51.43 2.81 31.15
N ASN A 1196 -51.41 1.70 31.88
CA ASN A 1196 -51.99 1.66 33.21
C ASN A 1196 -51.24 2.58 34.18
N ASP A 1197 -49.93 2.73 34.00
CA ASP A 1197 -49.13 3.53 34.90
C ASP A 1197 -48.56 4.78 34.27
N GLY A 1198 -48.90 5.93 34.83
CA GLY A 1198 -48.34 7.18 34.32
C GLY A 1198 -46.83 7.26 34.46
N PHE A 1199 -46.28 6.57 35.46
CA PHE A 1199 -44.85 6.54 35.70
C PHE A 1199 -44.11 5.94 34.50
N ARG A 1200 -44.33 4.66 34.25
CA ARG A 1200 -43.64 3.98 33.16
C ARG A 1200 -44.01 4.59 31.82
N ALA A 1201 -45.27 4.99 31.65
CA ALA A 1201 -45.68 5.59 30.39
C ALA A 1201 -44.92 6.89 30.13
N LYS A 1202 -44.84 7.76 31.13
CA LYS A 1202 -44.12 9.01 30.98
C LYS A 1202 -42.66 8.75 30.66
N MET A 1203 -42.00 7.87 31.43
CA MET A 1203 -40.58 7.68 31.22
C MET A 1203 -40.30 6.93 29.91
N TYR A 1204 -41.26 6.15 29.42
CA TYR A 1204 -41.11 5.52 28.11
C TYR A 1204 -41.24 6.57 27.00
N ASP A 1205 -42.25 7.43 27.09
CA ASP A 1205 -42.35 8.53 26.14
C ASP A 1205 -41.08 9.37 26.14
N ILE A 1206 -40.47 9.56 27.31
CA ILE A 1206 -39.26 10.35 27.40
C ILE A 1206 -38.05 9.59 26.85
N THR A 1207 -38.06 8.26 26.96
CA THR A 1207 -36.91 7.48 26.53
C THR A 1207 -36.83 7.39 25.01
N GLN A 1208 -37.89 6.93 24.36
CA GLN A 1208 -37.88 6.68 22.92
C GLN A 1208 -37.98 7.95 22.10
N HIS A 1209 -37.85 9.12 22.71
CA HIS A 1209 -37.89 10.36 21.95
C HIS A 1209 -36.56 10.55 21.22
N PRO A 1210 -36.58 10.80 19.90
CA PRO A 1210 -35.30 10.94 19.18
C PRO A 1210 -34.35 11.94 19.81
N PHE A 1211 -34.87 13.02 20.40
CA PHE A 1211 -34.01 13.99 21.05
C PHE A 1211 -33.19 13.34 22.16
N PHE A 1212 -33.82 12.49 22.97
CA PHE A 1212 -33.11 11.80 24.04
C PHE A 1212 -32.04 10.87 23.47
N LYS A 1213 -32.36 10.17 22.37
CA LYS A 1213 -31.40 9.27 21.76
C LYS A 1213 -30.16 10.03 21.27
N ARG A 1214 -30.39 11.13 20.53
CA ARG A 1214 -29.24 11.89 20.03
C ARG A 1214 -28.49 12.57 21.16
N THR A 1215 -29.17 12.93 22.26
CA THR A 1215 -28.46 13.49 23.40
C THR A 1215 -27.56 12.44 24.04
N ILE A 1216 -28.05 11.21 24.20
CA ILE A 1216 -27.21 10.16 24.76
C ILE A 1216 -26.05 9.86 23.83
N ALA A 1217 -26.28 9.93 22.52
CA ALA A 1217 -25.20 9.73 21.56
C ALA A 1217 -24.14 10.82 21.71
N LEU A 1218 -24.56 12.06 21.82
CA LEU A 1218 -23.61 13.16 22.00
C LEU A 1218 -22.84 12.99 23.31
N LEU A 1219 -23.51 12.53 24.37
CA LEU A 1219 -22.83 12.32 25.64
C LEU A 1219 -21.80 11.21 25.53
N VAL A 1220 -22.13 10.13 24.81
CA VAL A 1220 -21.17 9.06 24.60
C VAL A 1220 -19.97 9.57 23.81
N LEU A 1221 -20.23 10.41 22.80
CA LEU A 1221 -19.14 10.96 22.00
C LEU A 1221 -18.28 11.91 22.82
N ALA A 1222 -18.87 12.63 23.77
CA ALA A 1222 -18.13 13.59 24.56
C ALA A 1222 -17.31 12.92 25.67
N GLN A 1223 -17.82 11.84 26.25
CA GLN A 1223 -17.07 11.16 27.30
C GLN A 1223 -15.73 10.65 26.78
N SER A 1224 -15.66 10.28 25.50
CA SER A 1224 -14.41 9.80 24.92
C SER A 1224 -13.36 10.90 24.85
N VAL A 1225 -13.77 12.16 24.84
CA VAL A 1225 -12.81 13.25 24.79
C VAL A 1225 -11.99 13.34 26.06
N LEU A 1226 -12.46 12.72 27.15
CA LEU A 1226 -11.69 12.70 28.38
C LEU A 1226 -10.39 11.93 28.24
N LEU A 1227 -10.30 11.05 27.25
CA LEU A 1227 -9.07 10.31 26.98
C LEU A 1227 -8.13 11.06 26.05
N SER A 1228 -8.37 12.34 25.82
CA SER A 1228 -7.47 13.13 24.97
C SER A 1228 -6.07 13.22 25.56
N VAL A 1229 -5.93 13.02 26.87
CA VAL A 1229 -4.65 13.07 27.55
C VAL A 1229 -4.46 11.75 28.29
N LYS A 1230 -3.21 11.30 28.37
CA LYS A 1230 -2.91 10.03 29.00
C LYS A 1230 -3.25 10.08 30.49
N TRP A 1231 -4.16 9.21 30.92
CA TRP A 1231 -4.49 9.08 32.34
C TRP A 1231 -3.27 8.53 33.07
N ASP A 1232 -2.66 9.36 33.91
CA ASP A 1232 -1.40 9.02 34.57
C ASP A 1232 -1.50 9.33 36.05
N VAL A 1233 -0.86 8.49 36.87
CA VAL A 1233 -0.78 8.78 38.29
C VAL A 1233 0.28 9.84 38.57
N GLU A 1234 1.30 9.92 37.72
CA GLU A 1234 2.32 10.96 37.86
C GLU A 1234 1.80 12.34 37.51
N ASP A 1235 0.62 12.45 36.92
CA ASP A 1235 0.11 13.69 36.37
C ASP A 1235 -1.13 14.17 37.13
N PRO A 1236 -1.28 15.48 37.33
CA PRO A 1236 -2.48 15.98 38.02
C PRO A 1236 -3.69 16.11 37.10
N VAL A 1237 -3.44 16.38 35.82
CA VAL A 1237 -4.54 16.55 34.88
C VAL A 1237 -5.44 15.34 34.84
N THR A 1238 -4.97 14.18 35.30
CA THR A 1238 -5.80 12.98 35.31
C THR A 1238 -6.90 13.07 36.36
N VAL A 1239 -6.59 13.65 37.53
CA VAL A 1239 -7.53 13.61 38.64
C VAL A 1239 -8.86 14.28 38.28
N PRO A 1240 -8.89 15.49 37.70
CA PRO A 1240 -10.18 16.04 37.28
C PRO A 1240 -10.87 15.19 36.22
N LEU A 1241 -10.18 14.91 35.12
CA LEU A 1241 -10.76 14.13 34.02
C LEU A 1241 -11.47 12.89 34.55
N ALA A 1242 -10.74 12.02 35.25
CA ALA A 1242 -11.34 10.83 35.83
C ALA A 1242 -12.62 11.18 36.58
N THR A 1243 -12.54 12.13 37.52
CA THR A 1243 -13.71 12.52 38.27
C THR A 1243 -14.85 12.91 37.34
N MET A 1244 -14.55 13.73 36.33
CA MET A 1244 -15.57 14.09 35.35
C MET A 1244 -16.22 12.84 34.77
N SER A 1245 -15.39 11.89 34.31
CA SER A 1245 -15.94 10.66 33.75
C SER A 1245 -16.90 9.99 34.72
N VAL A 1246 -16.56 10.01 36.01
CA VAL A 1246 -17.45 9.41 37.01
C VAL A 1246 -18.86 9.96 36.83
N VAL A 1247 -18.99 11.29 36.82
CA VAL A 1247 -20.29 11.92 36.58
C VAL A 1247 -20.93 11.29 35.35
N PHE A 1248 -20.22 11.31 34.22
CA PHE A 1248 -20.73 10.69 33.00
C PHE A 1248 -21.27 9.31 33.30
N THR A 1249 -20.46 8.45 33.92
CA THR A 1249 -20.92 7.11 34.24
C THR A 1249 -22.27 7.17 34.94
N PHE A 1250 -22.35 7.92 36.03
CA PHE A 1250 -23.60 8.02 36.76
C PHE A 1250 -24.74 8.43 35.82
N ILE A 1251 -24.52 9.46 35.02
CA ILE A 1251 -25.53 9.88 34.05
C ILE A 1251 -26.01 8.67 33.26
N PHE A 1252 -25.06 7.95 32.64
CA PHE A 1252 -25.42 6.80 31.83
C PHE A 1252 -26.29 5.83 32.62
N VAL A 1253 -25.91 5.56 33.87
CA VAL A 1253 -26.72 4.68 34.70
C VAL A 1253 -28.18 5.10 34.61
N LEU A 1254 -28.46 6.35 34.99
CA LEU A 1254 -29.82 6.87 34.94
C LEU A 1254 -30.48 6.51 33.62
N GLU A 1255 -29.84 6.86 32.51
CA GLU A 1255 -30.37 6.50 31.20
C GLU A 1255 -30.78 5.03 31.19
N VAL A 1256 -29.80 4.13 31.31
CA VAL A 1256 -30.11 2.71 31.35
C VAL A 1256 -31.25 2.45 32.34
N THR A 1257 -31.10 2.98 33.56
CA THR A 1257 -32.10 2.71 34.59
C THR A 1257 -33.49 3.10 34.11
N MET A 1258 -33.62 4.27 33.49
CA MET A 1258 -34.95 4.72 33.09
C MET A 1258 -35.56 3.75 32.09
N LYS A 1259 -34.80 3.25 31.14
CA LYS A 1259 -35.44 2.22 30.29
C LYS A 1259 -35.82 1.01 31.16
N ILE A 1260 -34.93 0.51 31.99
CA ILE A 1260 -35.35 -0.62 32.81
C ILE A 1260 -36.66 -0.31 33.51
N ILE A 1261 -37.05 0.96 33.57
CA ILE A 1261 -38.36 1.35 34.06
C ILE A 1261 -39.35 1.58 32.92
N ALA A 1262 -38.88 1.95 31.72
CA ALA A 1262 -39.78 2.21 30.62
C ALA A 1262 -40.31 0.91 30.02
N MET A 1263 -39.44 -0.08 29.84
CA MET A 1263 -39.77 -1.28 29.10
C MET A 1263 -39.71 -2.54 29.95
N SER A 1264 -39.35 -2.45 31.22
CA SER A 1264 -39.29 -3.60 32.11
C SER A 1264 -38.06 -4.43 31.77
N PRO A 1265 -37.40 -5.05 32.75
CA PRO A 1265 -36.23 -5.88 32.44
C PRO A 1265 -36.46 -6.86 31.29
N ALA A 1266 -37.64 -7.47 31.23
CA ALA A 1266 -37.94 -8.42 30.15
C ALA A 1266 -37.79 -7.76 28.79
N GLY A 1267 -38.29 -6.53 28.66
CA GLY A 1267 -38.21 -5.82 27.40
C GLY A 1267 -36.85 -5.22 27.15
N PHE A 1268 -36.23 -4.69 28.22
CA PHE A 1268 -34.90 -4.10 28.08
C PHE A 1268 -33.89 -5.13 27.62
N TRP A 1269 -33.95 -6.34 28.18
CA TRP A 1269 -33.07 -7.43 27.76
C TRP A 1269 -33.40 -7.96 26.37
N GLN A 1270 -34.45 -7.44 25.74
CA GLN A 1270 -34.84 -7.92 24.42
C GLN A 1270 -33.84 -7.49 23.35
N SER A 1271 -33.34 -6.27 23.45
CA SER A 1271 -32.42 -5.72 22.47
C SER A 1271 -30.99 -6.13 22.81
N ARG A 1272 -30.27 -6.64 21.80
CA ARG A 1272 -28.88 -7.04 22.00
C ARG A 1272 -27.95 -5.84 22.14
N ARG A 1273 -28.36 -4.65 21.71
CA ARG A 1273 -27.58 -3.45 21.96
C ARG A 1273 -27.64 -3.06 23.43
N ASN A 1274 -28.84 -3.14 24.02
CA ASN A 1274 -28.98 -2.82 25.44
C ASN A 1274 -28.18 -3.77 26.31
N ARG A 1275 -27.91 -4.99 25.82
CA ARG A 1275 -27.02 -5.89 26.55
C ARG A 1275 -25.64 -5.26 26.70
N TYR A 1276 -25.08 -4.77 25.59
CA TYR A 1276 -23.78 -4.11 25.63
C TYR A 1276 -23.84 -2.85 26.49
N ASP A 1277 -24.92 -2.08 26.37
CA ASP A 1277 -25.06 -0.88 27.17
C ASP A 1277 -25.00 -1.20 28.66
N LEU A 1278 -25.79 -2.19 29.10
CA LEU A 1278 -25.81 -2.55 30.51
C LEU A 1278 -24.47 -3.13 30.95
N LEU A 1279 -23.83 -3.92 30.08
CA LEU A 1279 -22.51 -4.46 30.39
C LEU A 1279 -21.53 -3.33 30.69
N VAL A 1280 -21.40 -2.38 29.77
CA VAL A 1280 -20.43 -1.31 29.94
C VAL A 1280 -20.81 -0.41 31.10
N THR A 1281 -22.11 -0.20 31.35
CA THR A 1281 -22.50 0.64 32.47
C THR A 1281 -22.19 -0.04 33.80
N SER A 1282 -22.38 -1.35 33.89
CA SER A 1282 -22.00 -2.07 35.09
C SER A 1282 -20.50 -2.02 35.32
N LEU A 1283 -19.72 -2.20 34.24
CA LEU A 1283 -18.28 -2.06 34.36
C LEU A 1283 -17.90 -0.66 34.83
N GLY A 1284 -18.60 0.37 34.35
CA GLY A 1284 -18.31 1.72 34.78
C GLY A 1284 -18.63 1.95 36.24
N VAL A 1285 -19.72 1.37 36.73
CA VAL A 1285 -20.04 1.50 38.15
C VAL A 1285 -18.99 0.79 38.99
N VAL A 1286 -18.60 -0.42 38.59
CA VAL A 1286 -17.54 -1.13 39.29
C VAL A 1286 -16.26 -0.29 39.30
N TRP A 1287 -15.97 0.38 38.20
CA TRP A 1287 -14.77 1.22 38.14
C TRP A 1287 -14.89 2.39 39.09
N VAL A 1288 -16.05 3.06 39.12
CA VAL A 1288 -16.22 4.18 40.02
C VAL A 1288 -15.96 3.74 41.46
N VAL A 1289 -16.52 2.59 41.83
CA VAL A 1289 -16.34 2.10 43.20
C VAL A 1289 -14.87 1.81 43.46
N LEU A 1290 -14.24 0.99 42.62
CA LEU A 1290 -12.85 0.61 42.83
C LEU A 1290 -11.91 1.81 42.78
N HIS A 1291 -12.31 2.88 42.08
CA HIS A 1291 -11.46 4.05 41.94
C HIS A 1291 -11.55 4.94 43.18
N PHE A 1292 -12.76 5.31 43.58
CA PHE A 1292 -12.91 6.09 44.80
C PHE A 1292 -12.80 5.23 46.05
N ALA A 1293 -12.39 3.97 45.91
CA ALA A 1293 -12.05 3.12 47.05
C ALA A 1293 -10.57 2.81 47.14
N LEU A 1294 -9.89 2.60 46.01
CA LEU A 1294 -8.46 2.31 45.99
C LEU A 1294 -7.64 3.42 45.37
N LEU A 1295 -7.97 3.85 44.15
CA LEU A 1295 -7.27 4.93 43.48
C LEU A 1295 -5.82 4.56 43.19
N ASN A 1296 -5.57 3.96 42.03
CA ASN A 1296 -4.23 3.58 41.62
C ASN A 1296 -4.19 3.51 40.09
N ALA A 1297 -3.02 3.18 39.55
CA ALA A 1297 -2.86 3.15 38.10
C ALA A 1297 -3.79 2.14 37.45
N TYR A 1298 -4.00 0.99 38.10
CA TYR A 1298 -4.88 -0.03 37.53
C TYR A 1298 -6.31 0.47 37.41
N THR A 1299 -6.76 1.26 38.40
CA THR A 1299 -8.10 1.83 38.31
C THR A 1299 -8.20 2.78 37.13
N TYR A 1300 -7.16 3.59 36.90
CA TYR A 1300 -7.19 4.51 35.76
C TYR A 1300 -7.20 3.75 34.45
N MET A 1301 -6.42 2.67 34.36
CA MET A 1301 -6.45 1.86 33.14
C MET A 1301 -7.84 1.24 32.92
N MET A 1302 -8.46 0.77 34.00
CA MET A 1302 -9.81 0.23 33.91
C MET A 1302 -10.80 1.30 33.44
N GLY A 1303 -10.69 2.51 33.98
CA GLY A 1303 -11.57 3.59 33.54
C GLY A 1303 -11.37 3.94 32.08
N ALA A 1304 -10.12 3.93 31.63
CA ALA A 1304 -9.85 4.20 30.22
C ALA A 1304 -10.45 3.11 29.34
N CYS A 1305 -10.31 1.84 29.74
CA CYS A 1305 -10.92 0.76 28.99
C CYS A 1305 -12.44 0.91 28.95
N VAL A 1306 -13.04 1.32 30.07
CA VAL A 1306 -14.49 1.49 30.11
C VAL A 1306 -14.92 2.61 29.16
N ILE A 1307 -14.17 3.71 29.14
CA ILE A 1307 -14.49 4.81 28.23
C ILE A 1307 -14.35 4.34 26.79
N VAL A 1308 -13.32 3.55 26.50
CA VAL A 1308 -13.13 3.07 25.13
C VAL A 1308 -14.28 2.18 24.71
N PHE A 1309 -14.76 1.32 25.61
CA PHE A 1309 -15.89 0.45 25.29
C PHE A 1309 -17.15 1.27 25.05
N ARG A 1310 -17.44 2.23 25.93
CA ARG A 1310 -18.63 3.03 25.74
C ARG A 1310 -18.54 3.90 24.50
N PHE A 1311 -17.33 4.25 24.06
CA PHE A 1311 -17.18 4.95 22.80
C PHE A 1311 -17.45 4.02 21.62
N PHE A 1312 -16.86 2.83 21.65
CA PHE A 1312 -17.16 1.85 20.61
C PHE A 1312 -18.65 1.58 20.51
N SER A 1313 -19.38 1.75 21.62
CA SER A 1313 -20.83 1.58 21.60
C SER A 1313 -21.53 2.54 20.65
N ILE A 1314 -20.85 3.60 20.20
CA ILE A 1314 -21.52 4.63 19.41
C ILE A 1314 -21.96 4.13 18.04
N CYS A 1315 -21.39 3.03 17.56
CA CYS A 1315 -21.77 2.54 16.24
C CYS A 1315 -23.21 2.04 16.20
N GLY A 1316 -23.81 1.74 17.36
CA GLY A 1316 -25.20 1.34 17.42
C GLY A 1316 -26.19 2.47 17.44
N LYS A 1317 -25.71 3.72 17.54
CA LYS A 1317 -26.60 4.87 17.53
C LYS A 1317 -26.83 5.42 16.13
N HIS A 1318 -25.87 5.21 15.23
CA HIS A 1318 -25.90 5.77 13.88
C HIS A 1318 -26.22 4.67 12.87
N VAL A 1319 -27.10 4.99 11.93
CA VAL A 1319 -27.57 3.99 10.97
C VAL A 1319 -26.44 3.60 10.01
N THR A 1320 -25.91 4.57 9.27
CA THR A 1320 -24.90 4.27 8.28
C THR A 1320 -23.61 3.77 8.93
N LEU A 1321 -23.27 4.31 10.11
CA LEU A 1321 -22.11 3.80 10.84
C LEU A 1321 -22.30 2.33 11.20
N LYS A 1322 -23.51 1.96 11.65
CA LYS A 1322 -23.78 0.57 11.95
C LYS A 1322 -23.66 -0.29 10.70
N MET A 1323 -24.21 0.19 9.58
CA MET A 1323 -24.11 -0.57 8.34
C MET A 1323 -22.65 -0.78 7.93
N LEU A 1324 -21.83 0.26 8.08
CA LEU A 1324 -20.44 0.16 7.64
C LEU A 1324 -19.64 -0.74 8.56
N LEU A 1325 -19.88 -0.68 9.87
CA LEU A 1325 -19.16 -1.58 10.76
C LEU A 1325 -19.62 -3.02 10.57
N LEU A 1326 -20.90 -3.21 10.26
CA LEU A 1326 -21.38 -4.54 9.87
C LEU A 1326 -20.64 -5.03 8.63
N THR A 1327 -20.52 -4.18 7.62
CA THR A 1327 -19.76 -4.52 6.42
C THR A 1327 -18.36 -4.98 6.81
N VAL A 1328 -17.67 -4.18 7.62
CA VAL A 1328 -16.27 -4.47 7.93
C VAL A 1328 -16.16 -5.79 8.69
N VAL A 1329 -16.99 -5.99 9.70
CA VAL A 1329 -16.85 -7.20 10.54
C VAL A 1329 -17.25 -8.44 9.75
N VAL A 1330 -18.28 -8.34 8.92
CA VAL A 1330 -18.69 -9.51 8.14
C VAL A 1330 -17.65 -9.82 7.06
N SER A 1331 -16.97 -8.80 6.54
CA SER A 1331 -15.87 -9.05 5.61
C SER A 1331 -14.72 -9.75 6.34
N MET A 1332 -14.38 -9.29 7.53
CA MET A 1332 -13.35 -9.94 8.32
C MET A 1332 -13.73 -11.40 8.59
N TYR A 1333 -15.00 -11.66 8.85
CA TYR A 1333 -15.44 -13.02 9.14
C TYR A 1333 -15.35 -13.91 7.91
N LYS A 1334 -15.93 -13.45 6.79
CA LYS A 1334 -15.90 -14.23 5.56
C LYS A 1334 -14.50 -14.30 4.95
N SER A 1335 -13.57 -13.46 5.38
CA SER A 1335 -12.20 -13.48 4.89
C SER A 1335 -11.31 -14.40 5.71
N PHE A 1336 -11.88 -15.15 6.65
CA PHE A 1336 -11.05 -15.91 7.59
C PHE A 1336 -10.11 -16.88 6.86
N PHE A 1337 -10.65 -17.65 5.91
CA PHE A 1337 -9.84 -18.67 5.27
C PHE A 1337 -8.79 -18.06 4.34
N ILE A 1338 -9.10 -16.92 3.72
CA ILE A 1338 -8.08 -16.24 2.91
C ILE A 1338 -6.95 -15.74 3.80
N ILE A 1339 -7.29 -15.17 4.95
CA ILE A 1339 -6.26 -14.74 5.90
C ILE A 1339 -5.43 -15.93 6.36
N VAL A 1340 -6.09 -17.07 6.58
CA VAL A 1340 -5.37 -18.25 7.05
C VAL A 1340 -4.42 -18.76 5.97
N GLY A 1341 -4.84 -18.74 4.71
CA GLY A 1341 -3.95 -19.14 3.64
C GLY A 1341 -2.78 -18.20 3.47
N MET A 1342 -3.04 -16.88 3.57
CA MET A 1342 -1.94 -15.92 3.56
C MET A 1342 -0.98 -16.18 4.69
N PHE A 1343 -1.49 -16.52 5.87
CA PHE A 1343 -0.61 -16.81 7.01
C PHE A 1343 0.20 -18.07 6.78
N LEU A 1344 -0.41 -19.08 6.14
CA LEU A 1344 0.34 -20.31 5.85
C LEU A 1344 1.47 -20.04 4.86
N LEU A 1345 1.18 -19.27 3.80
CA LEU A 1345 2.24 -18.90 2.87
C LEU A 1345 3.32 -18.10 3.58
N LEU A 1346 2.92 -17.15 4.43
CA LEU A 1346 3.88 -16.36 5.19
C LEU A 1346 4.71 -17.23 6.10
N LEU A 1347 4.14 -18.31 6.63
CA LEU A 1347 4.88 -19.19 7.54
C LEU A 1347 5.88 -20.03 6.78
N CYS A 1348 5.50 -20.56 5.62
CA CYS A 1348 6.46 -21.24 4.76
C CYS A 1348 7.62 -20.31 4.42
N TYR A 1349 7.30 -19.09 3.99
CA TYR A 1349 8.35 -18.13 3.65
C TYR A 1349 9.18 -17.77 4.87
N ALA A 1350 8.59 -17.75 6.05
CA ALA A 1350 9.33 -17.41 7.26
C ALA A 1350 10.33 -18.49 7.61
N PHE A 1351 9.92 -19.77 7.54
CA PHE A 1351 10.87 -20.85 7.76
C PHE A 1351 11.98 -20.80 6.72
N ALA A 1352 11.62 -20.62 5.45
CA ALA A 1352 12.62 -20.55 4.39
C ALA A 1352 13.60 -19.41 4.63
N GLY A 1353 13.10 -18.27 5.11
CA GLY A 1353 13.97 -17.15 5.36
C GLY A 1353 14.85 -17.33 6.58
N VAL A 1354 14.34 -17.99 7.61
CA VAL A 1354 15.16 -18.28 8.78
C VAL A 1354 16.28 -19.23 8.39
N VAL A 1355 16.04 -20.14 7.43
CA VAL A 1355 17.10 -21.04 7.03
C VAL A 1355 18.04 -20.41 5.99
N LEU A 1356 17.58 -19.43 5.22
CA LEU A 1356 18.40 -18.81 4.18
C LEU A 1356 19.21 -17.63 4.72
N PHE A 1357 18.53 -16.63 5.27
CA PHE A 1357 19.17 -15.41 5.75
C PHE A 1357 19.16 -15.32 7.28
N GLY A 1358 19.14 -16.47 7.95
CA GLY A 1358 19.10 -16.46 9.41
C GLY A 1358 20.28 -15.75 10.03
N THR A 1359 21.44 -15.80 9.39
CA THR A 1359 22.65 -15.14 9.87
C THR A 1359 23.18 -14.30 8.70
N VAL A 1360 22.66 -13.09 8.56
CA VAL A 1360 23.07 -12.15 7.52
C VAL A 1360 23.58 -10.89 8.21
N LYS A 1361 24.77 -10.45 7.81
CA LYS A 1361 25.36 -9.26 8.42
C LYS A 1361 24.37 -8.09 8.35
N TYR A 1362 24.28 -7.35 9.46
CA TYR A 1362 23.40 -6.19 9.50
C TYR A 1362 23.81 -5.20 8.42
N GLY A 1363 22.82 -4.73 7.66
CA GLY A 1363 23.07 -3.80 6.58
C GLY A 1363 22.23 -2.54 6.67
N GLU A 1364 21.62 -2.17 5.54
CA GLU A 1364 20.82 -0.96 5.51
C GLU A 1364 19.58 -1.07 6.38
N ASN A 1365 18.79 -2.13 6.18
CA ASN A 1365 17.54 -2.31 6.91
C ASN A 1365 17.52 -3.54 7.80
N ILE A 1366 18.38 -4.52 7.56
CA ILE A 1366 18.53 -5.66 8.47
C ILE A 1366 19.22 -5.14 9.73
N ASN A 1367 18.46 -5.02 10.82
CA ASN A 1367 18.94 -4.38 12.04
C ASN A 1367 18.47 -5.21 13.22
N ARG A 1368 18.48 -4.60 14.41
CA ARG A 1368 18.03 -5.29 15.61
C ARG A 1368 16.55 -5.68 15.50
N HIS A 1369 15.78 -4.91 14.73
CA HIS A 1369 14.35 -5.17 14.59
C HIS A 1369 14.05 -6.10 13.42
N ALA A 1370 14.68 -5.85 12.27
CA ALA A 1370 14.45 -6.65 11.08
C ALA A 1370 15.50 -7.75 11.01
N ASN A 1371 15.09 -9.00 11.24
CA ASN A 1371 16.00 -10.13 11.24
C ASN A 1371 15.28 -11.36 10.73
N PHE A 1372 16.06 -12.41 10.50
CA PHE A 1372 15.53 -13.74 10.25
C PHE A 1372 16.13 -14.77 11.20
N SER A 1373 16.68 -14.31 12.34
CA SER A 1373 17.31 -15.22 13.29
C SER A 1373 16.31 -16.12 13.98
N SER A 1374 15.05 -15.71 14.07
CA SER A 1374 14.00 -16.51 14.70
C SER A 1374 12.82 -16.61 13.74
N ALA A 1375 11.92 -17.56 14.04
CA ALA A 1375 10.71 -17.68 13.24
C ALA A 1375 9.78 -16.50 13.46
N GLY A 1376 9.72 -15.99 14.69
CA GLY A 1376 8.87 -14.84 14.96
C GLY A 1376 9.41 -13.58 14.32
N LYS A 1377 10.74 -13.43 14.36
CA LYS A 1377 11.42 -12.26 13.74
C LYS A 1377 11.14 -12.29 12.24
N ALA A 1378 11.20 -13.48 11.63
CA ALA A 1378 10.92 -13.65 10.21
C ALA A 1378 9.46 -13.35 9.89
N ILE A 1379 8.54 -13.83 10.73
CA ILE A 1379 7.12 -13.58 10.51
C ILE A 1379 6.85 -12.08 10.54
N THR A 1380 7.42 -11.38 11.52
CA THR A 1380 7.15 -9.96 11.65
C THR A 1380 7.76 -9.16 10.49
N VAL A 1381 8.98 -9.49 10.09
CA VAL A 1381 9.60 -8.76 8.98
C VAL A 1381 8.86 -9.06 7.68
N LEU A 1382 8.32 -10.28 7.52
CA LEU A 1382 7.54 -10.57 6.33
C LEU A 1382 6.23 -9.81 6.33
N PHE A 1383 5.56 -9.71 7.49
CA PHE A 1383 4.36 -8.91 7.57
C PHE A 1383 4.66 -7.45 7.24
N ARG A 1384 5.79 -6.93 7.70
CA ARG A 1384 6.21 -5.60 7.30
C ARG A 1384 6.39 -5.51 5.79
N ILE A 1385 7.00 -6.54 5.20
CA ILE A 1385 7.24 -6.55 3.75
C ILE A 1385 5.92 -6.55 2.99
N VAL A 1386 4.87 -7.16 3.55
CA VAL A 1386 3.58 -7.15 2.89
C VAL A 1386 3.13 -5.72 2.61
N THR A 1387 3.44 -4.80 3.52
CA THR A 1387 3.14 -3.38 3.31
C THR A 1387 4.17 -2.69 2.44
N GLY A 1388 5.22 -3.39 2.02
CA GLY A 1388 6.24 -2.81 1.17
C GLY A 1388 7.17 -1.84 1.85
N GLU A 1389 7.10 -1.70 3.17
CA GLU A 1389 7.91 -0.69 3.85
C GLU A 1389 9.39 -1.02 3.73
N ASP A 1390 10.03 -0.51 2.67
CA ASP A 1390 11.45 -0.70 2.43
C ASP A 1390 11.80 -2.19 2.35
N TRP A 1391 11.04 -2.92 1.52
CA TRP A 1391 11.32 -4.33 1.32
C TRP A 1391 12.48 -4.56 0.38
N ASN A 1392 12.65 -3.70 -0.63
CA ASN A 1392 13.79 -3.84 -1.53
C ASN A 1392 15.11 -3.61 -0.81
N LYS A 1393 15.13 -2.73 0.18
CA LYS A 1393 16.34 -2.53 0.97
C LYS A 1393 16.70 -3.80 1.72
N ILE A 1394 15.72 -4.48 2.31
CA ILE A 1394 15.98 -5.74 2.99
C ILE A 1394 16.45 -6.78 2.00
N MET A 1395 15.82 -6.83 0.82
CA MET A 1395 16.25 -7.77 -0.22
C MET A 1395 17.72 -7.56 -0.56
N HIS A 1396 18.12 -6.30 -0.80
CA HIS A 1396 19.50 -6.02 -1.14
C HIS A 1396 20.44 -6.29 0.03
N ASP A 1397 19.94 -6.16 1.26
CA ASP A 1397 20.75 -6.51 2.43
C ASP A 1397 21.01 -8.00 2.48
N CYS A 1398 20.01 -8.82 2.17
CA CYS A 1398 20.20 -10.26 2.15
C CYS A 1398 20.96 -10.74 0.91
N MET A 1399 21.28 -9.86 -0.02
CA MET A 1399 22.10 -10.21 -1.18
C MET A 1399 23.58 -10.01 -0.95
N VAL A 1400 23.99 -9.62 0.26
CA VAL A 1400 25.39 -9.29 0.50
C VAL A 1400 26.27 -10.51 0.26
N GLN A 1401 27.38 -10.30 -0.43
CA GLN A 1401 28.37 -11.34 -0.71
C GLN A 1401 29.76 -10.75 -0.52
N PRO A 1402 30.80 -11.56 -0.45
CA PRO A 1402 32.15 -11.02 -0.28
C PRO A 1402 32.47 -10.02 -1.37
N PRO A 1403 33.39 -9.07 -1.11
CA PRO A 1403 34.18 -8.92 0.11
C PRO A 1403 33.44 -8.20 1.24
N PHE A 1404 32.12 -8.14 1.18
CA PHE A 1404 31.33 -7.48 2.20
C PHE A 1404 30.93 -8.41 3.35
N CYS A 1405 31.34 -9.67 3.31
CA CYS A 1405 31.03 -10.61 4.37
C CYS A 1405 32.07 -11.72 4.35
N THR A 1406 32.19 -12.41 5.50
CA THR A 1406 33.14 -13.50 5.63
C THR A 1406 32.44 -14.81 5.30
N PRO A 1407 32.80 -15.49 4.22
CA PRO A 1407 32.15 -16.77 3.90
C PRO A 1407 32.75 -17.92 4.69
N ASP A 1408 32.09 -19.07 4.61
CA ASP A 1408 32.55 -20.29 5.27
C ASP A 1408 32.27 -21.47 4.36
N GLU A 1409 33.20 -22.42 4.34
CA GLU A 1409 33.10 -23.59 3.48
C GLU A 1409 32.40 -24.76 4.14
N PHE A 1410 32.13 -24.70 5.44
CA PHE A 1410 31.59 -25.84 6.17
C PHE A 1410 30.09 -25.73 6.34
N THR A 1411 29.65 -24.84 7.23
CA THR A 1411 28.25 -24.68 7.57
C THR A 1411 27.72 -23.35 7.04
N TYR A 1412 26.39 -23.23 7.03
CA TYR A 1412 25.76 -21.97 6.66
C TYR A 1412 25.47 -21.09 7.86
N TRP A 1413 25.42 -21.66 9.06
CA TRP A 1413 25.21 -20.88 10.27
C TRP A 1413 26.51 -20.31 10.84
N ALA A 1414 27.64 -20.52 10.16
CA ALA A 1414 28.93 -19.97 10.57
C ALA A 1414 29.46 -18.99 9.54
N THR A 1415 28.55 -18.23 8.91
CA THR A 1415 28.92 -17.24 7.91
C THR A 1415 27.92 -16.11 7.96
N ASP A 1416 28.42 -14.88 7.78
CA ASP A 1416 27.57 -13.70 7.78
C ASP A 1416 27.16 -13.28 6.38
N CYS A 1417 27.30 -14.16 5.39
CA CYS A 1417 26.95 -13.85 4.01
C CYS A 1417 25.48 -14.18 3.75
N GLY A 1418 24.97 -13.65 2.63
CA GLY A 1418 23.61 -13.87 2.21
C GLY A 1418 23.53 -14.79 1.01
N ASN A 1419 22.42 -14.67 0.28
CA ASN A 1419 22.18 -15.45 -0.92
C ASN A 1419 21.62 -14.52 -1.99
N TYR A 1420 22.38 -14.30 -3.05
CA TYR A 1420 21.98 -13.36 -4.09
C TYR A 1420 20.72 -13.84 -4.80
N ALA A 1421 20.85 -14.90 -5.60
CA ALA A 1421 19.70 -15.42 -6.33
C ALA A 1421 18.61 -15.90 -5.37
N GLY A 1422 19.02 -16.51 -4.25
CA GLY A 1422 18.04 -16.93 -3.27
C GLY A 1422 17.22 -15.78 -2.74
N ALA A 1423 17.88 -14.68 -2.40
CA ALA A 1423 17.17 -13.50 -1.91
C ALA A 1423 16.27 -12.92 -2.99
N LEU A 1424 16.78 -12.80 -4.21
CA LEU A 1424 15.96 -12.29 -5.31
C LEU A 1424 14.68 -13.10 -5.44
N MET A 1425 14.81 -14.42 -5.62
CA MET A 1425 13.65 -15.29 -5.72
C MET A 1425 12.71 -15.09 -4.54
N TYR A 1426 13.22 -15.33 -3.33
CA TYR A 1426 12.43 -15.21 -2.11
C TYR A 1426 11.61 -13.92 -2.11
N PHE A 1427 12.28 -12.78 -2.14
CA PHE A 1427 11.60 -11.51 -1.90
C PHE A 1427 10.68 -11.15 -3.05
N CYS A 1428 11.14 -11.31 -4.29
CA CYS A 1428 10.29 -10.97 -5.43
C CYS A 1428 9.03 -11.81 -5.46
N SER A 1429 9.17 -13.13 -5.28
CA SER A 1429 8.01 -14.00 -5.32
C SER A 1429 7.06 -13.69 -4.17
N PHE A 1430 7.59 -13.50 -2.96
CA PHE A 1430 6.72 -13.21 -1.83
C PHE A 1430 5.94 -11.92 -2.08
N TYR A 1431 6.63 -10.85 -2.47
CA TYR A 1431 5.95 -9.59 -2.70
C TYR A 1431 4.87 -9.74 -3.76
N VAL A 1432 5.23 -10.29 -4.93
CA VAL A 1432 4.25 -10.48 -5.98
C VAL A 1432 3.03 -11.21 -5.43
N ILE A 1433 3.25 -12.44 -4.97
CA ILE A 1433 2.13 -13.31 -4.57
C ILE A 1433 1.24 -12.62 -3.56
N ILE A 1434 1.83 -12.07 -2.50
CA ILE A 1434 1.03 -11.53 -1.41
C ILE A 1434 0.38 -10.21 -1.81
N ALA A 1435 1.19 -9.21 -2.14
CA ALA A 1435 0.66 -7.88 -2.36
C ALA A 1435 -0.17 -7.80 -3.63
N TYR A 1436 0.37 -8.24 -4.76
CA TYR A 1436 -0.28 -8.00 -6.04
C TYR A 1436 -1.46 -8.92 -6.30
N ILE A 1437 -1.60 -10.03 -5.57
CA ILE A 1437 -2.65 -10.99 -5.86
C ILE A 1437 -3.55 -11.21 -4.64
N MET A 1438 -3.02 -11.86 -3.61
CA MET A 1438 -3.88 -12.30 -2.51
C MET A 1438 -4.43 -11.14 -1.72
N LEU A 1439 -3.69 -10.03 -1.60
CA LEU A 1439 -4.19 -8.90 -0.83
C LEU A 1439 -5.44 -8.32 -1.49
N ASN A 1440 -5.56 -8.42 -2.81
CA ASN A 1440 -6.76 -7.94 -3.46
C ASN A 1440 -7.98 -8.82 -3.17
N LEU A 1441 -7.76 -10.08 -2.80
CA LEU A 1441 -8.90 -10.96 -2.51
C LEU A 1441 -9.77 -10.36 -1.41
N LEU A 1442 -9.15 -9.71 -0.43
CA LEU A 1442 -9.92 -9.02 0.60
C LEU A 1442 -10.76 -7.90 0.00
N VAL A 1443 -10.13 -7.06 -0.84
CA VAL A 1443 -10.85 -5.98 -1.50
C VAL A 1443 -12.17 -6.49 -2.05
N ALA A 1444 -12.09 -7.51 -2.91
CA ALA A 1444 -13.28 -8.10 -3.49
C ALA A 1444 -14.35 -8.36 -2.43
N ILE A 1445 -13.98 -9.13 -1.40
CA ILE A 1445 -14.94 -9.47 -0.36
C ILE A 1445 -15.62 -8.21 0.18
N ILE A 1446 -14.82 -7.18 0.49
CA ILE A 1446 -15.41 -5.93 0.95
C ILE A 1446 -16.45 -5.44 -0.06
N VAL A 1447 -16.01 -5.24 -1.30
CA VAL A 1447 -16.85 -4.71 -2.36
C VAL A 1447 -18.14 -5.52 -2.42
N GLU A 1448 -18.08 -6.77 -1.98
CA GLU A 1448 -19.29 -7.59 -1.90
C GLU A 1448 -20.14 -7.18 -0.71
N ASN A 1449 -19.65 -7.47 0.50
CA ASN A 1449 -20.49 -7.28 1.69
C ASN A 1449 -20.94 -5.83 1.83
N PHE A 1450 -20.14 -4.88 1.33
CA PHE A 1450 -20.60 -3.50 1.29
C PHE A 1450 -21.97 -3.41 0.64
N SER A 1451 -22.07 -3.80 -0.64
CA SER A 1451 -23.35 -3.75 -1.32
C SER A 1451 -24.39 -4.62 -0.64
N LEU A 1452 -23.97 -5.55 0.22
CA LEU A 1452 -24.91 -6.41 0.90
C LEU A 1452 -25.55 -5.73 2.10
N PHE A 1453 -24.85 -4.80 2.74
CA PHE A 1453 -25.33 -4.17 3.96
C PHE A 1453 -25.69 -2.70 3.79
N TYR A 1454 -24.88 -1.94 3.06
CA TYR A 1454 -25.18 -0.54 2.83
C TYR A 1454 -26.29 -0.42 1.80
N SER A 1455 -27.27 0.44 2.08
CA SER A 1455 -28.38 0.67 1.18
C SER A 1455 -28.84 2.11 1.30
N THR A 1456 -29.41 2.62 0.21
CA THR A 1456 -29.93 3.98 0.16
C THR A 1456 -31.37 3.96 -0.35
N GLU A 1457 -32.10 5.02 -0.02
CA GLU A 1457 -33.48 5.14 -0.47
C GLU A 1457 -33.52 5.15 -1.99
N GLU A 1458 -34.18 4.14 -2.58
CA GLU A 1458 -34.34 4.03 -4.01
C GLU A 1458 -35.81 4.05 -4.37
N ASP A 1459 -36.09 4.15 -5.67
CA ASP A 1459 -37.45 4.15 -6.18
C ASP A 1459 -37.85 2.80 -6.77
N GLN A 1460 -37.03 1.77 -6.58
CA GLN A 1460 -37.28 0.46 -7.16
C GLN A 1460 -37.32 -0.68 -6.15
N LEU A 1461 -36.73 -0.52 -4.97
CA LEU A 1461 -36.64 -1.58 -3.98
C LEU A 1461 -37.17 -1.07 -2.64
N LEU A 1462 -37.04 -1.91 -1.62
CA LEU A 1462 -37.42 -1.53 -0.27
C LEU A 1462 -36.27 -0.80 0.40
N SER A 1463 -36.57 0.33 1.01
CA SER A 1463 -35.56 1.12 1.71
C SER A 1463 -35.45 0.70 3.17
N TYR A 1464 -34.36 1.10 3.81
CA TYR A 1464 -34.23 0.92 5.25
C TYR A 1464 -35.39 1.59 5.98
N ASN A 1465 -35.73 2.81 5.58
CA ASN A 1465 -36.91 3.46 6.12
C ASN A 1465 -38.15 2.61 5.90
N ASP A 1466 -38.28 2.02 4.71
CA ASP A 1466 -39.46 1.22 4.40
C ASP A 1466 -39.57 0.02 5.34
N LEU A 1467 -38.46 -0.70 5.54
CA LEU A 1467 -38.53 -1.89 6.37
C LEU A 1467 -38.68 -1.54 7.85
N ARG A 1468 -38.10 -0.43 8.30
CA ARG A 1468 -38.33 0.00 9.67
C ARG A 1468 -39.78 0.37 9.89
N HIS A 1469 -40.38 1.09 8.93
CA HIS A 1469 -41.80 1.40 9.02
C HIS A 1469 -42.65 0.14 9.00
N PHE A 1470 -42.24 -0.85 8.21
CA PHE A 1470 -42.97 -2.12 8.18
C PHE A 1470 -42.89 -2.83 9.52
N GLN A 1471 -41.72 -2.83 10.14
CA GLN A 1471 -41.60 -3.44 11.48
C GLN A 1471 -42.45 -2.69 12.49
N ILE A 1472 -42.47 -1.36 12.41
CA ILE A 1472 -43.29 -0.56 13.32
C ILE A 1472 -44.76 -0.94 13.18
N ILE A 1473 -45.25 -0.95 11.94
CA ILE A 1473 -46.66 -1.26 11.71
C ILE A 1473 -46.96 -2.72 12.04
N TRP A 1474 -45.97 -3.60 11.90
CA TRP A 1474 -46.17 -5.00 12.28
C TRP A 1474 -46.36 -5.14 13.78
N ASN A 1475 -45.50 -4.49 14.57
CA ASN A 1475 -45.70 -4.48 16.01
C ASN A 1475 -47.00 -3.79 16.38
N MET A 1476 -47.42 -2.80 15.58
CA MET A 1476 -48.65 -2.08 15.87
C MET A 1476 -49.87 -2.97 15.65
N VAL A 1477 -49.85 -3.76 14.58
CA VAL A 1477 -51.00 -4.61 14.23
C VAL A 1477 -50.95 -5.98 14.87
N ASP A 1478 -49.84 -6.34 15.53
CA ASP A 1478 -49.67 -7.66 16.13
C ASP A 1478 -49.24 -7.46 17.58
N ASP A 1479 -50.21 -7.32 18.49
CA ASP A 1479 -49.89 -7.19 19.91
C ASP A 1479 -49.12 -8.41 20.39
N LYS A 1480 -49.51 -9.60 19.93
CA LYS A 1480 -48.76 -10.80 20.24
C LYS A 1480 -47.35 -10.69 19.65
N ARG A 1481 -46.46 -11.56 20.14
CA ARG A 1481 -45.08 -11.59 19.65
C ARG A 1481 -44.69 -12.98 19.16
N GLU A 1482 -45.66 -13.79 18.74
CA GLU A 1482 -45.38 -15.10 18.18
C GLU A 1482 -44.71 -15.03 16.81
N GLY A 1483 -44.72 -13.86 16.18
CA GLY A 1483 -44.15 -13.71 14.84
C GLY A 1483 -45.10 -14.05 13.72
N VAL A 1484 -46.22 -14.70 14.00
CA VAL A 1484 -47.20 -15.09 13.00
C VAL A 1484 -48.43 -14.20 13.15
N ILE A 1485 -49.06 -13.88 12.04
CA ILE A 1485 -50.24 -13.02 12.01
C ILE A 1485 -51.35 -13.77 11.28
N PRO A 1486 -52.57 -13.83 11.84
CA PRO A 1486 -53.66 -14.52 11.12
C PRO A 1486 -53.89 -13.90 9.75
N THR A 1487 -54.37 -14.75 8.83
CA THR A 1487 -54.60 -14.29 7.46
C THR A 1487 -55.68 -13.22 7.38
N PHE A 1488 -56.57 -13.14 8.38
CA PHE A 1488 -57.58 -12.08 8.37
C PHE A 1488 -57.03 -10.78 8.93
N ARG A 1489 -56.01 -10.85 9.79
CA ARG A 1489 -55.33 -9.66 10.27
C ARG A 1489 -54.34 -9.11 9.24
N VAL A 1490 -54.08 -9.83 8.16
CA VAL A 1490 -53.20 -9.31 7.11
C VAL A 1490 -53.87 -8.14 6.40
N LYS A 1491 -55.19 -8.22 6.22
CA LYS A 1491 -55.91 -7.07 5.66
C LYS A 1491 -55.80 -5.87 6.59
N PHE A 1492 -55.83 -6.12 7.90
CA PHE A 1492 -55.63 -5.04 8.86
C PHE A 1492 -54.23 -4.44 8.72
N LEU A 1493 -53.21 -5.29 8.60
CA LEU A 1493 -51.86 -4.80 8.42
C LEU A 1493 -51.74 -3.95 7.16
N LEU A 1494 -52.36 -4.39 6.06
CA LEU A 1494 -52.28 -3.64 4.81
C LEU A 1494 -53.00 -2.31 4.93
N ARG A 1495 -54.24 -2.32 5.41
CA ARG A 1495 -54.97 -1.07 5.63
C ARG A 1495 -54.16 -0.12 6.50
N LEU A 1496 -53.47 -0.65 7.50
CA LEU A 1496 -52.71 0.16 8.44
C LEU A 1496 -51.35 0.60 7.88
N LEU A 1497 -50.91 0.00 6.78
CA LEU A 1497 -49.60 0.32 6.22
C LEU A 1497 -49.65 1.68 5.54
N ARG A 1498 -48.90 2.64 6.07
CA ARG A 1498 -48.81 3.99 5.53
C ARG A 1498 -47.40 4.25 5.01
N GLY A 1499 -47.18 5.47 4.54
CA GLY A 1499 -45.87 5.86 4.06
C GLY A 1499 -45.65 5.53 2.59
N ARG A 1500 -44.46 5.05 2.27
CA ARG A 1500 -44.11 4.69 0.89
C ARG A 1500 -44.70 3.35 0.48
N LEU A 1501 -45.45 2.67 1.35
CA LEU A 1501 -46.02 1.37 1.04
C LEU A 1501 -47.54 1.37 1.20
N GLU A 1502 -48.18 2.54 1.22
CA GLU A 1502 -49.61 2.60 1.41
C GLU A 1502 -50.33 2.00 0.21
N VAL A 1503 -51.27 1.10 0.48
CA VAL A 1503 -52.11 0.51 -0.57
C VAL A 1503 -53.50 1.12 -0.44
N ASP A 1504 -53.73 2.24 -1.12
CA ASP A 1504 -54.98 2.97 -1.01
C ASP A 1504 -56.15 2.09 -1.45
N LEU A 1505 -57.11 1.90 -0.55
CA LEU A 1505 -58.31 1.13 -0.89
C LEU A 1505 -59.33 1.95 -1.67
N ASP A 1506 -59.27 3.28 -1.56
CA ASP A 1506 -60.22 4.12 -2.28
C ASP A 1506 -59.88 4.20 -3.77
N LYS A 1507 -58.60 4.07 -4.12
CA LYS A 1507 -58.17 4.15 -5.50
C LYS A 1507 -57.49 2.89 -6.01
N ASP A 1508 -56.95 2.04 -5.13
CA ASP A 1508 -56.27 0.80 -5.51
C ASP A 1508 -56.87 -0.35 -4.70
N LYS A 1509 -58.10 -0.74 -5.06
CA LYS A 1509 -58.71 -1.91 -4.43
C LYS A 1509 -58.17 -3.21 -5.02
N LEU A 1510 -57.75 -3.19 -6.28
CA LEU A 1510 -57.27 -4.40 -6.93
C LEU A 1510 -55.96 -4.89 -6.32
N LEU A 1511 -55.01 -3.97 -6.09
CA LEU A 1511 -53.75 -4.37 -5.47
C LEU A 1511 -53.99 -4.92 -4.07
N PHE A 1512 -54.86 -4.26 -3.31
CA PHE A 1512 -55.17 -4.73 -1.96
C PHE A 1512 -55.77 -6.13 -1.98
N LYS A 1513 -56.75 -6.35 -2.86
CA LYS A 1513 -57.38 -7.66 -2.96
C LYS A 1513 -56.36 -8.72 -3.37
N HIS A 1514 -55.49 -8.38 -4.32
CA HIS A 1514 -54.51 -9.35 -4.79
C HIS A 1514 -53.54 -9.72 -3.67
N MET A 1515 -53.04 -8.73 -2.93
CA MET A 1515 -52.11 -9.01 -1.84
C MET A 1515 -52.77 -9.83 -0.74
N CYS A 1516 -54.04 -9.51 -0.43
CA CYS A 1516 -54.76 -10.26 0.59
C CYS A 1516 -54.95 -11.71 0.16
N TYR A 1517 -55.38 -11.93 -1.09
CA TYR A 1517 -55.55 -13.29 -1.58
C TYR A 1517 -54.21 -14.02 -1.60
N GLU A 1518 -53.12 -13.32 -1.89
CA GLU A 1518 -51.81 -13.97 -1.91
C GLU A 1518 -51.39 -14.41 -0.52
N MET A 1519 -51.60 -13.55 0.49
CA MET A 1519 -51.27 -13.96 1.85
C MET A 1519 -52.25 -14.99 2.40
N GLU A 1520 -53.43 -15.11 1.80
CA GLU A 1520 -54.39 -16.13 2.20
C GLU A 1520 -54.18 -17.47 1.49
N ARG A 1521 -53.50 -17.46 0.34
CA ARG A 1521 -53.27 -18.67 -0.43
C ARG A 1521 -51.89 -19.29 -0.17
N LEU A 1522 -50.92 -18.49 0.27
CA LEU A 1522 -49.59 -19.01 0.53
C LEU A 1522 -49.64 -20.32 1.32
N HIS A 1523 -50.61 -20.34 2.23
CA HIS A 1523 -50.85 -21.51 3.10
C HIS A 1523 -52.35 -21.81 3.03
N ASN A 1524 -52.73 -23.06 3.19
CA ASN A 1524 -54.16 -23.38 3.17
C ASN A 1524 -54.82 -22.82 4.41
N GLY A 1525 -54.96 -21.48 4.47
CA GLY A 1525 -55.55 -20.81 5.60
C GLY A 1525 -54.63 -20.59 6.77
N GLY A 1526 -53.46 -21.21 6.78
CA GLY A 1526 -52.56 -21.05 7.91
C GLY A 1526 -52.08 -19.61 8.05
N ASP A 1527 -51.93 -19.17 9.29
CA ASP A 1527 -51.45 -17.82 9.54
C ASP A 1527 -50.06 -17.64 8.96
N VAL A 1528 -49.85 -16.51 8.29
CA VAL A 1528 -48.61 -16.24 7.58
C VAL A 1528 -47.51 -15.86 8.56
N THR A 1529 -46.36 -15.46 8.04
CA THR A 1529 -45.20 -15.10 8.85
C THR A 1529 -44.76 -13.68 8.51
N PHE A 1530 -44.01 -13.08 9.43
CA PHE A 1530 -43.44 -11.76 9.18
C PHE A 1530 -42.65 -11.75 7.87
N HIS A 1531 -41.75 -12.72 7.70
CA HIS A 1531 -40.98 -12.79 6.47
C HIS A 1531 -41.86 -13.03 5.26
N ASP A 1532 -43.00 -13.70 5.44
CA ASP A 1532 -43.90 -13.93 4.31
C ASP A 1532 -44.47 -12.63 3.78
N VAL A 1533 -45.03 -11.80 4.66
CA VAL A 1533 -45.56 -10.51 4.25
C VAL A 1533 -44.44 -9.62 3.73
N LEU A 1534 -43.25 -9.72 4.33
CA LEU A 1534 -42.14 -8.89 3.88
C LEU A 1534 -41.72 -9.28 2.46
N SER A 1535 -41.70 -10.58 2.16
CA SER A 1535 -41.35 -11.02 0.81
C SER A 1535 -42.44 -10.63 -0.18
N MET A 1536 -43.70 -10.71 0.24
CA MET A 1536 -44.78 -10.22 -0.62
C MET A 1536 -44.55 -8.76 -0.99
N LEU A 1537 -44.30 -7.91 0.02
CA LEU A 1537 -44.08 -6.50 -0.26
C LEU A 1537 -42.84 -6.28 -1.11
N SER A 1538 -41.79 -7.08 -0.91
CA SER A 1538 -40.59 -6.93 -1.71
C SER A 1538 -40.88 -7.25 -3.17
N TYR A 1539 -41.58 -8.35 -3.43
CA TYR A 1539 -41.93 -8.69 -4.81
C TYR A 1539 -42.83 -7.64 -5.43
N ARG A 1540 -43.75 -7.07 -4.64
CA ARG A 1540 -44.71 -6.10 -5.15
C ARG A 1540 -44.17 -4.68 -5.22
N SER A 1541 -42.88 -4.49 -4.93
CA SER A 1541 -42.29 -3.15 -4.91
C SER A 1541 -41.16 -2.97 -5.91
N VAL A 1542 -41.04 -3.87 -6.89
CA VAL A 1542 -39.97 -3.80 -7.88
C VAL A 1542 -40.46 -4.43 -9.17
N ASP A 1543 -39.92 -3.95 -10.28
CA ASP A 1543 -40.25 -4.50 -11.60
C ASP A 1543 -39.66 -5.89 -11.70
N ILE A 1544 -40.52 -6.91 -11.58
CA ILE A 1544 -40.04 -8.29 -11.60
C ILE A 1544 -39.29 -8.58 -12.89
N ARG A 1545 -39.75 -8.01 -14.01
CA ARG A 1545 -39.14 -8.30 -15.31
C ARG A 1545 -37.72 -7.76 -15.41
N LYS A 1546 -37.34 -6.81 -14.56
CA LYS A 1546 -36.02 -6.19 -14.62
C LYS A 1546 -35.15 -6.53 -13.43
N SER A 1547 -35.67 -7.22 -12.43
CA SER A 1547 -34.93 -7.54 -11.22
C SER A 1547 -34.77 -9.04 -10.98
N LEU A 1548 -35.70 -9.86 -11.45
CA LEU A 1548 -35.65 -11.30 -11.26
C LEU A 1548 -35.02 -11.98 -12.47
N GLN A 1549 -34.57 -13.20 -12.27
CA GLN A 1549 -33.97 -14.00 -13.33
C GLN A 1549 -35.04 -14.91 -13.95
N LEU A 1550 -34.65 -15.62 -15.01
CA LEU A 1550 -35.60 -16.42 -15.79
C LEU A 1550 -36.47 -17.28 -14.89
N GLU A 1551 -35.83 -18.18 -14.13
CA GLU A 1551 -36.58 -19.11 -13.29
C GLU A 1551 -37.53 -18.37 -12.35
N GLU A 1552 -36.99 -17.52 -11.49
CA GLU A 1552 -37.80 -16.84 -10.50
C GLU A 1552 -38.79 -15.87 -11.15
N LEU A 1553 -38.39 -15.21 -12.24
CA LEU A 1553 -39.32 -14.31 -12.91
C LEU A 1553 -40.54 -15.06 -13.42
N LEU A 1554 -40.32 -16.19 -14.08
CA LEU A 1554 -41.44 -16.97 -14.59
C LEU A 1554 -42.30 -17.49 -13.45
N ALA A 1555 -41.66 -18.02 -12.40
CA ALA A 1555 -42.44 -18.53 -11.27
C ALA A 1555 -43.29 -17.43 -10.65
N ARG A 1556 -42.71 -16.25 -10.44
CA ARG A 1556 -43.44 -15.16 -9.80
C ARG A 1556 -44.56 -14.65 -10.68
N GLU A 1557 -44.32 -14.50 -11.98
CA GLU A 1557 -45.38 -14.05 -12.86
C GLU A 1557 -46.51 -15.06 -12.92
N GLN A 1558 -46.18 -16.35 -12.97
CA GLN A 1558 -47.22 -17.38 -12.93
C GLN A 1558 -48.04 -17.26 -11.66
N LEU A 1559 -47.37 -17.20 -10.50
CA LEU A 1559 -48.09 -17.10 -9.24
C LEU A 1559 -48.99 -15.86 -9.21
N GLU A 1560 -48.47 -14.72 -9.65
CA GLU A 1560 -49.22 -13.47 -9.56
C GLU A 1560 -50.44 -13.51 -10.48
N TYR A 1561 -50.26 -14.01 -11.71
CA TYR A 1561 -51.41 -14.10 -12.61
C TYR A 1561 -52.42 -15.13 -12.13
N THR A 1562 -51.96 -16.21 -11.49
CA THR A 1562 -52.88 -17.15 -10.86
C THR A 1562 -53.72 -16.44 -9.82
N ILE A 1563 -53.07 -15.71 -8.91
CA ILE A 1563 -53.80 -14.95 -7.89
C ILE A 1563 -54.81 -14.03 -8.55
N GLU A 1564 -54.36 -13.29 -9.56
CA GLU A 1564 -55.21 -12.29 -10.20
C GLU A 1564 -56.45 -12.93 -10.81
N GLU A 1565 -56.26 -13.96 -11.63
CA GLU A 1565 -57.40 -14.57 -12.30
C GLU A 1565 -58.29 -15.35 -11.33
N GLU A 1566 -57.72 -15.87 -10.24
CA GLU A 1566 -58.55 -16.53 -9.23
C GLU A 1566 -59.45 -15.52 -8.54
N VAL A 1567 -58.91 -14.36 -8.17
CA VAL A 1567 -59.75 -13.32 -7.57
C VAL A 1567 -60.78 -12.85 -8.58
N ALA A 1568 -60.39 -12.72 -9.84
CA ALA A 1568 -61.34 -12.30 -10.88
C ALA A 1568 -62.50 -13.28 -10.98
N LYS A 1569 -62.19 -14.59 -11.02
CA LYS A 1569 -63.26 -15.58 -11.09
C LYS A 1569 -64.12 -15.54 -9.83
N GLN A 1570 -63.50 -15.40 -8.65
CA GLN A 1570 -64.23 -15.26 -7.41
C GLN A 1570 -65.06 -13.99 -7.36
N THR A 1571 -64.83 -13.05 -8.29
CA THR A 1571 -65.66 -11.85 -8.35
C THR A 1571 -67.14 -12.19 -8.24
N ILE A 1572 -67.60 -13.12 -9.09
CA ILE A 1572 -68.99 -13.54 -9.09
C ILE A 1572 -69.08 -15.02 -8.76
N GLN A 1589 -46.82 5.63 -5.05
CA GLN A 1589 -45.96 4.89 -4.13
C GLN A 1589 -45.30 3.73 -4.86
N SER A 1590 -44.21 3.22 -4.30
CA SER A 1590 -43.49 2.11 -4.92
C SER A 1590 -44.45 0.97 -5.25
N CYS A 1591 -45.17 0.49 -4.24
CA CYS A 1591 -46.14 -0.59 -4.46
C CYS A 1591 -47.16 -0.19 -5.53
N SER A 1592 -47.79 0.97 -5.36
CA SER A 1592 -48.83 1.40 -6.29
C SER A 1592 -48.26 1.65 -7.68
N ILE A 1593 -47.08 2.28 -7.75
CA ILE A 1593 -46.50 2.60 -9.05
C ILE A 1593 -46.15 1.34 -9.81
N ILE A 1594 -45.55 0.36 -9.14
CA ILE A 1594 -45.18 -0.85 -9.85
C ILE A 1594 -46.40 -1.70 -10.14
N HIS A 1595 -47.45 -1.61 -9.31
CA HIS A 1595 -48.70 -2.29 -9.65
C HIS A 1595 -49.32 -1.68 -10.91
N SER A 1596 -49.24 -0.36 -11.05
CA SER A 1596 -49.68 0.28 -12.28
C SER A 1596 -48.86 -0.20 -13.46
N LEU A 1597 -47.53 -0.23 -13.30
CA LEU A 1597 -46.68 -0.76 -14.36
C LEU A 1597 -47.15 -2.15 -14.79
N ARG A 1598 -47.29 -3.06 -13.82
CA ARG A 1598 -47.71 -4.42 -14.14
C ARG A 1598 -49.04 -4.43 -14.90
N GLU A 1599 -50.07 -3.84 -14.31
CA GLU A 1599 -51.41 -3.97 -14.91
C GLU A 1599 -51.48 -3.30 -16.27
N SER A 1600 -50.96 -2.07 -16.39
CA SER A 1600 -50.96 -1.40 -17.68
C SER A 1600 -50.20 -2.19 -18.73
N GLN A 1601 -49.05 -2.76 -18.35
CA GLN A 1601 -48.31 -3.58 -19.30
C GLN A 1601 -49.12 -4.79 -19.71
N GLN A 1602 -49.93 -5.33 -18.81
CA GLN A 1602 -50.83 -6.43 -19.15
C GLN A 1602 -52.00 -5.89 -19.97
N CYS B 171 62.67 -2.44 18.38
CA CYS B 171 61.99 -2.46 19.67
C CYS B 171 62.31 -1.20 20.47
N TYR B 172 62.27 -0.06 19.79
CA TYR B 172 62.56 1.24 20.41
C TYR B 172 61.62 2.28 19.82
N PRO B 173 60.35 2.26 20.23
CA PRO B 173 59.39 3.24 19.70
C PRO B 173 59.89 4.67 19.92
N GLN B 174 60.12 5.36 18.81
CA GLN B 174 60.60 6.74 18.88
C GLN B 174 59.62 7.60 19.68
N GLY B 175 60.15 8.67 20.27
CA GLY B 175 59.34 9.58 21.06
C GLY B 175 59.67 11.03 20.79
N ASN B 217 70.92 0.64 14.08
CA ASN B 217 70.10 0.20 12.95
C ASN B 217 68.70 0.78 13.05
N LEU B 218 68.31 1.53 12.01
CA LEU B 218 67.00 2.18 12.02
C LEU B 218 65.84 1.19 12.02
N SER B 219 66.10 -0.09 11.79
CA SER B 219 65.05 -1.09 11.78
C SER B 219 64.60 -1.51 13.18
N ASP B 220 65.06 -0.82 14.22
CA ASP B 220 64.66 -1.11 15.59
C ASP B 220 63.84 0.02 16.21
N PHE B 221 63.46 1.02 15.42
CA PHE B 221 62.73 2.19 15.90
C PHE B 221 61.39 2.27 15.17
N TYR B 222 60.32 1.93 15.86
CA TYR B 222 58.97 2.00 15.31
C TYR B 222 58.31 3.31 15.70
N LEU B 223 57.17 3.59 15.06
CA LEU B 223 56.43 4.80 15.35
C LEU B 223 55.50 4.59 16.54
N SER B 224 55.02 5.72 17.08
CA SER B 224 54.18 5.66 18.27
C SER B 224 52.84 4.99 17.98
N PHE B 225 52.08 5.57 17.05
CA PHE B 225 50.75 5.04 16.75
C PHE B 225 50.83 3.89 15.74
N CYS B 226 51.38 4.15 14.56
CA CYS B 226 51.51 3.13 13.52
C CYS B 226 52.68 2.23 13.89
N ASN B 227 52.45 1.37 14.88
CA ASN B 227 53.49 0.44 15.33
C ASN B 227 53.91 -0.53 14.22
N SER B 228 53.12 -0.65 13.16
CA SER B 228 53.41 -1.59 12.08
C SER B 228 54.46 -1.07 11.11
N TYR B 229 55.15 0.02 11.45
CA TYR B 229 56.14 0.63 10.55
C TYR B 229 57.39 0.99 11.32
N THR B 230 58.52 0.98 10.61
CA THR B 230 59.82 1.26 11.20
C THR B 230 60.50 2.36 10.40
N LEU B 231 61.38 3.11 11.06
CA LEU B 231 62.10 4.17 10.37
C LEU B 231 62.87 3.64 9.18
N TRP B 232 63.38 2.41 9.25
CA TRP B 232 64.05 1.81 8.11
C TRP B 232 63.10 1.69 6.94
N GLU B 233 61.88 1.22 7.19
CA GLU B 233 60.90 1.10 6.11
C GLU B 233 60.54 2.46 5.52
N LEU B 234 60.40 3.48 6.38
CA LEU B 234 60.02 4.80 5.89
C LEU B 234 61.13 5.40 5.04
N PHE B 235 62.36 5.36 5.53
CA PHE B 235 63.47 5.91 4.77
C PHE B 235 63.74 5.12 3.48
N SER B 236 63.48 3.81 3.51
CA SER B 236 63.70 2.99 2.32
C SER B 236 62.65 3.27 1.26
N GLY B 237 61.43 3.62 1.67
CA GLY B 237 60.37 3.89 0.73
C GLY B 237 60.04 5.36 0.62
N LEU B 238 59.24 5.86 1.54
CA LEU B 238 58.85 7.28 1.54
C LEU B 238 59.95 8.13 2.13
N CYS B 261 68.69 14.16 10.81
CA CYS B 261 67.55 13.26 10.58
C CYS B 261 66.24 13.91 11.02
N ARG B 262 66.33 15.06 11.67
CA ARG B 262 65.12 15.79 12.08
C ARG B 262 64.15 15.92 10.92
N GLN B 263 64.67 16.26 9.73
CA GLN B 263 63.87 16.68 8.59
C GLN B 263 62.68 15.75 8.35
N CYS B 264 62.96 14.49 8.04
CA CYS B 264 61.90 13.55 7.72
C CYS B 264 61.36 12.83 8.94
N VAL B 265 62.14 12.72 10.02
CA VAL B 265 61.66 12.02 11.21
C VAL B 265 60.48 12.78 11.83
N GLU B 266 60.63 14.09 11.99
CA GLU B 266 59.53 14.85 12.59
C GLU B 266 58.32 14.88 11.67
N ALA B 267 58.53 14.87 10.35
CA ALA B 267 57.40 14.78 9.44
C ALA B 267 56.68 13.44 9.58
N TYR B 268 57.45 12.36 9.74
CA TYR B 268 56.84 11.05 9.96
C TYR B 268 56.01 11.04 11.24
N GLN B 269 56.55 11.64 12.31
CA GLN B 269 55.76 11.68 13.56
C GLN B 269 54.55 12.59 13.42
N ASP B 270 54.61 13.64 12.61
CA ASP B 270 53.43 14.46 12.36
C ASP B 270 52.36 13.67 11.63
N TYR B 271 52.76 12.90 10.60
CA TYR B 271 51.82 12.01 9.94
C TYR B 271 51.24 11.01 10.94
N ASP B 272 52.07 10.51 11.86
CA ASP B 272 51.59 9.59 12.87
C ASP B 272 50.53 10.23 13.74
N HIS B 273 50.75 11.49 14.15
CA HIS B 273 49.76 12.18 14.97
C HIS B 273 48.46 12.38 14.19
N HIS B 274 48.55 12.73 12.91
CA HIS B 274 47.34 12.90 12.11
C HIS B 274 46.57 11.59 11.99
N ALA B 275 47.29 10.48 11.76
CA ALA B 275 46.63 9.18 11.70
C ALA B 275 46.00 8.83 13.04
N GLN B 276 46.66 9.17 14.15
CA GLN B 276 46.09 8.93 15.46
C GLN B 276 44.79 9.69 15.65
N GLU B 277 44.77 10.96 15.22
CA GLU B 277 43.55 11.76 15.32
C GLU B 277 42.42 11.13 14.51
N LYS B 278 42.72 10.73 13.27
CA LYS B 278 41.70 10.14 12.42
C LYS B 278 41.18 8.84 13.02
N TYR B 279 42.08 8.01 13.58
CA TYR B 279 41.64 6.77 14.18
C TYR B 279 40.83 7.00 15.45
N GLU B 280 41.17 8.03 16.22
CA GLU B 280 40.36 8.37 17.39
C GLU B 280 38.96 8.81 16.96
N GLU B 281 38.87 9.53 15.85
CA GLU B 281 37.55 9.88 15.32
C GLU B 281 36.77 8.62 14.92
N PHE B 282 37.44 7.68 14.25
CA PHE B 282 36.79 6.42 13.90
C PHE B 282 36.30 5.70 15.15
N GLU B 283 37.12 5.67 16.19
CA GLU B 283 36.72 5.00 17.43
C GLU B 283 35.54 5.71 18.08
N SER B 284 35.52 7.03 18.02
CA SER B 284 34.37 7.78 18.53
C SER B 284 33.09 7.38 17.81
N VAL B 285 33.16 7.30 16.47
CA VAL B 285 31.96 6.92 15.72
C VAL B 285 31.59 5.47 15.98
N LEU B 286 32.57 4.62 16.27
CA LEU B 286 32.30 3.19 16.43
C LEU B 286 31.76 2.86 17.81
N HIS B 287 32.17 3.60 18.84
CA HIS B 287 31.65 3.35 20.18
C HIS B 287 30.18 3.72 20.31
N LYS B 288 29.68 4.60 19.45
CA LYS B 288 28.28 4.99 19.44
C LYS B 288 27.40 4.03 18.63
N TYR B 289 27.96 2.89 18.19
CA TYR B 289 27.23 1.89 17.45
C TYR B 289 26.76 0.83 18.44
N LEU B 290 25.52 0.97 18.92
CA LEU B 290 25.01 0.10 19.96
C LEU B 290 24.89 -1.35 19.50
N GLN B 291 24.76 -1.59 18.20
CA GLN B 291 24.69 -2.95 17.65
C GLN B 291 26.07 -3.55 17.44
N SER B 292 27.00 -3.31 18.36
CA SER B 292 28.38 -3.73 18.14
C SER B 292 28.56 -5.22 18.29
N GLU B 293 27.78 -5.87 19.16
CA GLU B 293 27.91 -7.30 19.42
C GLU B 293 26.88 -8.12 18.68
N GLU B 294 26.25 -7.56 17.66
CA GLU B 294 25.21 -8.29 16.91
C GLU B 294 25.33 -8.18 15.40
N TYR B 295 26.06 -7.21 14.85
CA TYR B 295 26.01 -6.97 13.42
C TYR B 295 26.57 -8.13 12.62
N SER B 296 27.39 -9.00 13.23
CA SER B 296 27.97 -10.12 12.52
C SER B 296 28.28 -11.22 13.51
N VAL B 297 28.12 -12.48 13.06
CA VAL B 297 28.46 -13.63 13.89
C VAL B 297 29.94 -14.00 13.79
N LYS B 298 30.67 -13.45 12.82
CA LYS B 298 32.08 -13.74 12.65
C LYS B 298 33.00 -12.59 13.04
N SER B 299 32.53 -11.36 12.94
CA SER B 299 33.36 -10.18 13.18
C SER B 299 32.92 -9.47 14.45
N CYS B 300 33.89 -8.92 15.16
CA CYS B 300 33.65 -8.15 16.37
C CYS B 300 34.29 -6.77 16.19
N PRO B 301 34.01 -5.82 17.10
CA PRO B 301 34.64 -4.51 16.96
C PRO B 301 36.16 -4.56 17.06
N GLU B 302 36.72 -5.58 17.71
CA GLU B 302 38.17 -5.67 17.86
C GLU B 302 38.85 -5.82 16.51
N ASP B 303 38.46 -6.83 15.74
CA ASP B 303 39.06 -7.03 14.43
C ASP B 303 38.78 -5.86 13.50
N CYS B 304 37.59 -5.25 13.59
CA CYS B 304 37.28 -4.09 12.78
C CYS B 304 38.24 -2.95 13.08
N LYS B 305 38.45 -2.65 14.35
CA LYS B 305 39.37 -1.58 14.73
C LYS B 305 40.79 -1.90 14.30
N ILE B 306 41.20 -3.16 14.45
CA ILE B 306 42.56 -3.54 14.06
C ILE B 306 42.76 -3.31 12.57
N VAL B 307 41.86 -3.84 11.74
CA VAL B 307 42.03 -3.71 10.30
C VAL B 307 41.87 -2.27 9.86
N TYR B 308 41.04 -1.48 10.54
CA TYR B 308 40.88 -0.08 10.15
C TYR B 308 42.13 0.72 10.47
N LYS B 309 42.73 0.49 11.64
CA LYS B 309 44.00 1.15 11.94
C LYS B 309 45.07 0.74 10.94
N ALA B 310 45.08 -0.54 10.56
CA ALA B 310 46.04 -0.99 9.55
C ALA B 310 45.84 -0.24 8.23
N TRP B 311 44.59 -0.16 7.77
CA TRP B 311 44.31 0.53 6.51
C TRP B 311 44.68 2.01 6.58
N LEU B 312 44.39 2.65 7.71
CA LEU B 312 44.71 4.07 7.86
C LEU B 312 46.22 4.28 7.81
N CYS B 313 46.97 3.47 8.56
CA CYS B 313 48.42 3.60 8.53
C CYS B 313 48.99 3.30 7.16
N SER B 314 48.37 2.38 6.42
CA SER B 314 48.84 2.08 5.07
C SER B 314 48.57 3.25 4.13
N GLN B 315 47.43 3.92 4.30
CA GLN B 315 47.15 5.08 3.45
C GLN B 315 48.06 6.25 3.79
N TYR B 316 48.46 6.39 5.05
CA TYR B 316 49.33 7.50 5.42
C TYR B 316 50.79 7.21 5.07
N PHE B 317 51.21 5.95 5.11
CA PHE B 317 52.57 5.55 4.78
C PHE B 317 52.52 4.55 3.63
N GLU B 318 52.50 5.06 2.40
CA GLU B 318 52.44 4.22 1.20
C GLU B 318 53.84 3.67 0.91
N VAL B 319 54.28 2.78 1.79
CA VAL B 319 55.59 2.16 1.71
C VAL B 319 55.43 0.65 1.74
N THR B 320 56.56 -0.06 1.66
CA THR B 320 56.59 -1.51 1.66
C THR B 320 57.41 -1.98 2.86
N GLN B 321 56.91 -3.00 3.55
CA GLN B 321 57.61 -3.56 4.69
C GLN B 321 58.42 -4.78 4.27
N PHE B 322 59.51 -5.01 5.00
CA PHE B 322 60.46 -6.07 4.65
C PHE B 322 60.74 -7.06 5.77
N ASN B 323 60.55 -6.68 7.03
CA ASN B 323 60.78 -7.59 8.15
C ASN B 323 59.55 -8.40 8.53
N CYS B 324 58.43 -8.20 7.85
CA CYS B 324 57.22 -8.94 8.15
C CYS B 324 57.44 -10.44 7.94
N ARG B 325 57.01 -11.23 8.91
CA ARG B 325 57.05 -12.68 8.76
C ARG B 325 55.91 -13.19 7.90
N LYS B 326 54.74 -12.56 8.00
CA LYS B 326 53.58 -12.87 7.16
C LYS B 326 53.25 -11.63 6.34
N THR B 327 53.23 -11.78 5.02
CA THR B 327 52.97 -10.68 4.11
C THR B 327 51.50 -10.63 3.71
N ILE B 328 51.07 -9.46 3.25
CA ILE B 328 49.73 -9.29 2.72
C ILE B 328 49.72 -8.08 1.81
N PRO B 329 49.07 -8.15 0.63
CA PRO B 329 48.92 -6.94 -0.19
C PRO B 329 48.16 -5.87 0.58
N CYS B 330 48.84 -4.75 0.85
CA CYS B 330 48.26 -3.73 1.72
C CYS B 330 46.87 -3.32 1.26
N LYS B 331 46.64 -3.28 -0.06
CA LYS B 331 45.32 -2.93 -0.57
C LYS B 331 44.26 -3.85 0.01
N GLN B 332 44.60 -5.13 0.20
CA GLN B 332 43.65 -6.08 0.78
C GLN B 332 43.03 -5.54 2.06
N TYR B 333 43.81 -4.81 2.86
CA TYR B 333 43.30 -4.28 4.12
C TYR B 333 41.97 -3.55 3.91
N CYS B 334 41.88 -2.73 2.86
CA CYS B 334 40.64 -2.07 2.54
C CYS B 334 39.48 -3.06 2.59
N LEU B 335 39.55 -4.10 1.77
CA LEU B 335 38.50 -5.11 1.76
C LEU B 335 38.21 -5.59 3.18
N GLU B 336 39.27 -5.99 3.90
CA GLU B 336 39.09 -6.51 5.26
C GLU B 336 38.20 -5.60 6.07
N VAL B 337 38.40 -4.28 5.97
CA VAL B 337 37.57 -3.34 6.71
C VAL B 337 36.10 -3.60 6.41
N GLN B 338 35.71 -3.46 5.13
CA GLN B 338 34.33 -3.67 4.76
C GLN B 338 33.88 -5.10 4.97
N THR B 339 34.80 -6.02 5.27
CA THR B 339 34.44 -7.39 5.58
C THR B 339 34.20 -7.58 7.07
N ARG B 340 34.89 -6.81 7.92
CA ARG B 340 34.84 -7.02 9.36
C ARG B 340 34.24 -5.85 10.12
N CYS B 341 34.04 -4.70 9.49
CA CYS B 341 33.45 -3.57 10.19
C CYS B 341 31.96 -3.49 9.87
N PRO B 342 31.16 -2.93 10.77
CA PRO B 342 29.71 -2.88 10.56
C PRO B 342 29.35 -2.00 9.39
N PHE B 343 28.09 -2.09 9.00
CA PHE B 343 27.53 -1.27 7.92
C PHE B 343 27.06 0.03 8.53
N ILE B 344 27.85 1.08 8.39
CA ILE B 344 27.48 2.41 8.86
C ILE B 344 26.78 3.13 7.72
N LEU B 345 25.59 3.65 7.98
CA LEU B 345 24.80 4.32 6.96
C LEU B 345 25.25 5.77 6.83
N PRO B 346 25.71 6.20 5.66
CA PRO B 346 26.06 7.62 5.49
C PRO B 346 24.82 8.49 5.35
N ASP B 347 25.00 9.76 5.68
CA ASP B 347 23.89 10.70 5.68
C ASP B 347 23.53 11.10 4.26
N ASN B 348 22.24 11.35 4.04
CA ASN B 348 21.70 11.68 2.72
C ASN B 348 21.14 13.11 2.74
N ASP B 349 22.04 14.08 2.73
CA ASP B 349 21.66 15.48 2.60
C ASP B 349 22.23 16.11 1.34
N GLU B 350 23.54 16.06 1.15
CA GLU B 350 24.19 16.62 -0.02
C GLU B 350 24.37 15.59 -1.13
N VAL B 351 23.80 14.41 -0.98
CA VAL B 351 23.99 13.32 -1.95
C VAL B 351 23.16 12.12 -1.51
N ILE B 352 22.62 11.39 -2.47
CA ILE B 352 21.83 10.19 -2.22
C ILE B 352 22.72 8.99 -2.52
N TYR B 353 23.05 8.22 -1.48
CA TYR B 353 23.92 7.07 -1.65
C TYR B 353 23.18 5.81 -2.10
N GLY B 354 21.89 5.73 -1.82
CA GLY B 354 21.09 4.61 -2.28
C GLY B 354 21.58 3.27 -1.80
N GLY B 355 21.70 3.12 -0.48
CA GLY B 355 22.10 1.86 0.12
C GLY B 355 23.59 1.64 0.19
N LEU B 356 24.42 2.61 -0.19
CA LEU B 356 25.86 2.47 -0.16
C LEU B 356 26.37 2.64 1.27
N SER B 357 27.39 1.86 1.62
CA SER B 357 27.97 1.93 2.95
C SER B 357 28.90 3.13 3.06
N SER B 358 29.33 3.42 4.28
CA SER B 358 30.25 4.52 4.51
C SER B 358 31.66 4.18 4.03
N PHE B 359 32.04 2.90 4.11
CA PHE B 359 33.38 2.44 3.76
C PHE B 359 33.26 1.47 2.58
N ILE B 360 33.78 1.87 1.42
CA ILE B 360 33.80 1.04 0.23
C ILE B 360 35.17 1.14 -0.41
N CYS B 361 35.52 0.12 -1.20
CA CYS B 361 36.85 0.01 -1.77
C CYS B 361 36.87 0.09 -3.29
N THR B 362 36.07 -0.72 -3.97
CA THR B 362 36.09 -0.79 -5.42
C THR B 362 35.01 0.11 -6.00
N GLY B 363 35.31 0.69 -7.17
CA GLY B 363 34.38 1.53 -7.88
C GLY B 363 33.69 0.79 -9.01
N LEU B 364 33.09 1.55 -9.91
CA LEU B 364 32.36 0.97 -11.03
C LEU B 364 33.34 0.28 -11.97
N TYR B 365 33.32 -1.06 -11.98
CA TYR B 365 34.16 -1.83 -12.88
C TYR B 365 35.61 -1.37 -12.80
N GLU B 366 36.33 -1.81 -11.78
CA GLU B 366 37.72 -1.45 -11.59
C GLU B 366 38.47 -2.64 -11.00
N THR B 367 39.70 -2.83 -11.47
CA THR B 367 40.55 -3.90 -10.95
C THR B 367 41.22 -3.39 -9.67
N PHE B 368 40.81 -3.96 -8.54
CA PHE B 368 41.36 -3.51 -7.26
C PHE B 368 42.83 -3.91 -7.12
N LEU B 369 43.12 -5.19 -7.28
CA LEU B 369 44.49 -5.68 -7.20
C LEU B 369 44.65 -6.98 -7.97
N GLU B 373 52.97 -4.79 -6.33
CA GLU B 373 52.31 -3.78 -5.49
C GLU B 373 52.81 -3.90 -4.06
N PRO B 374 52.61 -2.84 -3.26
CA PRO B 374 53.15 -2.83 -1.89
C PRO B 374 52.75 -4.06 -1.08
N GLU B 375 53.55 -4.37 -0.06
CA GLU B 375 53.32 -5.53 0.80
C GLU B 375 53.51 -5.09 2.24
N CYS B 376 52.50 -5.34 3.07
CA CYS B 376 52.51 -4.95 4.47
C CYS B 376 52.38 -6.18 5.36
N CYS B 377 52.51 -5.96 6.67
CA CYS B 377 52.36 -7.03 7.64
C CYS B 377 50.91 -7.48 7.73
N ASP B 378 50.72 -8.70 8.23
CA ASP B 378 49.39 -9.27 8.45
C ASP B 378 49.16 -9.28 9.97
N VAL B 379 48.63 -8.17 10.48
CA VAL B 379 48.44 -7.98 11.91
C VAL B 379 47.06 -8.51 12.34
N ARG B 380 46.38 -9.18 11.42
CA ARG B 380 45.07 -9.76 11.72
C ARG B 380 45.19 -10.81 12.83
#